data_6NLJ
#
_entry.id   6NLJ
#
_cell.length_a   129.291
_cell.length_b   195.014
_cell.length_c   203.220
_cell.angle_alpha   90.000
_cell.angle_beta   90.000
_cell.angle_gamma   90.000
#
_symmetry.space_group_name_H-M   'C 2 2 21'
#
loop_
_entity.id
_entity.type
_entity.pdbx_description
1 polymer Ferroxidase
2 non-polymer 'POTASSIUM ION'
3 non-polymer 4-{[(3-hydroxyphenyl)methyl]amino}-1H-isoindole-1,3(2H)-dione
4 water water
#
_entity_poly.entity_id   1
_entity_poly.type   'polypeptide(L)'
_entity_poly.pdbx_seq_one_letter_code
;MKGDKKVIQHLNKILGNELIAINQYFLHSRMWNDWGLKRLGAHEYHESIDEMKHADKLIERILFLEGLPNLQDLGKLLIG
ENTQEMLQCDLNLELKATKDLREAIVHCEQVHDYVSRDLLKDILESEEEHIDYLETQLGLIQKVGLENYLQSHMHEDD
;
_entity_poly.pdbx_strand_id   A,B,C,D,E,F,G,H,I,J,K,L
#
loop_
_chem_comp.id
_chem_comp.type
_chem_comp.name
_chem_comp.formula
K non-polymer 'POTASSIUM ION' 'K 1'
KTV non-polymer 4-{[(3-hydroxyphenyl)methyl]amino}-1H-isoindole-1,3(2H)-dione 'C15 H12 N2 O3'
#
# COMPACT_ATOMS: atom_id res chain seq x y z
N MET A 1 55.86 -8.81 11.00
CA MET A 1 55.92 -10.10 11.75
C MET A 1 56.48 -11.16 10.81
N LYS A 2 57.59 -11.81 11.17
CA LYS A 2 58.28 -12.64 10.18
C LYS A 2 57.43 -13.85 9.82
N GLY A 3 57.08 -13.97 8.55
CA GLY A 3 56.24 -15.07 8.10
C GLY A 3 57.05 -16.26 7.62
N ASP A 4 56.34 -17.38 7.45
CA ASP A 4 56.94 -18.58 6.89
C ASP A 4 57.27 -18.36 5.41
N LYS A 5 58.50 -18.73 5.02
CA LYS A 5 58.97 -18.44 3.66
C LYS A 5 58.09 -19.10 2.60
N LYS A 6 57.73 -20.38 2.83
CA LYS A 6 56.88 -21.08 1.87
C LYS A 6 55.47 -20.50 1.84
N VAL A 7 54.95 -20.05 2.98
CA VAL A 7 53.65 -19.36 2.95
C VAL A 7 53.72 -18.15 2.03
N ILE A 8 54.77 -17.34 2.18
CA ILE A 8 54.89 -16.13 1.36
C ILE A 8 55.01 -16.51 -0.12
N GLN A 9 55.77 -17.57 -0.44
CA GLN A 9 55.80 -18.06 -1.81
C GLN A 9 54.41 -18.43 -2.31
N HIS A 10 53.62 -19.14 -1.51
CA HIS A 10 52.26 -19.49 -1.91
C HIS A 10 51.42 -18.23 -2.09
N LEU A 11 51.52 -17.27 -1.16
CA LEU A 11 50.74 -16.03 -1.33
C LEU A 11 51.13 -15.29 -2.61
N ASN A 12 52.42 -15.27 -2.95
CA ASN A 12 52.83 -14.64 -4.20
C ASN A 12 52.33 -15.40 -5.43
N LYS A 13 52.26 -16.73 -5.36
CA LYS A 13 51.68 -17.50 -6.48
C LYS A 13 50.20 -17.16 -6.68
N ILE A 14 49.45 -17.10 -5.58
CA ILE A 14 48.03 -16.74 -5.68
CA ILE A 14 48.03 -16.73 -5.65
C ILE A 14 47.89 -15.31 -6.18
N LEU A 15 48.73 -14.41 -5.69
CA LEU A 15 48.71 -13.04 -6.19
C LEU A 15 48.95 -13.02 -7.70
N GLY A 16 49.92 -13.81 -8.16
CA GLY A 16 50.18 -13.90 -9.60
C GLY A 16 48.96 -14.34 -10.39
N ASN A 17 48.24 -15.34 -9.87
CA ASN A 17 46.99 -15.74 -10.52
C ASN A 17 45.99 -14.59 -10.56
N GLU A 18 45.85 -13.85 -9.45
CA GLU A 18 44.88 -12.77 -9.41
C GLU A 18 45.25 -11.66 -10.39
N LEU A 19 46.56 -11.43 -10.59
CA LEU A 19 46.98 -10.38 -11.50
C LEU A 19 46.65 -10.76 -12.95
N ILE A 20 46.79 -12.03 -13.31
CA ILE A 20 46.35 -12.48 -14.62
C ILE A 20 44.86 -12.20 -14.78
N ALA A 21 44.09 -12.64 -13.77
CA ALA A 21 42.64 -12.52 -13.84
C ALA A 21 42.18 -11.08 -13.94
N ILE A 22 42.81 -10.16 -13.20
CA ILE A 22 42.45 -8.75 -13.31
C ILE A 22 42.49 -8.30 -14.77
N ASN A 23 43.61 -8.57 -15.44
CA ASN A 23 43.78 -8.08 -16.81
C ASN A 23 42.90 -8.84 -17.79
N GLN A 24 42.81 -10.16 -17.64
CA GLN A 24 41.96 -10.95 -18.53
C GLN A 24 40.52 -10.50 -18.44
N TYR A 25 40.01 -10.36 -17.22
CA TYR A 25 38.62 -9.92 -17.07
C TYR A 25 38.43 -8.49 -17.53
N PHE A 26 39.41 -7.61 -17.28
CA PHE A 26 39.24 -6.24 -17.73
C PHE A 26 39.16 -6.16 -19.25
N LEU A 27 40.04 -6.89 -19.93
CA LEU A 27 40.01 -6.91 -21.39
C LEU A 27 38.71 -7.53 -21.92
N HIS A 28 38.33 -8.69 -21.38
CA HIS A 28 37.04 -9.27 -21.81
C HIS A 28 35.92 -8.28 -21.59
N SER A 29 35.92 -7.57 -20.44
CA SER A 29 34.87 -6.59 -20.19
C SER A 29 34.78 -5.55 -21.31
N ARG A 30 35.93 -4.96 -21.66
CA ARG A 30 35.93 -3.88 -22.65
C ARG A 30 35.64 -4.40 -24.05
N MET A 31 35.99 -5.67 -24.33
CA MET A 31 35.58 -6.27 -25.60
C MET A 31 34.07 -6.39 -25.68
N TRP A 32 33.44 -6.91 -24.63
CA TRP A 32 31.98 -7.01 -24.63
C TRP A 32 31.34 -5.63 -24.73
N ASN A 33 31.88 -4.62 -24.04
CA ASN A 33 31.31 -3.28 -24.18
C ASN A 33 31.42 -2.78 -25.62
N ASP A 34 32.58 -2.96 -26.25
CA ASP A 34 32.79 -2.51 -27.63
C ASP A 34 31.83 -3.19 -28.58
N TRP A 35 31.44 -4.44 -28.29
CA TRP A 35 30.46 -5.15 -29.10
C TRP A 35 29.01 -4.78 -28.77
N GLY A 36 28.75 -3.92 -27.79
CA GLY A 36 27.40 -3.56 -27.42
C GLY A 36 26.73 -4.53 -26.47
N LEU A 37 27.51 -5.44 -25.89
CA LEU A 37 27.01 -6.40 -24.90
C LEU A 37 27.30 -5.86 -23.50
N LYS A 38 26.60 -4.77 -23.18
CA LYS A 38 26.97 -3.97 -22.02
C LYS A 38 26.69 -4.68 -20.71
N ARG A 39 25.75 -5.61 -20.67
CA ARG A 39 25.49 -6.30 -19.41
C ARG A 39 26.60 -7.28 -19.09
N LEU A 40 27.11 -7.96 -20.12
CA LEU A 40 28.30 -8.79 -19.94
C LEU A 40 29.50 -7.92 -19.58
N GLY A 41 29.65 -6.78 -20.24
CA GLY A 41 30.78 -5.92 -19.96
C GLY A 41 30.79 -5.44 -18.52
N ALA A 42 29.62 -5.06 -18.01
CA ALA A 42 29.53 -4.57 -16.64
C ALA A 42 29.82 -5.69 -15.65
N HIS A 43 29.26 -6.87 -15.87
CA HIS A 43 29.49 -7.95 -14.93
C HIS A 43 30.97 -8.34 -14.90
N GLU A 44 31.60 -8.41 -16.07
CA GLU A 44 33.00 -8.80 -16.15
C GLU A 44 33.90 -7.73 -15.55
N TYR A 45 33.52 -6.45 -15.69
CA TYR A 45 34.22 -5.38 -14.98
C TYR A 45 34.19 -5.63 -13.49
N HIS A 46 33.01 -5.95 -12.96
CA HIS A 46 32.92 -6.18 -11.52
C HIS A 46 33.73 -7.40 -11.09
N GLU A 47 33.84 -8.42 -11.96
CA GLU A 47 34.72 -9.54 -11.64
C GLU A 47 36.17 -9.07 -11.55
N SER A 48 36.58 -8.19 -12.47
CA SER A 48 37.93 -7.67 -12.45
C SER A 48 38.20 -6.90 -11.16
N ILE A 49 37.26 -6.03 -10.77
CA ILE A 49 37.40 -5.27 -9.52
C ILE A 49 37.49 -6.21 -8.32
N ASP A 50 36.67 -7.28 -8.28
CA ASP A 50 36.73 -8.22 -7.17
C ASP A 50 38.11 -8.84 -7.06
N GLU A 51 38.71 -9.20 -8.20
CA GLU A 51 40.05 -9.76 -8.18
C GLU A 51 41.06 -8.75 -7.67
N MET A 52 40.88 -7.48 -8.02
CA MET A 52 41.74 -6.43 -7.48
C MET A 52 41.68 -6.40 -5.96
N LYS A 53 40.47 -6.55 -5.42
CA LYS A 53 40.30 -6.53 -3.96
C LYS A 53 41.04 -7.70 -3.33
N HIS A 54 40.97 -8.88 -3.94
CA HIS A 54 41.72 -10.03 -3.43
C HIS A 54 43.22 -9.76 -3.49
N ALA A 55 43.70 -9.25 -4.63
CA ALA A 55 45.11 -8.93 -4.79
C ALA A 55 45.58 -7.95 -3.71
N ASP A 56 44.79 -6.90 -3.46
CA ASP A 56 45.13 -5.93 -2.42
C ASP A 56 45.36 -6.64 -1.09
N LYS A 57 44.43 -7.52 -0.69
CA LYS A 57 44.56 -8.20 0.59
C LYS A 57 45.81 -9.08 0.63
N LEU A 58 46.11 -9.78 -0.47
CA LEU A 58 47.32 -10.59 -0.54
C LEU A 58 48.57 -9.73 -0.41
N ILE A 59 48.62 -8.60 -1.14
CA ILE A 59 49.77 -7.71 -1.05
C ILE A 59 49.96 -7.24 0.40
N GLU A 60 48.87 -6.83 1.05
CA GLU A 60 48.95 -6.34 2.42
C GLU A 60 49.44 -7.43 3.36
N ARG A 61 48.95 -8.66 3.17
CA ARG A 61 49.36 -9.77 4.02
C ARG A 61 50.83 -10.09 3.82
N ILE A 62 51.29 -10.11 2.56
CA ILE A 62 52.70 -10.40 2.28
C ILE A 62 53.59 -9.35 2.94
N LEU A 63 53.22 -8.08 2.84
CA LEU A 63 54.03 -7.03 3.46
C LEU A 63 54.04 -7.19 4.98
N PHE A 64 52.89 -7.52 5.57
CA PHE A 64 52.86 -7.69 7.02
C PHE A 64 53.82 -8.80 7.44
N LEU A 65 53.88 -9.88 6.67
CA LEU A 65 54.72 -11.04 6.92
C LEU A 65 56.17 -10.81 6.50
N GLU A 66 56.50 -9.59 6.08
CA GLU A 66 57.86 -9.14 5.76
C GLU A 66 58.41 -9.83 4.52
N GLY A 67 57.52 -10.13 3.58
CA GLY A 67 57.91 -10.59 2.27
C GLY A 67 57.78 -9.48 1.24
N LEU A 68 58.20 -9.81 0.01
CA LEU A 68 58.16 -8.86 -1.10
C LEU A 68 57.06 -9.24 -2.06
N PRO A 69 55.96 -8.48 -2.16
CA PRO A 69 54.92 -8.83 -3.13
C PRO A 69 55.44 -8.72 -4.56
N ASN A 70 55.13 -9.72 -5.36
CA ASN A 70 55.61 -9.80 -6.73
C ASN A 70 54.51 -9.34 -7.68
N LEU A 71 54.61 -8.10 -8.16
CA LEU A 71 53.68 -7.58 -9.14
C LEU A 71 54.31 -7.50 -10.52
N GLN A 72 55.51 -8.06 -10.67
CA GLN A 72 56.31 -7.93 -11.87
C GLN A 72 56.05 -9.05 -12.86
N ASP A 73 55.93 -10.26 -12.35
CA ASP A 73 55.76 -11.43 -13.20
C ASP A 73 54.27 -11.57 -13.46
N LEU A 74 53.92 -11.47 -14.74
CA LEU A 74 52.56 -11.63 -15.21
C LEU A 74 52.51 -12.84 -16.13
N GLY A 75 51.72 -13.84 -15.76
CA GLY A 75 51.53 -15.03 -16.55
C GLY A 75 50.61 -14.82 -17.74
N LYS A 76 50.24 -15.93 -18.37
CA LYS A 76 49.59 -15.91 -19.67
C LYS A 76 48.11 -15.57 -19.55
N LEU A 77 47.69 -14.51 -20.22
CA LEU A 77 46.26 -14.17 -20.32
C LEU A 77 45.61 -15.11 -21.31
N LEU A 78 44.43 -15.62 -20.94
CA LEU A 78 43.61 -16.48 -21.79
C LEU A 78 42.48 -15.60 -22.34
N ILE A 79 42.65 -15.09 -23.56
CA ILE A 79 41.73 -14.13 -24.17
C ILE A 79 40.94 -14.86 -25.25
N GLY A 80 39.64 -14.87 -25.13
CA GLY A 80 38.82 -15.52 -26.14
C GLY A 80 38.54 -14.60 -27.31
N GLU A 81 38.05 -15.20 -28.39
CA GLU A 81 37.67 -14.43 -29.59
C GLU A 81 36.18 -14.20 -29.72
N ASN A 82 35.36 -14.91 -28.96
CA ASN A 82 33.93 -14.71 -28.97
C ASN A 82 33.41 -15.03 -27.57
N THR A 83 32.12 -14.80 -27.36
CA THR A 83 31.58 -14.83 -26.00
C THR A 83 31.79 -16.19 -25.35
N GLN A 84 31.46 -17.26 -26.06
CA GLN A 84 31.58 -18.59 -25.46
C GLN A 84 33.02 -18.88 -25.10
N GLU A 85 33.96 -18.55 -26.00
CA GLU A 85 35.37 -18.77 -25.73
C GLU A 85 35.86 -17.94 -24.55
N MET A 86 35.40 -16.66 -24.45
CA MET A 86 35.85 -15.79 -23.36
C MET A 86 35.39 -16.33 -22.02
N LEU A 87 34.13 -16.78 -21.94
CA LEU A 87 33.66 -17.38 -20.69
C LEU A 87 34.46 -18.64 -20.36
N GLN A 88 34.74 -19.48 -21.37
CA GLN A 88 35.49 -20.70 -21.11
C GLN A 88 36.91 -20.39 -20.69
N CYS A 89 37.52 -19.36 -21.28
CA CYS A 89 38.85 -18.93 -20.83
C CYS A 89 38.83 -18.49 -19.38
N ASP A 90 37.82 -17.69 -19.00
CA ASP A 90 37.70 -17.33 -17.59
C ASP A 90 37.56 -18.57 -16.70
N LEU A 91 36.77 -19.56 -17.14
CA LEU A 91 36.57 -20.75 -16.32
C LEU A 91 37.84 -21.56 -16.21
N ASN A 92 38.55 -21.74 -17.32
CA ASN A 92 39.83 -22.44 -17.27
C ASN A 92 40.79 -21.77 -16.29
N LEU A 93 40.83 -20.43 -16.30
CA LEU A 93 41.71 -19.72 -15.38
C LEU A 93 41.28 -19.96 -13.94
N GLU A 94 39.96 -19.91 -13.69
CA GLU A 94 39.48 -20.04 -12.31
C GLU A 94 39.77 -21.42 -11.76
N LEU A 95 39.72 -22.45 -12.60
CA LEU A 95 39.95 -23.81 -12.12
C LEU A 95 41.40 -24.02 -11.72
N LYS A 96 42.34 -23.42 -12.45
CA LYS A 96 43.72 -23.38 -12.02
C LYS A 96 43.87 -22.58 -10.72
N ALA A 97 43.18 -21.45 -10.60
CA ALA A 97 43.29 -20.62 -9.41
C ALA A 97 42.85 -21.40 -8.17
N THR A 98 41.78 -22.17 -8.27
CA THR A 98 41.28 -22.85 -7.06
C THR A 98 42.18 -24.01 -6.67
N LYS A 99 42.77 -24.71 -7.65
CA LYS A 99 43.76 -25.72 -7.32
C LYS A 99 44.91 -25.12 -6.50
N ASP A 100 45.44 -23.97 -6.94
CA ASP A 100 46.54 -23.34 -6.23
C ASP A 100 46.11 -22.87 -4.84
N LEU A 101 44.88 -22.40 -4.71
CA LEU A 101 44.41 -21.94 -3.40
C LEU A 101 44.36 -23.10 -2.42
N ARG A 102 43.90 -24.27 -2.89
CA ARG A 102 43.80 -25.42 -1.98
C ARG A 102 45.18 -25.83 -1.50
N GLU A 103 46.16 -25.86 -2.40
CA GLU A 103 47.52 -26.25 -2.00
C GLU A 103 48.11 -25.25 -1.02
N ALA A 104 47.82 -23.96 -1.20
CA ALA A 104 48.28 -22.93 -0.26
C ALA A 104 47.63 -23.10 1.10
N ILE A 105 46.33 -23.41 1.15
CA ILE A 105 45.66 -23.62 2.42
C ILE A 105 46.27 -24.80 3.16
N VAL A 106 46.54 -25.91 2.44
CA VAL A 106 47.18 -27.06 3.09
C VAL A 106 48.45 -26.60 3.80
N HIS A 107 49.31 -25.84 3.11
CA HIS A 107 50.57 -25.44 3.73
C HIS A 107 50.36 -24.48 4.89
N CYS A 108 49.45 -23.52 4.75
CA CYS A 108 49.17 -22.64 5.88
C CYS A 108 48.76 -23.45 7.11
N GLU A 109 47.89 -24.44 6.94
CA GLU A 109 47.46 -25.26 8.06
C GLU A 109 48.65 -25.97 8.71
N GLN A 110 49.54 -26.53 7.89
CA GLN A 110 50.67 -27.29 8.43
C GLN A 110 51.60 -26.44 9.28
N VAL A 111 51.79 -25.16 8.95
CA VAL A 111 52.69 -24.30 9.71
C VAL A 111 51.92 -23.37 10.64
N HIS A 112 50.62 -23.62 10.84
CA HIS A 112 49.80 -22.92 11.83
C HIS A 112 49.62 -21.44 11.50
N ASP A 113 49.64 -21.06 10.21
CA ASP A 113 49.36 -19.68 9.83
C ASP A 113 47.87 -19.61 9.54
N TYR A 114 47.10 -19.58 10.61
CA TYR A 114 45.66 -19.71 10.49
C TYR A 114 45.02 -18.46 9.92
N VAL A 115 45.64 -17.29 10.10
CA VAL A 115 45.11 -16.06 9.51
C VAL A 115 45.29 -16.07 8.00
N SER A 116 46.46 -16.46 7.52
CA SER A 116 46.65 -16.61 6.07
C SER A 116 45.69 -17.64 5.50
N ARG A 117 45.46 -18.74 6.22
CA ARG A 117 44.49 -19.72 5.74
C ARG A 117 43.11 -19.10 5.59
N ASP A 118 42.68 -18.30 6.58
CA ASP A 118 41.35 -17.70 6.52
C ASP A 118 41.22 -16.75 5.34
N LEU A 119 42.25 -15.93 5.09
CA LEU A 119 42.25 -15.06 3.93
C LEU A 119 42.08 -15.86 2.65
N LEU A 120 42.85 -16.94 2.51
CA LEU A 120 42.78 -17.76 1.30
C LEU A 120 41.44 -18.47 1.19
N LYS A 121 40.86 -18.93 2.31
CA LYS A 121 39.52 -19.50 2.26
C LYS A 121 38.49 -18.49 1.75
N ASP A 122 38.56 -17.24 2.22
CA ASP A 122 37.64 -16.23 1.72
C ASP A 122 37.81 -16.00 0.23
N ILE A 123 39.06 -15.95 -0.23
CA ILE A 123 39.30 -15.83 -1.67
C ILE A 123 38.74 -17.04 -2.41
N LEU A 124 38.95 -18.24 -1.88
CA LEU A 124 38.43 -19.45 -2.51
C LEU A 124 36.91 -19.42 -2.63
N GLU A 125 36.24 -18.95 -1.59
CA GLU A 125 34.78 -18.84 -1.67
C GLU A 125 34.37 -17.91 -2.79
N SER A 126 35.08 -16.79 -2.96
CA SER A 126 34.76 -15.88 -4.06
CA SER A 126 34.75 -15.88 -4.06
C SER A 126 35.02 -16.54 -5.41
N GLU A 127 36.11 -17.29 -5.51
CA GLU A 127 36.43 -17.92 -6.79
C GLU A 127 35.44 -19.02 -7.12
N GLU A 128 35.00 -19.81 -6.13
CA GLU A 128 33.95 -20.79 -6.41
C GLU A 128 32.63 -20.12 -6.79
N GLU A 129 32.33 -18.92 -6.26
CA GLU A 129 31.14 -18.24 -6.72
C GLU A 129 31.30 -17.81 -8.17
N HIS A 130 32.50 -17.39 -8.54
CA HIS A 130 32.74 -17.05 -9.95
C HIS A 130 32.60 -18.28 -10.86
N ILE A 131 33.13 -19.42 -10.42
CA ILE A 131 32.97 -20.66 -11.18
C ILE A 131 31.49 -20.97 -11.39
N ASP A 132 30.69 -20.82 -10.33
CA ASP A 132 29.25 -21.03 -10.42
C ASP A 132 28.65 -20.13 -11.49
N TYR A 133 28.98 -18.83 -11.46
CA TYR A 133 28.50 -17.90 -12.47
C TYR A 133 28.89 -18.36 -13.88
N LEU A 134 30.16 -18.72 -14.07
CA LEU A 134 30.64 -19.08 -15.40
C LEU A 134 29.99 -20.37 -15.91
N GLU A 135 29.99 -21.41 -15.08
CA GLU A 135 29.28 -22.64 -15.46
C GLU A 135 27.83 -22.36 -15.82
N THR A 136 27.18 -21.50 -15.05
CA THR A 136 25.79 -21.16 -15.31
C THR A 136 25.64 -20.43 -16.65
N GLN A 137 26.53 -19.48 -16.97
CA GLN A 137 26.39 -18.76 -18.24
C GLN A 137 26.57 -19.72 -19.41
N LEU A 138 27.57 -20.59 -19.32
CA LEU A 138 27.78 -21.55 -20.41
C LEU A 138 26.58 -22.47 -20.56
N GLY A 139 25.98 -22.90 -19.46
CA GLY A 139 24.77 -23.69 -19.52
C GLY A 139 23.60 -22.94 -20.13
N LEU A 140 23.46 -21.64 -19.80
CA LEU A 140 22.38 -20.84 -20.38
C LEU A 140 22.54 -20.73 -21.89
N ILE A 141 23.76 -20.59 -22.37
CA ILE A 141 23.96 -20.50 -23.82
C ILE A 141 23.37 -21.74 -24.47
N GLN A 142 23.58 -22.90 -23.87
CA GLN A 142 23.05 -24.14 -24.44
C GLN A 142 21.54 -24.23 -24.35
N LYS A 143 20.92 -23.65 -23.31
CA LYS A 143 19.49 -23.79 -23.07
C LYS A 143 18.68 -22.74 -23.83
N VAL A 144 19.15 -21.49 -23.90
CA VAL A 144 18.37 -20.45 -24.57
C VAL A 144 18.87 -20.14 -25.97
N GLY A 145 20.01 -20.68 -26.37
CA GLY A 145 20.63 -20.38 -27.64
C GLY A 145 21.52 -19.16 -27.55
N LEU A 146 22.57 -19.15 -28.36
CA LEU A 146 23.55 -18.07 -28.29
C LEU A 146 22.94 -16.71 -28.65
N GLU A 147 22.14 -16.66 -29.72
CA GLU A 147 21.55 -15.37 -30.09
C GLU A 147 20.71 -14.77 -28.96
N ASN A 148 19.85 -15.59 -28.32
CA ASN A 148 19.06 -15.10 -27.18
C ASN A 148 19.98 -14.73 -26.02
N TYR A 149 20.98 -15.56 -25.74
CA TYR A 149 21.87 -15.26 -24.62
C TYR A 149 22.52 -13.90 -24.81
N LEU A 150 23.03 -13.64 -26.02
CA LEU A 150 23.65 -12.35 -26.30
C LEU A 150 22.63 -11.22 -26.27
N GLN A 151 21.42 -11.46 -26.79
CA GLN A 151 20.39 -10.42 -26.71
C GLN A 151 20.14 -10.00 -25.27
N SER A 152 20.07 -10.97 -24.36
CA SER A 152 19.78 -10.69 -22.95
C SER A 152 20.90 -9.92 -22.29
N HIS A 153 22.06 -9.80 -22.93
CA HIS A 153 23.20 -9.09 -22.34
C HIS A 153 23.53 -7.81 -23.10
N MET A 154 22.61 -7.34 -23.94
CA MET A 154 22.81 -6.07 -24.64
C MET A 154 22.63 -4.89 -23.69
N HIS A 155 21.54 -4.89 -22.94
CA HIS A 155 21.20 -3.73 -22.10
C HIS A 155 21.40 -4.01 -20.60
N MET B 1 30.27 -27.53 -10.72
CA MET B 1 31.65 -27.96 -10.36
C MET B 1 31.60 -29.33 -9.70
N LYS B 2 32.21 -30.35 -10.28
CA LYS B 2 32.00 -31.70 -9.76
C LYS B 2 32.56 -31.85 -8.35
N GLY B 3 31.68 -32.15 -7.40
CA GLY B 3 32.09 -32.33 -6.03
C GLY B 3 32.53 -33.75 -5.73
N ASP B 4 33.18 -33.89 -4.58
CA ASP B 4 33.51 -35.20 -4.01
C ASP B 4 32.23 -35.96 -3.66
N LYS B 5 32.18 -37.23 -4.05
CA LYS B 5 30.95 -37.99 -3.88
C LYS B 5 30.60 -38.14 -2.40
N LYS B 6 31.61 -38.41 -1.56
CA LYS B 6 31.36 -38.57 -0.14
C LYS B 6 31.00 -37.24 0.52
N VAL B 7 31.62 -36.13 0.08
CA VAL B 7 31.18 -34.82 0.56
C VAL B 7 29.69 -34.65 0.29
N ILE B 8 29.24 -34.94 -0.94
CA ILE B 8 27.83 -34.75 -1.25
C ILE B 8 26.95 -35.67 -0.41
N GLN B 9 27.41 -36.91 -0.17
CA GLN B 9 26.69 -37.79 0.74
C GLN B 9 26.57 -37.20 2.14
N HIS B 10 27.66 -36.63 2.66
CA HIS B 10 27.61 -36.00 3.98
C HIS B 10 26.67 -34.80 3.97
N LEU B 11 26.72 -33.97 2.93
CA LEU B 11 25.83 -32.81 2.87
C LEU B 11 24.36 -33.24 2.82
N ASN B 12 24.05 -34.32 2.12
CA ASN B 12 22.69 -34.82 2.10
C ASN B 12 22.28 -35.38 3.45
N LYS B 13 23.22 -35.93 4.22
CA LYS B 13 22.90 -36.42 5.55
C LYS B 13 22.58 -35.26 6.47
N ILE B 14 23.37 -34.19 6.38
CA ILE B 14 23.09 -33.01 7.20
CA ILE B 14 23.10 -32.99 7.18
C ILE B 14 21.77 -32.38 6.78
N LEU B 15 21.53 -32.30 5.47
CA LEU B 15 20.23 -31.83 4.97
C LEU B 15 19.09 -32.65 5.55
N GLY B 16 19.24 -33.97 5.59
CA GLY B 16 18.20 -34.81 6.17
C GLY B 16 17.95 -34.47 7.62
N ASN B 17 19.02 -34.18 8.37
CA ASN B 17 18.85 -33.78 9.76
C ASN B 17 18.08 -32.48 9.86
N GLU B 18 18.38 -31.53 8.97
CA GLU B 18 17.71 -30.24 9.02
C GLU B 18 16.23 -30.39 8.69
N LEU B 19 15.91 -31.27 7.74
CA LEU B 19 14.51 -31.48 7.36
C LEU B 19 13.71 -32.06 8.52
N ILE B 20 14.28 -33.00 9.28
CA ILE B 20 13.63 -33.47 10.49
C ILE B 20 13.37 -32.30 11.43
N ALA B 21 14.40 -31.52 11.69
CA ALA B 21 14.30 -30.41 12.64
C ALA B 21 13.25 -29.37 12.22
N ILE B 22 13.21 -29.03 10.94
CA ILE B 22 12.19 -28.08 10.46
C ILE B 22 10.80 -28.52 10.91
N ASN B 23 10.47 -29.79 10.65
CA ASN B 23 9.14 -30.28 10.93
C ASN B 23 8.93 -30.44 12.42
N GLN B 24 9.94 -30.92 13.14
CA GLN B 24 9.81 -31.11 14.58
C GLN B 24 9.59 -29.79 15.30
N TYR B 25 10.40 -28.79 14.95
CA TYR B 25 10.24 -27.47 15.56
C TYR B 25 8.94 -26.81 15.12
N PHE B 26 8.55 -26.94 13.86
CA PHE B 26 7.29 -26.34 13.46
C PHE B 26 6.13 -26.94 14.23
N LEU B 27 6.11 -28.27 14.40
CA LEU B 27 5.01 -28.88 15.12
C LEU B 27 5.04 -28.47 16.60
N HIS B 28 6.23 -28.50 17.21
CA HIS B 28 6.34 -28.09 18.62
C HIS B 28 5.86 -26.66 18.78
N SER B 29 6.22 -25.79 17.82
CA SER B 29 5.76 -24.40 17.87
C SER B 29 4.24 -24.30 17.90
N ARG B 30 3.56 -25.05 17.01
CA ARG B 30 2.12 -24.93 16.91
C ARG B 30 1.43 -25.62 18.08
N MET B 31 2.05 -26.65 18.67
CA MET B 31 1.53 -27.23 19.90
C MET B 31 1.57 -26.19 21.03
N TRP B 32 2.71 -25.55 21.21
CA TRP B 32 2.82 -24.51 22.24
C TRP B 32 1.82 -23.38 21.98
N ASN B 33 1.62 -22.97 20.73
CA ASN B 33 0.63 -21.93 20.48
C ASN B 33 -0.77 -22.39 20.85
N ASP B 34 -1.10 -23.64 20.52
CA ASP B 34 -2.41 -24.20 20.82
C ASP B 34 -2.64 -24.25 22.32
N TRP B 35 -1.58 -24.40 23.10
CA TRP B 35 -1.68 -24.44 24.55
C TRP B 35 -1.65 -23.06 25.18
N GLY B 36 -1.50 -22.01 24.38
CA GLY B 36 -1.41 -20.66 24.91
C GLY B 36 -0.06 -20.27 25.44
N LEU B 37 0.99 -21.02 25.11
CA LEU B 37 2.35 -20.69 25.50
C LEU B 37 3.03 -19.99 24.33
N LYS B 38 2.55 -18.77 24.07
CA LYS B 38 2.87 -18.09 22.82
C LYS B 38 4.34 -17.71 22.69
N ARG B 39 5.02 -17.43 23.80
CA ARG B 39 6.43 -17.06 23.72
C ARG B 39 7.26 -18.27 23.29
N LEU B 40 6.95 -19.46 23.81
CA LEU B 40 7.61 -20.68 23.35
C LEU B 40 7.26 -20.96 21.90
N GLY B 41 5.99 -20.78 21.53
CA GLY B 41 5.58 -21.01 20.14
C GLY B 41 6.32 -20.13 19.17
N ALA B 42 6.47 -18.85 19.51
CA ALA B 42 7.17 -17.93 18.63
C ALA B 42 8.65 -18.28 18.51
N HIS B 43 9.32 -18.54 19.65
CA HIS B 43 10.74 -18.84 19.61
C HIS B 43 10.98 -20.13 18.83
N GLU B 44 10.12 -21.13 19.03
CA GLU B 44 10.30 -22.40 18.34
C GLU B 44 10.03 -22.26 16.83
N TYR B 45 9.05 -21.42 16.45
CA TYR B 45 8.85 -21.08 15.05
C TYR B 45 10.13 -20.51 14.45
N HIS B 46 10.77 -19.57 15.16
CA HIS B 46 12.00 -19.00 14.62
C HIS B 46 13.13 -20.02 14.54
N GLU B 47 13.16 -21.01 15.45
CA GLU B 47 14.11 -22.11 15.30
C GLU B 47 13.84 -22.90 14.02
N SER B 48 12.56 -23.14 13.71
CA SER B 48 12.20 -23.84 12.46
C SER B 48 12.69 -23.06 11.24
N ILE B 49 12.46 -21.75 11.23
CA ILE B 49 12.88 -20.93 10.11
C ILE B 49 14.40 -20.94 9.99
N ASP B 50 15.13 -20.91 11.11
CA ASP B 50 16.58 -20.95 11.05
C ASP B 50 17.06 -22.23 10.40
N GLU B 51 16.41 -23.35 10.70
CA GLU B 51 16.77 -24.62 10.07
C GLU B 51 16.45 -24.62 8.57
N MET B 52 15.34 -23.97 8.19
CA MET B 52 15.03 -23.81 6.77
C MET B 52 16.15 -23.09 6.05
N LYS B 53 16.72 -22.06 6.67
CA LYS B 53 17.82 -21.32 6.04
C LYS B 53 19.03 -22.20 5.85
N HIS B 54 19.34 -23.05 6.84
CA HIS B 54 20.47 -23.95 6.70
C HIS B 54 20.21 -24.95 5.58
N ALA B 55 18.99 -25.50 5.55
CA ALA B 55 18.63 -26.46 4.50
C ALA B 55 18.79 -25.84 3.13
N ASP B 56 18.35 -24.58 2.98
CA ASP B 56 18.50 -23.86 1.71
C ASP B 56 19.96 -23.80 1.27
N LYS B 57 20.86 -23.42 2.18
CA LYS B 57 22.26 -23.32 1.80
C LYS B 57 22.83 -24.68 1.43
N LEU B 58 22.42 -25.73 2.13
CA LEU B 58 22.92 -27.07 1.80
C LEU B 58 22.45 -27.51 0.42
N ILE B 59 21.16 -27.28 0.12
CA ILE B 59 20.61 -27.62 -1.19
C ILE B 59 21.35 -26.87 -2.27
N GLU B 60 21.59 -25.57 -2.06
CA GLU B 60 22.33 -24.79 -3.05
C GLU B 60 23.73 -25.32 -3.27
N ARG B 61 24.42 -25.69 -2.18
CA ARG B 61 25.77 -26.21 -2.31
C ARG B 61 25.78 -27.55 -3.03
N ILE B 62 24.83 -28.44 -2.68
CA ILE B 62 24.78 -29.76 -3.31
C ILE B 62 24.62 -29.62 -4.82
N LEU B 63 23.70 -28.74 -5.22
CA LEU B 63 23.43 -28.53 -6.65
C LEU B 63 24.66 -27.96 -7.35
N PHE B 64 25.35 -27.01 -6.72
CA PHE B 64 26.55 -26.46 -7.33
C PHE B 64 27.60 -27.55 -7.54
N LEU B 65 27.69 -28.49 -6.61
CA LEU B 65 28.62 -29.60 -6.69
C LEU B 65 28.09 -30.71 -7.58
N GLU B 66 26.97 -30.49 -8.26
CA GLU B 66 26.41 -31.42 -9.25
C GLU B 66 25.93 -32.72 -8.62
N GLY B 67 25.45 -32.63 -7.38
CA GLY B 67 24.72 -33.71 -6.75
C GLY B 67 23.22 -33.48 -6.76
N LEU B 68 22.50 -34.49 -6.28
CA LEU B 68 21.04 -34.45 -6.21
C LEU B 68 20.63 -34.26 -4.77
N PRO B 69 20.07 -33.11 -4.38
CA PRO B 69 19.59 -32.94 -3.01
C PRO B 69 18.44 -33.89 -2.73
N ASN B 70 18.51 -34.57 -1.59
CA ASN B 70 17.51 -35.55 -1.15
C ASN B 70 16.55 -34.89 -0.17
N LEU B 71 15.36 -34.49 -0.65
CA LEU B 71 14.32 -33.98 0.24
C LEU B 71 13.22 -35.01 0.45
N GLN B 72 13.45 -36.24 -0.01
CA GLN B 72 12.42 -37.27 0.00
C GLN B 72 12.42 -38.10 1.27
N ASP B 73 13.60 -38.39 1.79
CA ASP B 73 13.73 -39.32 2.91
C ASP B 73 13.69 -38.48 4.18
N LEU B 74 12.60 -38.60 4.90
CA LEU B 74 12.41 -37.86 6.14
C LEU B 74 12.57 -38.84 7.29
N GLY B 75 13.54 -38.57 8.16
CA GLY B 75 13.78 -39.40 9.32
C GLY B 75 12.77 -39.14 10.43
N LYS B 76 13.05 -39.75 11.57
CA LYS B 76 12.08 -39.83 12.66
C LYS B 76 12.00 -38.49 13.39
N LEU B 77 10.79 -37.92 13.45
CA LEU B 77 10.54 -36.75 14.27
C LEU B 77 10.49 -37.17 15.75
N LEU B 78 11.11 -36.36 16.60
CA LEU B 78 11.08 -36.59 18.05
C LEU B 78 10.12 -35.59 18.64
N ILE B 79 8.86 -36.00 18.83
CA ILE B 79 7.79 -35.10 19.28
C ILE B 79 7.53 -35.38 20.75
N GLY B 80 7.60 -34.35 21.56
CA GLY B 80 7.25 -34.51 22.96
C GLY B 80 5.75 -34.36 23.22
N GLU B 81 5.33 -34.76 24.43
CA GLU B 81 3.93 -34.63 24.81
C GLU B 81 3.70 -33.53 25.84
N ASN B 82 4.77 -32.94 26.36
CA ASN B 82 4.68 -31.81 27.28
C ASN B 82 5.94 -30.98 27.10
N THR B 83 5.95 -29.80 27.73
CA THR B 83 6.99 -28.82 27.41
C THR B 83 8.41 -29.36 27.68
N GLN B 84 8.62 -29.94 28.87
CA GLN B 84 9.96 -30.43 29.17
C GLN B 84 10.37 -31.51 28.18
N GLU B 85 9.44 -32.40 27.81
CA GLU B 85 9.74 -33.47 26.87
C GLU B 85 10.05 -32.90 25.48
N MET B 86 9.31 -31.88 25.07
CA MET B 86 9.53 -31.29 23.74
C MET B 86 10.90 -30.64 23.66
N LEU B 87 11.26 -29.87 24.70
CA LEU B 87 12.59 -29.28 24.78
C LEU B 87 13.68 -30.35 24.77
N GLN B 88 13.48 -31.43 25.55
CA GLN B 88 14.47 -32.48 25.56
C GLN B 88 14.56 -33.18 24.19
N CYS B 89 13.44 -33.38 23.53
CA CYS B 89 13.46 -33.97 22.19
C CYS B 89 14.23 -33.10 21.19
N ASP B 90 14.02 -31.78 21.25
CA ASP B 90 14.83 -30.89 20.43
C ASP B 90 16.32 -31.04 20.75
N LEU B 91 16.66 -31.12 22.04
CA LEU B 91 18.06 -31.23 22.41
C LEU B 91 18.67 -32.55 21.92
N ASN B 92 17.94 -33.66 22.10
CA ASN B 92 18.42 -34.94 21.60
C ASN B 92 18.69 -34.87 20.09
N LEU B 93 17.78 -34.26 19.34
CA LEU B 93 17.98 -34.11 17.90
C LEU B 93 19.23 -33.27 17.59
N GLU B 94 19.39 -32.14 18.29
CA GLU B 94 20.54 -31.28 18.06
C GLU B 94 21.86 -31.98 18.38
N LEU B 95 21.89 -32.82 19.42
CA LEU B 95 23.12 -33.51 19.76
C LEU B 95 23.50 -34.52 18.67
N LYS B 96 22.51 -35.18 18.05
CA LYS B 96 22.82 -36.05 16.91
C LYS B 96 23.30 -35.22 15.73
N ALA B 97 22.65 -34.07 15.49
CA ALA B 97 22.99 -33.21 14.36
C ALA B 97 24.43 -32.71 14.46
N THR B 98 24.87 -32.32 15.65
CA THR B 98 26.22 -31.79 15.76
C THR B 98 27.25 -32.90 15.61
N LYS B 99 26.95 -34.12 16.08
CA LYS B 99 27.87 -35.21 15.80
C LYS B 99 28.05 -35.41 14.30
N ASP B 100 26.95 -35.37 13.54
CA ASP B 100 27.05 -35.57 12.10
C ASP B 100 27.79 -34.44 11.44
N LEU B 101 27.57 -33.21 11.90
CA LEU B 101 28.31 -32.07 11.34
C LEU B 101 29.81 -32.23 11.51
N ARG B 102 30.25 -32.66 12.70
CA ARG B 102 31.68 -32.84 12.94
C ARG B 102 32.27 -33.88 12.00
N GLU B 103 31.57 -35.00 11.81
CA GLU B 103 32.08 -36.04 10.90
C GLU B 103 32.16 -35.52 9.47
N ALA B 104 31.16 -34.76 9.04
CA ALA B 104 31.19 -34.17 7.71
C ALA B 104 32.35 -33.20 7.56
N ILE B 105 32.62 -32.37 8.59
CA ILE B 105 33.73 -31.42 8.49
C ILE B 105 35.06 -32.17 8.35
N VAL B 106 35.25 -33.23 9.13
CA VAL B 106 36.48 -34.02 9.02
C VAL B 106 36.69 -34.42 7.57
N HIS B 107 35.65 -34.91 6.93
CA HIS B 107 35.82 -35.41 5.57
C HIS B 107 36.09 -34.26 4.61
N CYS B 108 35.38 -33.14 4.75
CA CYS B 108 35.62 -32.01 3.87
C CYS B 108 37.09 -31.57 3.95
N GLU B 109 37.64 -31.52 5.16
CA GLU B 109 39.02 -31.12 5.34
C GLU B 109 39.97 -32.09 4.65
N GLN B 110 39.68 -33.39 4.77
CA GLN B 110 40.55 -34.39 4.17
C GLN B 110 40.64 -34.26 2.65
N VAL B 111 39.52 -33.94 1.98
CA VAL B 111 39.52 -33.82 0.54
C VAL B 111 39.63 -32.38 0.07
N HIS B 112 39.96 -31.46 0.99
CA HIS B 112 40.26 -30.06 0.68
C HIS B 112 39.04 -29.29 0.16
N ASP B 113 37.83 -29.71 0.53
CA ASP B 113 36.64 -28.92 0.21
C ASP B 113 36.42 -27.92 1.33
N TYR B 114 37.23 -26.86 1.29
CA TYR B 114 37.27 -25.88 2.38
C TYR B 114 36.03 -24.99 2.40
N VAL B 115 35.41 -24.75 1.24
CA VAL B 115 34.16 -23.97 1.21
C VAL B 115 33.01 -24.76 1.83
N SER B 116 32.88 -26.04 1.50
CA SER B 116 31.87 -26.85 2.18
C SER B 116 32.14 -26.91 3.67
N ARG B 117 33.42 -27.05 4.06
CA ARG B 117 33.74 -27.03 5.49
C ARG B 117 33.23 -25.75 6.16
N ASP B 118 33.45 -24.61 5.52
CA ASP B 118 33.06 -23.34 6.11
C ASP B 118 31.55 -23.25 6.28
N LEU B 119 30.78 -23.74 5.30
CA LEU B 119 29.33 -23.74 5.41
C LEU B 119 28.89 -24.60 6.59
N LEU B 120 29.46 -25.80 6.69
CA LEU B 120 29.13 -26.69 7.79
C LEU B 120 29.52 -26.11 9.15
N LYS B 121 30.66 -25.42 9.21
CA LYS B 121 31.07 -24.77 10.44
C LYS B 121 30.07 -23.71 10.87
N ASP B 122 29.61 -22.88 9.92
CA ASP B 122 28.57 -21.90 10.23
C ASP B 122 27.31 -22.57 10.75
N ILE B 123 26.88 -23.66 10.12
CA ILE B 123 25.69 -24.38 10.58
C ILE B 123 25.91 -24.92 11.98
N LEU B 124 27.09 -25.48 12.22
CA LEU B 124 27.46 -25.99 13.55
C LEU B 124 27.40 -24.91 14.62
N GLU B 125 27.87 -23.70 14.30
CA GLU B 125 27.80 -22.60 15.24
C GLU B 125 26.36 -22.28 15.62
N SER B 126 25.46 -22.26 14.62
CA SER B 126 24.05 -22.05 14.90
CA SER B 126 24.05 -22.06 14.88
C SER B 126 23.48 -23.18 15.73
N GLU B 127 23.85 -24.43 15.43
CA GLU B 127 23.29 -25.55 16.18
C GLU B 127 23.79 -25.55 17.63
N GLU B 128 25.05 -25.19 17.88
CA GLU B 128 25.50 -25.09 19.27
C GLU B 128 24.80 -23.92 20.00
N GLU B 129 24.50 -22.83 19.30
CA GLU B 129 23.69 -21.78 19.94
C GLU B 129 22.32 -22.33 20.31
N HIS B 130 21.72 -23.16 19.45
CA HIS B 130 20.44 -23.77 19.80
C HIS B 130 20.57 -24.71 20.99
N ILE B 131 21.64 -25.50 21.05
CA ILE B 131 21.89 -26.33 22.22
C ILE B 131 21.98 -25.49 23.50
N ASP B 132 22.71 -24.37 23.43
CA ASP B 132 22.81 -23.46 24.58
C ASP B 132 21.42 -23.03 25.04
N TYR B 133 20.58 -22.58 24.10
CA TYR B 133 19.22 -22.18 24.43
C TYR B 133 18.46 -23.33 25.10
N LEU B 134 18.55 -24.53 24.54
CA LEU B 134 17.73 -25.63 25.06
C LEU B 134 18.18 -26.06 26.45
N GLU B 135 19.49 -26.19 26.65
CA GLU B 135 20.01 -26.52 27.97
C GLU B 135 19.62 -25.46 28.99
N THR B 136 19.65 -24.20 28.57
CA THR B 136 19.25 -23.11 29.46
C THR B 136 17.78 -23.22 29.87
N GLN B 137 16.90 -23.50 28.91
CA GLN B 137 15.49 -23.63 29.25
C GLN B 137 15.25 -24.78 30.23
N LEU B 138 15.88 -25.93 29.97
CA LEU B 138 15.70 -27.06 30.88
C LEU B 138 16.25 -26.73 32.26
N GLY B 139 17.34 -25.97 32.33
CA GLY B 139 17.86 -25.51 33.61
C GLY B 139 16.90 -24.56 34.31
N LEU B 140 16.26 -23.67 33.54
CA LEU B 140 15.32 -22.73 34.12
C LEU B 140 14.10 -23.43 34.70
N ILE B 141 13.64 -24.50 34.03
CA ILE B 141 12.52 -25.27 34.59
C ILE B 141 12.87 -25.74 35.99
N GLN B 142 14.12 -26.16 36.21
CA GLN B 142 14.53 -26.60 37.55
C GLN B 142 14.67 -25.41 38.50
N LYS B 143 15.22 -24.29 38.02
CA LYS B 143 15.51 -23.16 38.90
C LYS B 143 14.23 -22.43 39.33
N VAL B 144 13.32 -22.15 38.40
CA VAL B 144 12.12 -21.36 38.72
C VAL B 144 10.88 -22.23 38.95
N GLY B 145 10.96 -23.54 38.67
CA GLY B 145 9.84 -24.44 38.76
C GLY B 145 9.05 -24.48 37.47
N LEU B 146 8.39 -25.60 37.19
CA LEU B 146 7.70 -25.77 35.92
C LEU B 146 6.54 -24.77 35.77
N GLU B 147 5.74 -24.59 36.83
CA GLU B 147 4.59 -23.68 36.72
C GLU B 147 5.05 -22.27 36.38
N ASN B 148 6.07 -21.75 37.07
CA ASN B 148 6.60 -20.42 36.74
C ASN B 148 7.20 -20.39 35.33
N TYR B 149 7.98 -21.42 34.97
CA TYR B 149 8.56 -21.45 33.64
C TYR B 149 7.47 -21.30 32.57
N LEU B 150 6.40 -22.08 32.69
CA LEU B 150 5.31 -22.01 31.70
C LEU B 150 4.62 -20.65 31.76
N GLN B 151 4.39 -20.15 32.98
CA GLN B 151 3.77 -18.84 33.13
C GLN B 151 4.54 -17.77 32.35
N SER B 152 5.88 -17.78 32.45
CA SER B 152 6.74 -16.80 31.78
C SER B 152 6.70 -16.93 30.27
N HIS B 153 6.16 -18.01 29.75
CA HIS B 153 6.08 -18.18 28.29
C HIS B 153 4.68 -18.07 27.75
N MET B 154 3.72 -17.59 28.57
CA MET B 154 2.36 -17.37 28.07
C MET B 154 2.29 -16.23 27.08
N HIS B 155 2.88 -15.09 27.42
CA HIS B 155 2.77 -13.89 26.59
C HIS B 155 4.06 -13.64 25.83
N MET C 1 -36.58 -7.35 0.90
CA MET C 1 -36.66 -8.62 0.12
C MET C 1 -37.32 -9.67 1.02
N LYS C 2 -38.38 -10.32 0.57
CA LYS C 2 -39.12 -11.24 1.42
C LYS C 2 -38.27 -12.48 1.71
N GLY C 3 -37.82 -12.64 2.96
CA GLY C 3 -37.05 -13.79 3.34
C GLY C 3 -37.93 -14.98 3.73
N ASP C 4 -37.30 -16.15 3.77
CA ASP C 4 -37.93 -17.36 4.28
C ASP C 4 -38.28 -17.18 5.76
N LYS C 5 -39.53 -17.46 6.11
CA LYS C 5 -39.95 -17.25 7.50
C LYS C 5 -39.11 -18.04 8.49
N LYS C 6 -38.74 -19.27 8.13
CA LYS C 6 -37.95 -20.08 9.03
C LYS C 6 -36.52 -19.59 9.13
N VAL C 7 -35.94 -19.09 8.03
CA VAL C 7 -34.61 -18.48 8.11
C VAL C 7 -34.64 -17.35 9.13
N ILE C 8 -35.67 -16.52 9.05
CA ILE C 8 -35.80 -15.38 9.97
C ILE C 8 -35.91 -15.87 11.41
N GLN C 9 -36.69 -16.93 11.65
CA GLN C 9 -36.77 -17.50 12.98
C GLN C 9 -35.40 -17.98 13.45
N HIS C 10 -34.63 -18.62 12.56
CA HIS C 10 -33.29 -19.06 12.91
C HIS C 10 -32.39 -17.87 13.22
N LEU C 11 -32.46 -16.82 12.41
CA LEU C 11 -31.62 -15.65 12.66
C LEU C 11 -31.98 -15.03 14.01
N ASN C 12 -33.28 -15.00 14.34
CA ASN C 12 -33.68 -14.45 15.64
C ASN C 12 -33.17 -15.32 16.78
N LYS C 13 -33.09 -16.64 16.58
CA LYS C 13 -32.57 -17.51 17.61
C LYS C 13 -31.08 -17.25 17.84
N ILE C 14 -30.32 -17.10 16.75
CA ILE C 14 -28.91 -16.80 16.90
CA ILE C 14 -28.89 -16.78 16.86
C ILE C 14 -28.73 -15.42 17.51
N LEU C 15 -29.56 -14.47 17.13
CA LEU C 15 -29.52 -13.14 17.75
C LEU C 15 -29.75 -13.25 19.25
N GLY C 16 -30.75 -14.03 19.64
CA GLY C 16 -31.01 -14.25 21.05
C GLY C 16 -29.78 -14.77 21.78
N ASN C 17 -29.07 -15.71 21.18
CA ASN C 17 -27.85 -16.21 21.80
C ASN C 17 -26.81 -15.12 21.93
N GLU C 18 -26.67 -14.30 20.90
CA GLU C 18 -25.67 -13.23 20.95
C GLU C 18 -26.04 -12.24 22.05
N LEU C 19 -27.33 -11.99 22.25
CA LEU C 19 -27.75 -11.02 23.27
C LEU C 19 -27.42 -11.52 24.66
N ILE C 20 -27.58 -12.82 24.89
CA ILE C 20 -27.16 -13.42 26.16
C ILE C 20 -25.66 -13.21 26.36
N ALA C 21 -24.88 -13.54 25.32
CA ALA C 21 -23.42 -13.48 25.40
C ALA C 21 -22.94 -12.05 25.65
N ILE C 22 -23.54 -11.07 24.96
CA ILE C 22 -23.16 -9.68 25.19
C ILE C 22 -23.21 -9.36 26.68
N ASN C 23 -24.34 -9.65 27.31
CA ASN C 23 -24.52 -9.29 28.72
C ASN C 23 -23.64 -10.14 29.63
N GLN C 24 -23.58 -11.44 29.38
CA GLN C 24 -22.77 -12.32 30.22
C GLN C 24 -21.30 -11.92 30.16
N TYR C 25 -20.77 -11.65 28.97
CA TYR C 25 -19.38 -11.28 28.86
C TYR C 25 -19.15 -9.89 29.44
N PHE C 26 -20.10 -8.97 29.24
CA PHE C 26 -19.90 -7.64 29.81
C PHE C 26 -19.85 -7.71 31.34
N LEU C 27 -20.76 -8.46 31.96
CA LEU C 27 -20.73 -8.56 33.42
C LEU C 27 -19.44 -9.24 33.90
N HIS C 28 -19.04 -10.33 33.24
CA HIS C 28 -17.81 -11.02 33.60
C HIS C 28 -16.60 -10.11 33.49
N SER C 29 -16.57 -9.28 32.44
CA SER C 29 -15.50 -8.31 32.26
C SER C 29 -15.41 -7.37 33.44
N ARG C 30 -16.55 -6.79 33.83
CA ARG C 30 -16.53 -5.81 34.90
C ARG C 30 -16.28 -6.46 36.26
N MET C 31 -16.66 -7.73 36.42
CA MET C 31 -16.30 -8.46 37.65
C MET C 31 -14.79 -8.64 37.73
N TRP C 32 -14.17 -9.06 36.63
CA TRP C 32 -12.72 -9.20 36.61
C TRP C 32 -12.04 -7.86 36.86
N ASN C 33 -12.54 -6.79 36.27
CA ASN C 33 -11.94 -5.48 36.52
C ASN C 33 -12.03 -5.10 38.00
N ASP C 34 -13.19 -5.32 38.63
CA ASP C 34 -13.40 -4.99 40.03
C ASP C 34 -12.47 -5.78 40.94
N TRP C 35 -12.10 -6.99 40.53
CA TRP C 35 -11.14 -7.82 41.26
C TRP C 35 -9.69 -7.48 40.96
N GLY C 36 -9.42 -6.54 40.06
CA GLY C 36 -8.06 -6.20 39.72
C GLY C 36 -7.42 -7.09 38.68
N LEU C 37 -8.20 -7.93 38.02
CA LEU C 37 -7.71 -8.81 36.97
C LEU C 37 -7.98 -8.15 35.61
N LYS C 38 -7.22 -7.07 35.38
CA LYS C 38 -7.56 -6.14 34.31
C LYS C 38 -7.33 -6.74 32.93
N ARG C 39 -6.39 -7.68 32.79
CA ARG C 39 -6.17 -8.29 31.49
C ARG C 39 -7.35 -9.18 31.12
N LEU C 40 -7.90 -9.95 32.07
CA LEU C 40 -9.11 -10.70 31.79
C LEU C 40 -10.28 -9.77 31.53
N GLY C 41 -10.38 -8.69 32.30
CA GLY C 41 -11.46 -7.75 32.10
C GLY C 41 -11.45 -7.15 30.71
N ALA C 42 -10.27 -6.76 30.23
CA ALA C 42 -10.16 -6.16 28.92
C ALA C 42 -10.47 -7.17 27.82
N HIS C 43 -9.94 -8.38 27.93
CA HIS C 43 -10.21 -9.37 26.90
C HIS C 43 -11.69 -9.71 26.83
N GLU C 44 -12.32 -9.89 27.99
CA GLU C 44 -13.74 -10.22 28.03
C GLU C 44 -14.60 -9.06 27.52
N TYR C 45 -14.20 -7.82 27.78
CA TYR C 45 -14.85 -6.68 27.17
C TYR C 45 -14.81 -6.76 25.65
N HIS C 46 -13.64 -7.06 25.09
CA HIS C 46 -13.56 -7.18 23.64
C HIS C 46 -14.41 -8.34 23.13
N GLU C 47 -14.53 -9.44 23.89
CA GLU C 47 -15.46 -10.50 23.50
C GLU C 47 -16.90 -9.98 23.45
N SER C 48 -17.32 -9.19 24.46
CA SER C 48 -18.66 -8.61 24.47
C SER C 48 -18.88 -7.74 23.24
N ILE C 49 -17.91 -6.88 22.91
CA ILE C 49 -18.03 -6.02 21.73
C ILE C 49 -18.12 -6.84 20.45
N ASP C 50 -17.33 -7.91 20.34
CA ASP C 50 -17.42 -8.74 19.14
C ASP C 50 -18.81 -9.35 18.99
N GLU C 51 -19.45 -9.75 20.10
CA GLU C 51 -20.81 -10.26 20.01
C GLU C 51 -21.77 -9.16 19.60
N MET C 52 -21.52 -7.93 20.04
CA MET C 52 -22.37 -6.83 19.61
C MET C 52 -22.28 -6.65 18.10
N LYS C 53 -21.09 -6.82 17.54
CA LYS C 53 -20.95 -6.68 16.10
C LYS C 53 -21.74 -7.75 15.36
N HIS C 54 -21.69 -9.00 15.85
CA HIS C 54 -22.48 -10.07 15.21
C HIS C 54 -23.97 -9.78 15.34
N ALA C 55 -24.42 -9.35 16.53
CA ALA C 55 -25.83 -9.01 16.71
C ALA C 55 -26.26 -7.93 15.72
N ASP C 56 -25.43 -6.92 15.52
CA ASP C 56 -25.78 -5.84 14.59
C ASP C 56 -26.01 -6.40 13.19
N LYS C 57 -25.11 -7.26 12.72
CA LYS C 57 -25.25 -7.83 11.39
C LYS C 57 -26.51 -8.70 11.29
N LEU C 58 -26.84 -9.44 12.34
CA LEU C 58 -28.07 -10.24 12.32
C LEU C 58 -29.31 -9.35 12.25
N ILE C 59 -29.33 -8.28 13.05
CA ILE C 59 -30.47 -7.37 13.03
C ILE C 59 -30.63 -6.77 11.64
N GLU C 60 -29.52 -6.34 11.04
CA GLU C 60 -29.57 -5.73 9.71
C GLU C 60 -30.09 -6.72 8.69
N ARG C 61 -29.64 -7.97 8.78
CA ARG C 61 -30.09 -8.99 7.83
C ARG C 61 -31.57 -9.30 8.00
N ILE C 62 -32.03 -9.44 9.25
CA ILE C 62 -33.45 -9.71 9.51
C ILE C 62 -34.30 -8.61 8.92
N LEU C 63 -33.91 -7.34 9.14
CA LEU C 63 -34.70 -6.25 8.61
C LEU C 63 -34.70 -6.25 7.07
N PHE C 64 -33.55 -6.53 6.46
CA PHE C 64 -33.52 -6.62 5.00
C PHE C 64 -34.50 -7.66 4.50
N LEU C 65 -34.59 -8.80 5.20
CA LEU C 65 -35.48 -9.89 4.85
C LEU C 65 -36.92 -9.66 5.28
N GLU C 66 -37.22 -8.47 5.81
CA GLU C 66 -38.58 -8.05 6.16
C GLU C 66 -39.12 -8.84 7.33
N GLY C 67 -38.23 -9.24 8.24
CA GLY C 67 -38.62 -9.80 9.52
C GLY C 67 -38.46 -8.78 10.63
N LEU C 68 -38.97 -9.17 11.80
CA LEU C 68 -38.91 -8.35 13.00
C LEU C 68 -37.80 -8.85 13.93
N PRO C 69 -36.71 -8.11 14.10
CA PRO C 69 -35.67 -8.56 15.04
C PRO C 69 -36.21 -8.56 16.46
N ASN C 70 -35.92 -9.65 17.18
CA ASN C 70 -36.42 -9.83 18.55
C ASN C 70 -35.27 -9.50 19.50
N LEU C 71 -35.31 -8.29 20.08
CA LEU C 71 -34.37 -7.91 21.12
C LEU C 71 -35.04 -7.93 22.49
N GLN C 72 -36.22 -8.53 22.59
CA GLN C 72 -37.03 -8.48 23.82
C GLN C 72 -36.80 -9.69 24.69
N ASP C 73 -36.68 -10.87 24.10
CA ASP C 73 -36.60 -12.11 24.85
C ASP C 73 -35.13 -12.37 25.14
N LEU C 74 -34.76 -12.30 26.41
CA LEU C 74 -33.39 -12.53 26.85
C LEU C 74 -33.35 -13.81 27.67
N GLY C 75 -32.58 -14.79 27.21
CA GLY C 75 -32.45 -16.05 27.89
C GLY C 75 -31.50 -15.96 29.06
N LYS C 76 -31.20 -17.13 29.63
CA LYS C 76 -30.54 -17.22 30.93
C LYS C 76 -29.06 -16.88 30.79
N LEU C 77 -28.61 -15.88 31.54
CA LEU C 77 -27.17 -15.61 31.65
C LEU C 77 -26.53 -16.64 32.56
N LEU C 78 -25.36 -17.13 32.16
CA LEU C 78 -24.58 -18.08 32.95
C LEU C 78 -23.45 -17.31 33.61
N ILE C 79 -23.65 -16.92 34.87
CA ILE C 79 -22.71 -16.06 35.58
C ILE C 79 -21.94 -16.90 36.59
N GLY C 80 -20.62 -16.90 36.48
CA GLY C 80 -19.81 -17.60 37.45
C GLY C 80 -19.52 -16.79 38.69
N GLU C 81 -19.03 -17.48 39.72
CA GLU C 81 -18.67 -16.82 40.97
C GLU C 81 -17.17 -16.68 41.15
N ASN C 82 -16.36 -17.33 40.30
CA ASN C 82 -14.92 -17.17 40.32
C ASN C 82 -14.41 -17.38 38.90
N THR C 83 -13.12 -17.10 38.70
CA THR C 83 -12.56 -17.09 37.36
C THR C 83 -12.79 -18.41 36.63
N GLN C 84 -12.46 -19.55 37.26
CA GLN C 84 -12.65 -20.82 36.57
C GLN C 84 -14.10 -21.05 36.18
N GLU C 85 -15.04 -20.78 37.08
CA GLU C 85 -16.46 -20.95 36.76
C GLU C 85 -16.90 -20.00 35.65
N MET C 86 -16.40 -18.76 35.66
CA MET C 86 -16.81 -17.79 34.65
C MET C 86 -16.36 -18.22 33.26
N LEU C 87 -15.12 -18.68 33.15
CA LEU C 87 -14.62 -19.20 31.88
C LEU C 87 -15.44 -20.40 31.44
N GLN C 88 -15.74 -21.31 32.36
CA GLN C 88 -16.53 -22.49 31.97
C GLN C 88 -17.94 -22.10 31.56
N CYS C 89 -18.52 -21.09 32.22
CA CYS C 89 -19.84 -20.60 31.84
C CYS C 89 -19.81 -20.02 30.43
N ASP C 90 -18.78 -19.23 30.12
CA ASP C 90 -18.62 -18.73 28.75
C ASP C 90 -18.51 -19.88 27.76
N LEU C 91 -17.73 -20.90 28.12
CA LEU C 91 -17.57 -22.03 27.22
C LEU C 91 -18.89 -22.77 27.02
N ASN C 92 -19.64 -22.99 28.10
CA ASN C 92 -20.91 -23.69 27.97
C ASN C 92 -21.87 -22.93 27.06
N LEU C 93 -21.89 -21.60 27.18
CA LEU C 93 -22.73 -20.78 26.31
C LEU C 93 -22.30 -20.90 24.84
N GLU C 94 -20.98 -20.85 24.61
CA GLU C 94 -20.45 -20.88 23.25
C GLU C 94 -20.75 -22.21 22.56
N LEU C 95 -20.67 -23.32 23.30
CA LEU C 95 -20.98 -24.62 22.71
C LEU C 95 -22.45 -24.72 22.33
N LYS C 96 -23.36 -24.14 23.14
CA LYS C 96 -24.76 -24.04 22.76
C LYS C 96 -24.91 -23.17 21.52
N ALA C 97 -24.15 -22.08 21.47
CA ALA C 97 -24.26 -21.14 20.35
C ALA C 97 -23.86 -21.79 19.03
N THR C 98 -22.78 -22.59 19.03
CA THR C 98 -22.30 -23.19 17.79
C THR C 98 -23.23 -24.30 17.31
N LYS C 99 -23.84 -25.06 18.22
CA LYS C 99 -24.87 -26.01 17.81
C LYS C 99 -25.99 -25.32 17.06
N ASP C 100 -26.49 -24.21 17.61
CA ASP C 100 -27.57 -23.49 16.96
C ASP C 100 -27.14 -22.89 15.62
N LEU C 101 -25.90 -22.40 15.56
CA LEU C 101 -25.39 -21.89 14.28
C LEU C 101 -25.38 -22.97 13.20
N ARG C 102 -24.97 -24.19 13.57
CA ARG C 102 -24.93 -25.26 12.57
C ARG C 102 -26.32 -25.60 12.05
N GLU C 103 -27.31 -25.66 12.93
CA GLU C 103 -28.68 -25.93 12.51
C GLU C 103 -29.20 -24.82 11.61
N ALA C 104 -28.85 -23.56 11.91
CA ALA C 104 -29.31 -22.46 11.07
C ALA C 104 -28.67 -22.51 9.68
N ILE C 105 -27.39 -22.89 9.61
CA ILE C 105 -26.71 -22.99 8.32
C ILE C 105 -27.35 -24.07 7.47
N VAL C 106 -27.65 -25.22 8.07
CA VAL C 106 -28.36 -26.27 7.36
C VAL C 106 -29.62 -25.72 6.71
N HIS C 107 -30.44 -25.01 7.49
CA HIS C 107 -31.69 -24.56 6.92
C HIS C 107 -31.45 -23.51 5.84
N CYS C 108 -30.47 -22.62 6.03
CA CYS C 108 -30.20 -21.62 4.99
C CYS C 108 -29.81 -22.30 3.69
N GLU C 109 -28.94 -23.30 3.77
CA GLU C 109 -28.52 -24.04 2.59
C GLU C 109 -29.73 -24.67 1.90
N GLN C 110 -30.63 -25.26 2.69
CA GLN C 110 -31.78 -25.96 2.11
C GLN C 110 -32.71 -25.03 1.33
N VAL C 111 -32.87 -23.77 1.77
CA VAL C 111 -33.74 -22.83 1.06
C VAL C 111 -32.94 -21.89 0.15
N HIS C 112 -31.65 -22.16 -0.03
CA HIS C 112 -30.81 -21.42 -0.97
C HIS C 112 -30.61 -19.97 -0.55
N ASP C 113 -30.70 -19.69 0.75
CA ASP C 113 -30.33 -18.36 1.28
C ASP C 113 -28.84 -18.38 1.56
N TYR C 114 -28.05 -18.27 0.49
CA TYR C 114 -26.61 -18.44 0.59
C TYR C 114 -25.92 -17.25 1.24
N VAL C 115 -26.53 -16.07 1.19
CA VAL C 115 -25.94 -14.90 1.84
C VAL C 115 -26.13 -15.00 3.35
N SER C 116 -27.33 -15.38 3.79
CA SER C 116 -27.52 -15.66 5.23
C SER C 116 -26.58 -16.76 5.70
N ARG C 117 -26.40 -17.82 4.90
CA ARG C 117 -25.44 -18.84 5.29
C ARG C 117 -24.05 -18.26 5.49
N ASP C 118 -23.61 -17.40 4.57
CA ASP C 118 -22.26 -16.86 4.65
C ASP C 118 -22.08 -16.00 5.91
N LEU C 119 -23.09 -15.20 6.25
CA LEU C 119 -23.07 -14.43 7.50
C LEU C 119 -22.92 -15.35 8.71
N LEU C 120 -23.76 -16.38 8.78
CA LEU C 120 -23.70 -17.32 9.89
C LEU C 120 -22.38 -18.07 9.95
N LYS C 121 -21.81 -18.41 8.78
CA LYS C 121 -20.50 -19.06 8.76
C LYS C 121 -19.44 -18.15 9.34
N ASP C 122 -19.48 -16.87 9.00
CA ASP C 122 -18.52 -15.93 9.57
C ASP C 122 -18.67 -15.85 11.09
N ILE C 123 -19.92 -15.79 11.58
CA ILE C 123 -20.15 -15.75 13.02
C ILE C 123 -19.64 -17.03 13.67
N LEU C 124 -19.91 -18.17 13.03
CA LEU C 124 -19.43 -19.45 13.56
C LEU C 124 -17.91 -19.49 13.67
N GLU C 125 -17.20 -18.94 12.68
CA GLU C 125 -15.75 -18.85 12.75
C GLU C 125 -15.31 -18.05 13.96
N SER C 126 -15.97 -16.92 14.21
CA SER C 126 -15.65 -16.13 15.39
CA SER C 126 -15.66 -16.12 15.40
C SER C 126 -15.94 -16.91 16.67
N GLU C 127 -17.08 -17.61 16.73
CA GLU C 127 -17.40 -18.36 17.95
C GLU C 127 -16.42 -19.50 18.18
N GLU C 128 -15.96 -20.18 17.12
CA GLU C 128 -14.98 -21.23 17.34
C GLU C 128 -13.63 -20.67 17.79
N GLU C 129 -13.28 -19.45 17.35
CA GLU C 129 -12.09 -18.80 17.90
C GLU C 129 -12.26 -18.50 19.37
N HIS C 130 -13.46 -18.09 19.79
CA HIS C 130 -13.70 -17.87 21.21
C HIS C 130 -13.60 -19.18 21.98
N ILE C 131 -14.13 -20.27 21.42
CA ILE C 131 -14.00 -21.57 22.08
C ILE C 131 -12.54 -21.93 22.24
N ASP C 132 -11.74 -21.71 21.19
CA ASP C 132 -10.31 -21.96 21.28
C ASP C 132 -9.69 -21.19 22.44
N TYR C 133 -10.00 -19.90 22.54
CA TYR C 133 -9.48 -19.08 23.62
C TYR C 133 -9.88 -19.64 24.98
N LEU C 134 -11.16 -19.98 25.14
CA LEU C 134 -11.65 -20.45 26.44
C LEU C 134 -11.03 -21.78 26.85
N GLU C 135 -11.00 -22.75 25.93
CA GLU C 135 -10.35 -24.04 26.22
C GLU C 135 -8.88 -23.83 26.58
N THR C 136 -8.21 -22.90 25.91
CA THR C 136 -6.80 -22.64 26.20
C THR C 136 -6.64 -22.04 27.60
N GLN C 137 -7.52 -21.12 27.97
CA GLN C 137 -7.40 -20.53 29.31
C GLN C 137 -7.61 -21.57 30.38
N LEU C 138 -8.63 -22.43 30.22
CA LEU C 138 -8.86 -23.48 31.20
C LEU C 138 -7.66 -24.42 31.26
N GLY C 139 -7.06 -24.72 30.11
CA GLY C 139 -5.85 -25.52 30.09
C GLY C 139 -4.69 -24.85 30.80
N LEU C 140 -4.55 -23.53 30.61
CA LEU C 140 -3.46 -22.82 31.27
C LEU C 140 -3.60 -22.86 32.78
N ILE C 141 -4.83 -22.74 33.28
CA ILE C 141 -5.04 -22.85 34.73
C ILE C 141 -4.47 -24.16 35.25
N GLN C 142 -4.67 -25.26 34.51
CA GLN C 142 -4.11 -26.53 34.95
C GLN C 142 -2.60 -26.58 34.81
N LYS C 143 -2.03 -25.92 33.77
CA LYS C 143 -0.60 -26.04 33.53
C LYS C 143 0.22 -25.11 34.41
N VAL C 144 -0.22 -23.87 34.64
CA VAL C 144 0.57 -22.95 35.44
C VAL C 144 0.05 -22.80 36.86
N GLY C 145 -1.11 -23.36 37.16
CA GLY C 145 -1.72 -23.21 38.46
C GLY C 145 -2.55 -21.95 38.54
N LEU C 146 -3.60 -22.00 39.36
CA LEU C 146 -4.57 -20.90 39.36
C LEU C 146 -3.94 -19.59 39.85
N GLU C 147 -3.12 -19.64 40.89
CA GLU C 147 -2.52 -18.41 41.40
C GLU C 147 -1.68 -17.72 40.33
N ASN C 148 -0.84 -18.48 39.62
CA ASN C 148 -0.06 -17.90 38.55
C ASN C 148 -0.94 -17.40 37.40
N TYR C 149 -1.97 -18.17 37.05
CA TYR C 149 -2.84 -17.75 35.96
C TYR C 149 -3.46 -16.41 36.28
N LEU C 150 -4.01 -16.26 37.50
CA LEU C 150 -4.59 -14.99 37.89
C LEU C 150 -3.53 -13.89 37.95
N GLN C 151 -2.34 -14.19 38.48
CA GLN C 151 -1.27 -13.19 38.52
C GLN C 151 -0.99 -12.65 37.13
N SER C 152 -0.93 -13.54 36.14
CA SER C 152 -0.61 -13.13 34.77
C SER C 152 -1.69 -12.27 34.15
N HIS C 153 -2.86 -12.16 34.76
CA HIS C 153 -3.95 -11.38 34.24
C HIS C 153 -4.26 -10.16 35.09
N MET C 154 -3.36 -9.78 36.01
CA MET C 154 -3.54 -8.55 36.79
C MET C 154 -3.30 -7.31 35.94
N HIS C 155 -2.21 -7.27 35.18
CA HIS C 155 -1.82 -6.08 34.44
C HIS C 155 -2.07 -6.26 32.95
N GLU C 156 -2.53 -5.21 32.31
CA GLU C 156 -2.86 -5.28 30.87
C GLU C 156 -1.63 -5.30 29.97
N MET D 1 -3.86 41.43 -40.36
CA MET D 1 -4.09 40.58 -41.57
C MET D 1 -5.49 40.91 -42.09
N LYS D 2 -5.64 41.32 -43.34
CA LYS D 2 -6.92 41.83 -43.80
C LYS D 2 -7.94 40.70 -43.87
N GLY D 3 -9.00 40.79 -43.06
CA GLY D 3 -10.04 39.79 -43.07
C GLY D 3 -11.13 40.06 -44.12
N ASP D 4 -11.95 39.04 -44.32
CA ASP D 4 -13.13 39.14 -45.17
C ASP D 4 -14.15 40.05 -44.52
N LYS D 5 -14.70 41.00 -45.29
CA LYS D 5 -15.60 42.01 -44.74
C LYS D 5 -16.83 41.37 -44.12
N LYS D 6 -17.43 40.39 -44.82
CA LYS D 6 -18.61 39.73 -44.29
C LYS D 6 -18.28 38.86 -43.08
N VAL D 7 -17.11 38.20 -43.05
CA VAL D 7 -16.71 37.50 -41.82
C VAL D 7 -16.71 38.50 -40.65
N ILE D 8 -16.11 39.67 -40.84
CA ILE D 8 -16.02 40.63 -39.75
C ILE D 8 -17.43 41.09 -39.33
N GLN D 9 -18.32 41.30 -40.30
CA GLN D 9 -19.70 41.63 -39.96
C GLN D 9 -20.33 40.53 -39.12
N HIS D 10 -20.12 39.27 -39.49
CA HIS D 10 -20.65 38.14 -38.71
C HIS D 10 -20.05 38.13 -37.31
N LEU D 11 -18.74 38.29 -37.20
CA LEU D 11 -18.09 38.32 -35.88
C LEU D 11 -18.67 39.44 -35.01
N ASN D 12 -18.92 40.60 -35.60
CA ASN D 12 -19.53 41.69 -34.84
C ASN D 12 -20.97 41.39 -34.45
N LYS D 13 -21.70 40.67 -35.30
CA LYS D 13 -23.05 40.25 -34.90
C LYS D 13 -23.01 39.32 -33.70
N ILE D 14 -22.10 38.34 -33.70
CA ILE D 14 -21.97 37.44 -32.57
CA ILE D 14 -21.93 37.42 -32.57
C ILE D 14 -21.50 38.19 -31.33
N LEU D 15 -20.55 39.11 -31.50
CA LEU D 15 -20.13 39.95 -30.38
C LEU D 15 -21.31 40.69 -29.77
N GLY D 16 -22.18 41.22 -30.62
CA GLY D 16 -23.35 41.91 -30.13
C GLY D 16 -24.25 41.00 -29.31
N ASN D 17 -24.40 39.76 -29.75
CA ASN D 17 -25.19 38.81 -28.97
C ASN D 17 -24.53 38.54 -27.62
N GLU D 18 -23.20 38.44 -27.61
CA GLU D 18 -22.51 38.18 -26.34
C GLU D 18 -22.64 39.37 -25.38
N LEU D 19 -22.62 40.59 -25.92
CA LEU D 19 -22.75 41.78 -25.08
C LEU D 19 -24.14 41.86 -24.43
N ILE D 20 -25.18 41.46 -25.16
CA ILE D 20 -26.52 41.36 -24.55
C ILE D 20 -26.48 40.37 -23.40
N ALA D 21 -25.94 39.18 -23.68
CA ALA D 21 -25.93 38.10 -22.70
C ALA D 21 -25.16 38.49 -21.44
N ILE D 22 -23.99 39.13 -21.60
CA ILE D 22 -23.23 39.57 -20.42
C ILE D 22 -24.12 40.36 -19.47
N ASN D 23 -24.83 41.36 -20.01
CA ASN D 23 -25.63 42.23 -19.16
C ASN D 23 -26.88 41.55 -18.64
N GLN D 24 -27.55 40.74 -19.48
CA GLN D 24 -28.74 40.03 -19.06
C GLN D 24 -28.41 39.06 -17.93
N TYR D 25 -27.33 38.31 -18.09
CA TYR D 25 -26.96 37.34 -17.07
C TYR D 25 -26.46 38.03 -15.82
N PHE D 26 -25.71 39.13 -15.96
CA PHE D 26 -25.27 39.84 -14.77
C PHE D 26 -26.46 40.36 -13.96
N LEU D 27 -27.45 40.95 -14.64
CA LEU D 27 -28.61 41.48 -13.92
C LEU D 27 -29.39 40.34 -13.27
N HIS D 28 -29.65 39.26 -14.02
CA HIS D 28 -30.34 38.12 -13.46
C HIS D 28 -29.63 37.58 -12.22
N SER D 29 -28.30 37.48 -12.29
CA SER D 29 -27.50 37.06 -11.16
C SER D 29 -27.78 37.92 -9.93
N ARG D 30 -27.74 39.24 -10.10
CA ARG D 30 -27.87 40.12 -8.95
C ARG D 30 -29.31 40.15 -8.46
N MET D 31 -30.29 39.97 -9.36
CA MET D 31 -31.66 39.79 -8.91
C MET D 31 -31.79 38.55 -8.03
N TRP D 32 -31.23 37.42 -8.47
CA TRP D 32 -31.31 36.21 -7.66
C TRP D 32 -30.61 36.42 -6.32
N ASN D 33 -29.47 37.12 -6.30
CA ASN D 33 -28.79 37.35 -5.04
C ASN D 33 -29.63 38.20 -4.10
N ASP D 34 -30.26 39.26 -4.64
CA ASP D 34 -31.13 40.14 -3.87
C ASP D 34 -32.31 39.35 -3.27
N TRP D 35 -32.76 38.30 -3.95
CA TRP D 35 -33.87 37.48 -3.46
C TRP D 35 -33.42 36.38 -2.52
N GLY D 36 -32.12 36.25 -2.27
CA GLY D 36 -31.64 35.20 -1.40
C GLY D 36 -31.45 33.87 -2.09
N LEU D 37 -31.48 33.83 -3.41
CA LEU D 37 -31.27 32.61 -4.17
C LEU D 37 -29.82 32.58 -4.66
N LYS D 38 -28.92 32.45 -3.68
CA LYS D 38 -27.50 32.70 -3.93
C LYS D 38 -26.86 31.66 -4.86
N ARG D 39 -27.36 30.42 -4.87
CA ARG D 39 -26.79 29.42 -5.77
C ARG D 39 -27.10 29.76 -7.22
N LEU D 40 -28.32 30.20 -7.51
CA LEU D 40 -28.64 30.70 -8.84
C LEU D 40 -27.84 31.96 -9.15
N GLY D 41 -27.68 32.85 -8.17
CA GLY D 41 -26.97 34.08 -8.43
C GLY D 41 -25.52 33.80 -8.79
N ALA D 42 -24.91 32.84 -8.11
CA ALA D 42 -23.51 32.50 -8.36
C ALA D 42 -23.35 31.85 -9.72
N HIS D 43 -24.23 30.89 -10.04
CA HIS D 43 -24.11 30.21 -11.31
C HIS D 43 -24.31 31.18 -12.46
N GLU D 44 -25.26 32.09 -12.31
CA GLU D 44 -25.56 33.03 -13.39
C GLU D 44 -24.45 34.06 -13.55
N TYR D 45 -23.79 34.42 -12.45
CA TYR D 45 -22.60 35.26 -12.53
C TYR D 45 -21.52 34.58 -13.36
N HIS D 46 -21.27 33.29 -13.09
CA HIS D 46 -20.27 32.58 -13.86
C HIS D 46 -20.68 32.47 -15.34
N GLU D 47 -21.98 32.39 -15.63
CA GLU D 47 -22.39 32.45 -17.03
C GLU D 47 -22.05 33.80 -17.65
N SER D 48 -22.26 34.90 -16.92
CA SER D 48 -21.91 36.22 -17.43
C SER D 48 -20.41 36.30 -17.73
N ILE D 49 -19.57 35.82 -16.79
CA ILE D 49 -18.12 35.83 -16.98
C ILE D 49 -17.72 35.02 -18.21
N ASP D 50 -18.36 33.85 -18.42
CA ASP D 50 -18.04 33.04 -19.60
C ASP D 50 -18.34 33.78 -20.89
N GLU D 51 -19.47 34.51 -20.94
CA GLU D 51 -19.75 35.32 -22.12
C GLU D 51 -18.74 36.45 -22.30
N MET D 52 -18.26 37.05 -21.20
CA MET D 52 -17.17 38.03 -21.30
C MET D 52 -15.94 37.43 -21.98
N LYS D 53 -15.58 36.21 -21.60
CA LYS D 53 -14.43 35.56 -22.21
C LYS D 53 -14.63 35.35 -23.71
N HIS D 54 -15.83 34.95 -24.14
CA HIS D 54 -16.10 34.82 -25.56
C HIS D 54 -16.01 36.17 -26.26
N ALA D 55 -16.61 37.20 -25.66
CA ALA D 55 -16.55 38.53 -26.24
C ALA D 55 -15.11 38.98 -26.44
N ASP D 56 -14.27 38.73 -25.43
CA ASP D 56 -12.85 39.08 -25.51
C ASP D 56 -12.19 38.43 -26.73
N LYS D 57 -12.41 37.12 -26.93
CA LYS D 57 -11.80 36.44 -28.06
C LYS D 57 -12.30 37.00 -29.39
N LEU D 58 -13.58 37.34 -29.47
CA LEU D 58 -14.12 37.93 -30.69
C LEU D 58 -13.51 39.29 -30.97
N ILE D 59 -13.41 40.14 -29.94
CA ILE D 59 -12.80 41.45 -30.10
C ILE D 59 -11.37 41.31 -30.59
N GLU D 60 -10.62 40.37 -29.99
CA GLU D 60 -9.22 40.18 -30.41
C GLU D 60 -9.14 39.72 -31.85
N ARG D 61 -10.04 38.82 -32.25
CA ARG D 61 -10.04 38.33 -33.63
C ARG D 61 -10.39 39.43 -34.62
N ILE D 62 -11.40 40.25 -34.27
CA ILE D 62 -11.82 41.32 -35.16
C ILE D 62 -10.68 42.31 -35.38
N LEU D 63 -9.99 42.67 -34.30
CA LEU D 63 -8.86 43.59 -34.44
C LEU D 63 -7.73 42.99 -35.25
N PHE D 64 -7.42 41.70 -35.05
CA PHE D 64 -6.37 41.06 -35.85
C PHE D 64 -6.72 41.13 -37.32
N LEU D 65 -7.99 40.96 -37.65
CA LEU D 65 -8.47 40.99 -39.03
C LEU D 65 -8.69 42.39 -39.55
N GLU D 66 -8.28 43.39 -38.77
CA GLU D 66 -8.27 44.80 -39.17
C GLU D 66 -9.68 45.35 -39.31
N GLY D 67 -10.62 44.84 -38.52
CA GLY D 67 -11.93 45.44 -38.39
C GLY D 67 -12.07 46.21 -37.08
N LEU D 68 -13.24 46.85 -36.93
CA LEU D 68 -13.56 47.61 -35.74
C LEU D 68 -14.56 46.83 -34.91
N PRO D 69 -14.22 46.40 -33.68
CA PRO D 69 -15.21 45.71 -32.84
C PRO D 69 -16.27 46.69 -32.38
N ASN D 70 -17.55 46.30 -32.52
CA ASN D 70 -18.68 47.16 -32.19
C ASN D 70 -19.12 46.83 -30.77
N LEU D 71 -18.74 47.68 -29.81
CA LEU D 71 -19.21 47.56 -28.44
C LEU D 71 -20.24 48.62 -28.09
N GLN D 72 -20.66 49.41 -29.09
CA GLN D 72 -21.54 50.55 -28.88
C GLN D 72 -23.01 50.15 -28.99
N ASP D 73 -23.32 49.24 -29.89
CA ASP D 73 -24.70 48.88 -30.15
C ASP D 73 -25.05 47.73 -29.20
N LEU D 74 -25.97 48.00 -28.30
CA LEU D 74 -26.43 46.99 -27.36
C LEU D 74 -27.88 46.69 -27.69
N GLY D 75 -28.16 45.44 -28.04
CA GLY D 75 -29.51 45.02 -28.35
C GLY D 75 -30.36 44.78 -27.12
N LYS D 76 -31.55 44.21 -27.35
CA LYS D 76 -32.58 44.15 -26.33
C LYS D 76 -32.27 43.08 -25.28
N LEU D 77 -32.16 43.50 -24.03
CA LEU D 77 -32.03 42.56 -22.92
C LEU D 77 -33.38 41.90 -22.65
N LEU D 78 -33.35 40.59 -22.43
CA LEU D 78 -34.54 39.81 -22.12
C LEU D 78 -34.52 39.54 -20.61
N ILE D 79 -35.22 40.35 -19.85
CA ILE D 79 -35.16 40.30 -18.39
C ILE D 79 -36.46 39.68 -17.86
N GLY D 80 -36.35 38.60 -17.13
CA GLY D 80 -37.54 38.01 -16.54
C GLY D 80 -37.95 38.69 -15.24
N GLU D 81 -39.19 38.41 -14.78
CA GLU D 81 -39.66 38.95 -13.51
C GLU D 81 -39.74 37.90 -12.39
N ASN D 82 -39.53 36.64 -12.72
CA ASN D 82 -39.47 35.58 -11.72
C ASN D 82 -38.50 34.53 -12.25
N THR D 83 -38.16 33.57 -11.39
CA THR D 83 -37.07 32.65 -11.71
C THR D 83 -37.32 31.89 -13.00
N GLN D 84 -38.51 31.30 -13.16
CA GLN D 84 -38.78 30.53 -14.37
C GLN D 84 -38.70 31.40 -15.62
N GLU D 85 -39.24 32.63 -15.56
CA GLU D 85 -39.16 33.53 -16.71
C GLU D 85 -37.74 33.92 -17.04
N MET D 86 -36.93 34.15 -16.01
CA MET D 86 -35.54 34.56 -16.24
C MET D 86 -34.77 33.44 -16.93
N LEU D 87 -34.96 32.21 -16.46
CA LEU D 87 -34.32 31.07 -17.13
C LEU D 87 -34.79 30.96 -18.57
N GLN D 88 -36.11 31.08 -18.78
CA GLN D 88 -36.63 31.00 -20.13
C GLN D 88 -36.09 32.14 -21.01
N CYS D 89 -35.95 33.35 -20.44
CA CYS D 89 -35.36 34.46 -21.19
C CYS D 89 -33.92 34.16 -21.60
N ASP D 90 -33.14 33.59 -20.68
CA ASP D 90 -31.79 33.18 -21.04
C ASP D 90 -31.83 32.15 -22.17
N LEU D 91 -32.76 31.18 -22.08
CA LEU D 91 -32.85 30.15 -23.10
C LEU D 91 -33.22 30.76 -24.46
N ASN D 92 -34.20 31.68 -24.47
CA ASN D 92 -34.58 32.34 -25.72
C ASN D 92 -33.40 33.06 -26.35
N LEU D 93 -32.63 33.79 -25.53
CA LEU D 93 -31.45 34.47 -26.04
C LEU D 93 -30.44 33.48 -26.62
N GLU D 94 -30.20 32.37 -25.92
CA GLU D 94 -29.21 31.40 -26.39
C GLU D 94 -29.63 30.73 -27.69
N LEU D 95 -30.93 30.47 -27.87
CA LEU D 95 -31.36 29.85 -29.12
C LEU D 95 -31.13 30.79 -30.30
N LYS D 96 -31.37 32.09 -30.11
CA LYS D 96 -31.05 33.04 -31.16
C LYS D 96 -29.54 33.10 -31.40
N ALA D 97 -28.76 33.07 -30.32
CA ALA D 97 -27.30 33.13 -30.44
C ALA D 97 -26.75 31.98 -31.26
N THR D 98 -27.28 30.77 -31.06
CA THR D 98 -26.72 29.62 -31.78
C THR D 98 -27.13 29.65 -33.24
N LYS D 99 -28.32 30.14 -33.57
CA LYS D 99 -28.69 30.35 -34.97
C LYS D 99 -27.67 31.24 -35.66
N ASP D 100 -27.34 32.35 -35.03
CA ASP D 100 -26.40 33.29 -35.60
C ASP D 100 -25.00 32.69 -35.70
N LEU D 101 -24.59 31.89 -34.72
CA LEU D 101 -23.29 31.22 -34.79
C LEU D 101 -23.21 30.27 -35.99
N ARG D 102 -24.27 29.50 -36.22
CA ARG D 102 -24.26 28.57 -37.34
C ARG D 102 -24.13 29.30 -38.66
N GLU D 103 -24.85 30.42 -38.83
CA GLU D 103 -24.77 31.19 -40.06
C GLU D 103 -23.38 31.79 -40.26
N ALA D 104 -22.77 32.25 -39.16
CA ALA D 104 -21.41 32.77 -39.24
C ALA D 104 -20.41 31.68 -39.64
N ILE D 105 -20.58 30.46 -39.13
CA ILE D 105 -19.67 29.38 -39.47
C ILE D 105 -19.78 29.03 -40.96
N VAL D 106 -21.01 28.94 -41.46
CA VAL D 106 -21.23 28.69 -42.87
C VAL D 106 -20.39 29.65 -43.71
N HIS D 107 -20.48 30.94 -43.40
CA HIS D 107 -19.77 31.92 -44.21
C HIS D 107 -18.26 31.79 -44.06
N CYS D 108 -17.77 31.57 -42.83
CA CYS D 108 -16.33 31.36 -42.65
C CYS D 108 -15.82 30.19 -43.50
N GLU D 109 -16.57 29.09 -43.53
CA GLU D 109 -16.17 27.94 -44.32
C GLU D 109 -16.10 28.30 -45.80
N GLN D 110 -17.07 29.09 -46.28
CA GLN D 110 -17.15 29.44 -47.70
C GLN D 110 -15.94 30.25 -48.16
N VAL D 111 -15.44 31.16 -47.32
CA VAL D 111 -14.30 32.00 -47.68
C VAL D 111 -13.00 31.49 -47.06
N HIS D 112 -13.01 30.29 -46.51
CA HIS D 112 -11.82 29.59 -46.05
C HIS D 112 -11.15 30.26 -44.86
N ASP D 113 -11.92 30.96 -44.03
CA ASP D 113 -11.41 31.51 -42.77
C ASP D 113 -11.60 30.45 -41.69
N TYR D 114 -10.72 29.44 -41.74
CA TYR D 114 -10.90 28.25 -40.90
C TYR D 114 -10.60 28.55 -39.44
N VAL D 115 -9.75 29.55 -39.17
CA VAL D 115 -9.45 29.90 -37.78
C VAL D 115 -10.63 30.62 -37.13
N SER D 116 -11.27 31.55 -37.85
CA SER D 116 -12.49 32.16 -37.33
C SER D 116 -13.57 31.11 -37.14
N ARG D 117 -13.65 30.14 -38.06
CA ARG D 117 -14.63 29.06 -37.88
C ARG D 117 -14.38 28.32 -36.59
N ASP D 118 -13.12 27.96 -36.32
CA ASP D 118 -12.80 27.20 -35.12
C ASP D 118 -13.15 27.98 -33.85
N LEU D 119 -12.89 29.29 -33.83
CA LEU D 119 -13.29 30.11 -32.68
C LEU D 119 -14.80 30.07 -32.49
N LEU D 120 -15.55 30.22 -33.58
CA LEU D 120 -17.00 30.23 -33.46
C LEU D 120 -17.53 28.87 -33.03
N LYS D 121 -16.91 27.78 -33.50
CA LYS D 121 -17.30 26.45 -33.05
C LYS D 121 -17.11 26.27 -31.56
N ASP D 122 -15.96 26.75 -31.04
CA ASP D 122 -15.72 26.67 -29.60
C ASP D 122 -16.79 27.44 -28.83
N ILE D 123 -17.13 28.65 -29.31
CA ILE D 123 -18.19 29.43 -28.66
C ILE D 123 -19.51 28.67 -28.72
N LEU D 124 -19.83 28.11 -29.90
CA LEU D 124 -21.07 27.34 -30.05
C LEU D 124 -21.13 26.16 -29.09
N GLU D 125 -20.02 25.47 -28.88
CA GLU D 125 -20.00 24.39 -27.91
C GLU D 125 -20.36 24.89 -26.52
N SER D 126 -19.79 26.04 -26.11
CA SER D 126 -20.13 26.62 -24.82
CA SER D 126 -20.12 26.65 -24.82
C SER D 126 -21.61 27.00 -24.74
N GLU D 127 -22.13 27.64 -25.79
CA GLU D 127 -23.53 28.03 -25.78
C GLU D 127 -24.46 26.80 -25.73
N GLU D 128 -24.14 25.71 -26.43
CA GLU D 128 -24.98 24.53 -26.34
C GLU D 128 -24.92 23.90 -24.96
N GLU D 129 -23.76 23.95 -24.29
CA GLU D 129 -23.70 23.54 -22.88
C GLU D 129 -24.59 24.43 -22.02
N HIS D 130 -24.65 25.72 -22.31
CA HIS D 130 -25.54 26.58 -21.55
C HIS D 130 -27.00 26.24 -21.83
N ILE D 131 -27.34 25.97 -23.08
CA ILE D 131 -28.71 25.53 -23.39
C ILE D 131 -29.07 24.28 -22.60
N ASP D 132 -28.12 23.33 -22.52
CA ASP D 132 -28.35 22.10 -21.76
C ASP D 132 -28.65 22.43 -20.30
N TYR D 133 -27.83 23.31 -19.70
CA TYR D 133 -28.08 23.71 -18.33
C TYR D 133 -29.49 24.30 -18.18
N LEU D 134 -29.85 25.23 -19.07
CA LEU D 134 -31.13 25.94 -18.93
C LEU D 134 -32.32 25.01 -19.10
N GLU D 135 -32.31 24.19 -20.14
CA GLU D 135 -33.38 23.20 -20.33
C GLU D 135 -33.49 22.28 -19.12
N THR D 136 -32.36 21.87 -18.55
CA THR D 136 -32.36 21.02 -17.37
C THR D 136 -33.01 21.73 -16.17
N GLN D 137 -32.67 23.01 -15.94
CA GLN D 137 -33.27 23.75 -14.84
C GLN D 137 -34.78 23.85 -15.01
N LEU D 138 -35.23 24.16 -16.23
CA LEU D 138 -36.66 24.27 -16.46
C LEU D 138 -37.36 22.93 -16.24
N GLY D 139 -36.70 21.85 -16.63
CA GLY D 139 -37.22 20.52 -16.37
C GLY D 139 -37.28 20.19 -14.90
N LEU D 140 -36.26 20.62 -14.14
CA LEU D 140 -36.24 20.36 -12.70
C LEU D 140 -37.37 21.09 -11.99
N ILE D 141 -37.69 22.31 -12.41
CA ILE D 141 -38.82 23.02 -11.82
C ILE D 141 -40.09 22.19 -11.96
N GLN D 142 -40.28 21.54 -13.11
CA GLN D 142 -41.44 20.68 -13.28
C GLN D 142 -41.34 19.41 -12.42
N LYS D 143 -40.14 18.83 -12.31
CA LYS D 143 -40.01 17.55 -11.63
C LYS D 143 -40.06 17.68 -10.10
N VAL D 144 -39.42 18.70 -9.52
CA VAL D 144 -39.38 18.81 -8.05
C VAL D 144 -40.34 19.86 -7.53
N GLY D 145 -40.96 20.62 -8.41
CA GLY D 145 -41.84 21.70 -8.03
C GLY D 145 -41.06 22.99 -7.85
N LEU D 146 -41.74 24.11 -8.12
CA LEU D 146 -41.10 25.41 -8.02
C LEU D 146 -40.57 25.70 -6.62
N GLU D 147 -41.38 25.44 -5.58
CA GLU D 147 -40.92 25.76 -4.22
C GLU D 147 -39.64 24.99 -3.87
N ASN D 148 -39.59 23.69 -4.14
CA ASN D 148 -38.40 22.91 -3.88
C ASN D 148 -37.21 23.39 -4.72
N TYR D 149 -37.45 23.72 -6.00
CA TYR D 149 -36.37 24.16 -6.87
C TYR D 149 -35.73 25.43 -6.32
N LEU D 150 -36.56 26.40 -5.92
CA LEU D 150 -36.03 27.62 -5.33
C LEU D 150 -35.33 27.32 -4.01
N GLN D 151 -35.91 26.47 -3.18
CA GLN D 151 -35.27 26.11 -1.92
C GLN D 151 -33.85 25.58 -2.15
N SER D 152 -33.68 24.71 -3.15
CA SER D 152 -32.39 24.11 -3.46
C SER D 152 -31.37 25.13 -3.96
N HIS D 153 -31.79 26.35 -4.25
CA HIS D 153 -30.87 27.36 -4.76
C HIS D 153 -30.71 28.52 -3.78
N MET D 154 -31.15 28.35 -2.53
CA MET D 154 -30.96 29.38 -1.51
C MET D 154 -29.50 29.42 -1.06
N HIS D 155 -28.88 28.27 -0.83
CA HIS D 155 -27.54 28.20 -0.28
C HIS D 155 -26.57 27.66 -1.33
N GLU D 156 -25.36 28.20 -1.31
CA GLU D 156 -24.33 27.73 -2.24
C GLU D 156 -23.78 26.38 -1.80
N MET E 1 -11.52 -28.48 20.96
CA MET E 1 -12.93 -28.80 20.66
C MET E 1 -12.89 -30.10 19.88
N LYS E 2 -13.58 -31.15 20.32
CA LYS E 2 -13.36 -32.46 19.73
C LYS E 2 -13.90 -32.50 18.30
N GLY E 3 -13.03 -32.69 17.33
CA GLY E 3 -13.45 -32.75 15.95
C GLY E 3 -13.91 -34.14 15.53
N ASP E 4 -14.58 -34.17 14.38
CA ASP E 4 -14.96 -35.42 13.73
C ASP E 4 -13.71 -36.18 13.29
N LYS E 5 -13.64 -37.47 13.63
CA LYS E 5 -12.42 -38.22 13.34
C LYS E 5 -12.10 -38.25 11.84
N LYS E 6 -13.10 -38.46 10.99
CA LYS E 6 -12.85 -38.52 9.56
C LYS E 6 -12.52 -37.14 8.98
N VAL E 7 -13.06 -36.05 9.54
CA VAL E 7 -12.59 -34.72 9.17
C VAL E 7 -11.08 -34.62 9.42
N ILE E 8 -10.64 -34.97 10.62
CA ILE E 8 -9.23 -34.89 10.95
C ILE E 8 -8.40 -35.75 9.99
N GLN E 9 -8.90 -36.95 9.65
CA GLN E 9 -8.19 -37.77 8.69
C GLN E 9 -8.02 -37.03 7.36
N HIS E 10 -9.10 -36.42 6.87
CA HIS E 10 -9.04 -35.67 5.62
C HIS E 10 -8.06 -34.50 5.75
N LEU E 11 -8.14 -33.76 6.85
CA LEU E 11 -7.21 -32.64 7.03
C LEU E 11 -5.78 -33.12 7.00
N ASN E 12 -5.49 -34.27 7.64
CA ASN E 12 -4.14 -34.80 7.58
C ASN E 12 -3.76 -35.24 6.19
N LYS E 13 -4.71 -35.73 5.39
CA LYS E 13 -4.40 -36.09 4.01
C LYS E 13 -4.04 -34.85 3.20
N ILE E 14 -4.79 -33.79 3.36
CA ILE E 14 -4.46 -32.56 2.64
CA ILE E 14 -4.48 -32.53 2.67
C ILE E 14 -3.11 -32.01 3.13
N LEU E 15 -2.88 -32.04 4.45
CA LEU E 15 -1.58 -31.63 4.98
C LEU E 15 -0.46 -32.44 4.34
N GLY E 16 -0.64 -33.76 4.24
CA GLY E 16 0.36 -34.58 3.56
C GLY E 16 0.65 -34.09 2.15
N ASN E 17 -0.39 -33.74 1.40
CA ASN E 17 -0.18 -33.21 0.05
C ASN E 17 0.60 -31.91 0.09
N GLU E 18 0.28 -31.03 1.04
CA GLU E 18 0.97 -29.75 1.14
C GLU E 18 2.45 -29.97 1.47
N LEU E 19 2.76 -30.96 2.31
CA LEU E 19 4.15 -31.21 2.68
C LEU E 19 4.95 -31.72 1.47
N ILE E 20 4.35 -32.54 0.61
CA ILE E 20 5.03 -32.92 -0.63
C ILE E 20 5.32 -31.67 -1.46
N ALA E 21 4.30 -30.84 -1.63
CA ALA E 21 4.41 -29.66 -2.48
C ALA E 21 5.46 -28.69 -1.96
N ILE E 22 5.50 -28.45 -0.63
CA ILE E 22 6.54 -27.59 -0.07
C ILE E 22 7.92 -28.03 -0.54
N ASN E 23 8.23 -29.33 -0.41
CA ASN E 23 9.57 -29.78 -0.73
C ASN E 23 9.82 -29.82 -2.24
N GLN E 24 8.82 -30.26 -3.00
CA GLN E 24 8.94 -30.33 -4.45
C GLN E 24 9.19 -28.93 -5.01
N TYR E 25 8.39 -27.97 -4.57
CA TYR E 25 8.56 -26.62 -5.09
C TYR E 25 9.86 -26.00 -4.62
N PHE E 26 10.28 -26.27 -3.37
CA PHE E 26 11.53 -25.68 -2.94
C PHE E 26 12.70 -26.21 -3.76
N LEU E 27 12.72 -27.52 -4.03
CA LEU E 27 13.81 -28.09 -4.79
C LEU E 27 13.78 -27.58 -6.23
N HIS E 28 12.59 -27.56 -6.84
CA HIS E 28 12.50 -26.98 -8.18
C HIS E 28 13.00 -25.53 -8.21
N SER E 29 12.64 -24.74 -7.19
CA SER E 29 13.11 -23.37 -7.13
C SER E 29 14.63 -23.31 -7.15
N ARG E 30 15.29 -24.12 -6.32
CA ARG E 30 16.74 -24.04 -6.23
C ARG E 30 17.41 -24.66 -7.44
N MET E 31 16.75 -25.61 -8.13
CA MET E 31 17.28 -26.07 -9.41
C MET E 31 17.25 -24.95 -10.44
N TRP E 32 16.13 -24.24 -10.54
CA TRP E 32 16.05 -23.12 -11.48
C TRP E 32 17.08 -22.05 -11.14
N ASN E 33 17.28 -21.74 -9.85
CA ASN E 33 18.31 -20.75 -9.51
C ASN E 33 19.70 -21.23 -9.94
N ASP E 34 20.02 -22.50 -9.69
CA ASP E 34 21.30 -23.07 -10.05
C ASP E 34 21.53 -23.00 -11.56
N TRP E 35 20.46 -23.10 -12.35
CA TRP E 35 20.58 -23.00 -13.81
C TRP E 35 20.57 -21.56 -14.32
N GLY E 36 20.45 -20.56 -13.45
CA GLY E 36 20.41 -19.19 -13.92
C GLY E 36 19.05 -18.71 -14.34
N LEU E 37 18.01 -19.47 -14.06
CA LEU E 37 16.63 -19.09 -14.37
C LEU E 37 15.97 -18.52 -13.12
N LYS E 38 16.47 -17.33 -12.75
CA LYS E 38 16.17 -16.77 -11.43
C LYS E 38 14.72 -16.32 -11.29
N ARG E 39 14.08 -15.92 -12.39
CA ARG E 39 12.68 -15.52 -12.28
C ARG E 39 11.81 -16.72 -11.97
N LEU E 40 12.07 -17.87 -12.63
CA LEU E 40 11.38 -19.10 -12.26
C LEU E 40 11.72 -19.52 -10.85
N GLY E 41 12.99 -19.40 -10.46
CA GLY E 41 13.37 -19.80 -9.12
C GLY E 41 12.64 -18.97 -8.07
N ALA E 42 12.51 -17.67 -8.31
CA ALA E 42 11.83 -16.79 -7.37
C ALA E 42 10.35 -17.09 -7.29
N HIS E 43 9.69 -17.27 -8.44
CA HIS E 43 8.27 -17.58 -8.41
C HIS E 43 8.01 -18.91 -7.71
N GLU E 44 8.83 -19.92 -8.01
CA GLU E 44 8.62 -21.24 -7.43
C GLU E 44 8.89 -21.23 -5.93
N TYR E 45 9.87 -20.43 -5.48
CA TYR E 45 10.07 -20.21 -4.05
C TYR E 45 8.81 -19.67 -3.38
N HIS E 46 8.16 -18.69 -4.02
CA HIS E 46 6.96 -18.14 -3.41
C HIS E 46 5.82 -19.14 -3.40
N GLU E 47 5.77 -20.05 -4.39
CA GLU E 47 4.79 -21.14 -4.37
C GLU E 47 5.04 -22.06 -3.17
N SER E 48 6.30 -22.36 -2.89
CA SER E 48 6.65 -23.16 -1.73
C SER E 48 6.18 -22.48 -0.44
N ILE E 49 6.45 -21.18 -0.32
CA ILE E 49 6.03 -20.45 0.88
C ILE E 49 4.50 -20.46 1.02
N ASP E 50 3.78 -20.31 -0.10
CA ASP E 50 2.33 -20.33 -0.03
C ASP E 50 1.84 -21.67 0.49
N GLU E 51 2.48 -22.75 0.07
CA GLU E 51 2.09 -24.07 0.57
C GLU E 51 2.39 -24.19 2.06
N MET E 52 3.50 -23.59 2.51
CA MET E 52 3.81 -23.59 3.94
C MET E 52 2.71 -22.90 4.72
N LYS E 53 2.20 -21.79 4.20
CA LYS E 53 1.12 -21.08 4.89
C LYS E 53 -0.13 -21.96 4.99
N HIS E 54 -0.47 -22.68 3.92
CA HIS E 54 -1.61 -23.59 3.98
C HIS E 54 -1.38 -24.70 4.99
N ALA E 55 -0.17 -25.26 4.99
CA ALA E 55 0.15 -26.32 5.94
C ALA E 55 0.02 -25.83 7.38
N ASP E 56 0.46 -24.60 7.62
CA ASP E 56 0.34 -23.99 8.95
C ASP E 56 -1.10 -23.95 9.39
N LYS E 57 -2.01 -23.48 8.51
CA LYS E 57 -3.40 -23.37 8.89
C LYS E 57 -4.01 -24.74 9.14
N LEU E 58 -3.59 -25.75 8.35
CA LEU E 58 -4.09 -27.10 8.57
C LEU E 58 -3.63 -27.65 9.92
N ILE E 59 -2.35 -27.45 10.24
CA ILE E 59 -1.81 -27.91 11.51
C ILE E 59 -2.53 -27.26 12.67
N GLU E 60 -2.76 -25.95 12.59
CA GLU E 60 -3.47 -25.24 13.66
C GLU E 60 -4.89 -25.78 13.82
N ARG E 61 -5.57 -26.03 12.70
CA ARG E 61 -6.95 -26.51 12.75
C ARG E 61 -7.01 -27.92 13.34
N ILE E 62 -6.07 -28.78 12.95
CA ILE E 62 -6.07 -30.14 13.48
C ILE E 62 -5.85 -30.12 14.98
N LEU E 63 -4.91 -29.31 15.46
CA LEU E 63 -4.65 -29.22 16.89
C LEU E 63 -5.87 -28.68 17.63
N PHE E 64 -6.55 -27.67 17.06
CA PHE E 64 -7.75 -27.15 17.72
C PHE E 64 -8.79 -28.25 17.86
N LEU E 65 -8.90 -29.11 16.86
CA LEU E 65 -9.87 -30.19 16.85
C LEU E 65 -9.40 -31.42 17.62
N GLU E 66 -8.27 -31.29 18.33
CA GLU E 66 -7.76 -32.32 19.25
C GLU E 66 -7.30 -33.57 18.49
N GLY E 67 -6.82 -33.36 17.26
CA GLY E 67 -6.14 -34.38 16.51
C GLY E 67 -4.64 -34.17 16.52
N LEU E 68 -3.93 -35.14 15.93
CA LEU E 68 -2.47 -35.09 15.85
C LEU E 68 -2.06 -34.79 14.42
N PRO E 69 -1.45 -33.63 14.14
CA PRO E 69 -1.00 -33.36 12.76
C PRO E 69 0.13 -34.29 12.36
N ASN E 70 -0.02 -34.94 11.20
CA ASN E 70 1.00 -35.87 10.70
C ASN E 70 2.00 -35.12 9.83
N LEU E 71 3.18 -34.82 10.38
CA LEU E 71 4.28 -34.27 9.59
C LEU E 71 5.37 -35.30 9.34
N GLN E 72 5.11 -36.58 9.65
CA GLN E 72 6.11 -37.63 9.56
C GLN E 72 6.07 -38.32 8.22
N ASP E 73 4.87 -38.51 7.67
CA ASP E 73 4.70 -39.28 6.46
C ASP E 73 4.83 -38.32 5.30
N LEU E 74 5.85 -38.53 4.50
CA LEU E 74 6.11 -37.73 3.32
C LEU E 74 5.95 -38.61 2.09
N GLY E 75 4.97 -38.28 1.26
CA GLY E 75 4.73 -38.99 0.02
C GLY E 75 5.74 -38.64 -1.07
N LYS E 76 5.44 -39.12 -2.28
CA LYS E 76 6.44 -39.10 -3.35
C LYS E 76 6.58 -37.72 -3.97
N LEU E 77 7.80 -37.20 -3.95
CA LEU E 77 8.11 -35.96 -4.66
C LEU E 77 8.20 -36.25 -6.14
N LEU E 78 7.59 -35.39 -6.94
CA LEU E 78 7.62 -35.50 -8.40
C LEU E 78 8.62 -34.47 -8.90
N ILE E 79 9.85 -34.89 -9.15
CA ILE E 79 10.93 -33.97 -9.48
C ILE E 79 11.22 -34.09 -10.97
N GLY E 80 11.16 -32.99 -11.67
CA GLY E 80 11.49 -33.02 -13.09
C GLY E 80 12.98 -32.93 -13.34
N GLU E 81 13.39 -33.21 -14.60
CA GLU E 81 14.79 -33.06 -15.00
C GLU E 81 15.03 -31.88 -15.94
N ASN E 82 13.98 -31.17 -16.33
CA ASN E 82 14.12 -29.93 -17.09
C ASN E 82 12.88 -29.08 -16.80
N THR E 83 12.90 -27.84 -17.27
CA THR E 83 11.82 -26.90 -16.95
C THR E 83 10.44 -27.45 -17.32
N GLN E 84 10.33 -28.00 -18.55
CA GLN E 84 9.05 -28.52 -19.01
C GLN E 84 8.50 -29.58 -18.05
N GLU E 85 9.37 -30.52 -17.66
CA GLU E 85 8.98 -31.60 -16.77
C GLU E 85 8.68 -31.10 -15.37
N MET E 86 9.49 -30.15 -14.88
CA MET E 86 9.23 -29.63 -13.54
C MET E 86 7.86 -28.98 -13.44
N LEU E 87 7.49 -28.16 -14.45
CA LEU E 87 6.18 -27.55 -14.45
C LEU E 87 5.09 -28.60 -14.51
N GLN E 88 5.25 -29.62 -15.38
CA GLN E 88 4.23 -30.65 -15.45
C GLN E 88 4.15 -31.48 -14.17
N CYS E 89 5.28 -31.72 -13.51
CA CYS E 89 5.23 -32.42 -12.23
C CYS E 89 4.46 -31.60 -11.19
N ASP E 90 4.69 -30.29 -11.18
CA ASP E 90 3.91 -29.45 -10.27
C ASP E 90 2.42 -29.54 -10.60
N LEU E 91 2.08 -29.53 -11.88
CA LEU E 91 0.67 -29.59 -12.25
C LEU E 91 0.06 -30.93 -11.88
N ASN E 92 0.79 -32.03 -12.12
CA ASN E 92 0.29 -33.35 -11.75
C ASN E 92 -0.01 -33.41 -10.26
N LEU E 93 0.88 -32.83 -9.44
CA LEU E 93 0.69 -32.83 -8.00
C LEU E 93 -0.52 -31.98 -7.61
N GLU E 94 -0.69 -30.82 -8.26
CA GLU E 94 -1.81 -29.92 -7.95
C GLU E 94 -3.15 -30.54 -8.33
N LEU E 95 -3.20 -31.30 -9.43
CA LEU E 95 -4.45 -31.94 -9.80
C LEU E 95 -4.85 -33.03 -8.79
N LYS E 96 -3.89 -33.78 -8.26
CA LYS E 96 -4.19 -34.69 -7.17
C LYS E 96 -4.63 -33.93 -5.91
N ALA E 97 -3.98 -32.81 -5.62
CA ALA E 97 -4.31 -32.04 -4.43
C ALA E 97 -5.77 -31.55 -4.48
N THR E 98 -6.21 -31.07 -5.65
CA THR E 98 -7.57 -30.53 -5.72
C THR E 98 -8.61 -31.64 -5.65
N LYS E 99 -8.31 -32.81 -6.19
CA LYS E 99 -9.22 -33.94 -6.02
C LYS E 99 -9.40 -34.25 -4.52
N ASP E 100 -8.31 -34.31 -3.78
CA ASP E 100 -8.43 -34.60 -2.36
C ASP E 100 -9.15 -33.49 -1.61
N LEU E 101 -8.94 -32.23 -2.02
CA LEU E 101 -9.63 -31.12 -1.35
C LEU E 101 -11.13 -31.21 -1.53
N ARG E 102 -11.58 -31.54 -2.75
CA ARG E 102 -13.01 -31.66 -3.00
C ARG E 102 -13.63 -32.77 -2.16
N GLU E 103 -12.97 -33.92 -2.07
CA GLU E 103 -13.51 -34.99 -1.24
C GLU E 103 -13.55 -34.58 0.22
N ALA E 104 -12.56 -33.84 0.70
CA ALA E 104 -12.58 -33.38 2.09
C ALA E 104 -13.72 -32.40 2.34
N ILE E 105 -13.97 -31.48 1.41
CA ILE E 105 -15.08 -30.53 1.56
C ILE E 105 -16.42 -31.25 1.63
N VAL E 106 -16.63 -32.25 0.77
CA VAL E 106 -17.86 -33.05 0.81
C VAL E 106 -18.09 -33.57 2.22
N HIS E 107 -17.04 -34.12 2.83
CA HIS E 107 -17.27 -34.72 4.14
C HIS E 107 -17.50 -33.66 5.21
N CYS E 108 -16.73 -32.56 5.17
CA CYS E 108 -16.96 -31.46 6.11
C CYS E 108 -18.40 -30.99 6.06
N GLU E 109 -18.95 -30.84 4.85
CA GLU E 109 -20.34 -30.41 4.71
C GLU E 109 -21.28 -31.41 5.36
N GLN E 110 -21.02 -32.70 5.16
CA GLN E 110 -21.94 -33.74 5.65
C GLN E 110 -22.01 -33.74 7.17
N VAL E 111 -20.88 -33.48 7.86
CA VAL E 111 -20.87 -33.50 9.32
C VAL E 111 -20.97 -32.09 9.90
N HIS E 112 -21.31 -31.10 9.08
CA HIS E 112 -21.59 -29.73 9.53
C HIS E 112 -20.37 -29.01 10.09
N ASP E 113 -19.15 -29.42 9.67
CA ASP E 113 -17.91 -28.72 10.05
C ASP E 113 -17.66 -27.61 9.03
N TYR E 114 -18.46 -26.55 9.17
CA TYR E 114 -18.46 -25.50 8.16
C TYR E 114 -17.19 -24.65 8.21
N VAL E 115 -16.55 -24.53 9.38
CA VAL E 115 -15.30 -23.78 9.46
C VAL E 115 -14.16 -24.53 8.77
N SER E 116 -14.09 -25.86 8.98
CA SER E 116 -13.09 -26.62 8.24
C SER E 116 -13.36 -26.53 6.74
N ARG E 117 -14.63 -26.63 6.33
CA ARG E 117 -14.95 -26.48 4.91
C ARG E 117 -14.42 -25.16 4.35
N ASP E 118 -14.64 -24.07 5.08
CA ASP E 118 -14.20 -22.75 4.60
C ASP E 118 -12.68 -22.68 4.47
N LEU E 119 -11.94 -23.26 5.42
CA LEU E 119 -10.49 -23.31 5.30
C LEU E 119 -10.08 -24.09 4.05
N LEU E 120 -10.70 -25.24 3.82
CA LEU E 120 -10.33 -26.03 2.65
C LEU E 120 -10.73 -25.33 1.36
N LYS E 121 -11.86 -24.62 1.37
CA LYS E 121 -12.24 -23.86 0.18
C LYS E 121 -11.21 -22.78 -0.14
N ASP E 122 -10.71 -22.07 0.88
CA ASP E 122 -9.68 -21.07 0.63
C ASP E 122 -8.43 -21.70 0.05
N ILE E 123 -8.02 -22.86 0.59
CA ILE E 123 -6.86 -23.56 0.06
C ILE E 123 -7.11 -23.99 -1.38
N LEU E 124 -8.31 -24.51 -1.67
CA LEU E 124 -8.65 -24.93 -3.02
C LEU E 124 -8.58 -23.75 -4.00
N GLU E 125 -9.03 -22.56 -3.58
CA GLU E 125 -8.90 -21.37 -4.42
C GLU E 125 -7.45 -21.07 -4.74
N SER E 126 -6.56 -21.18 -3.75
CA SER E 126 -5.13 -20.96 -3.99
CA SER E 126 -5.14 -20.96 -4.00
C SER E 126 -4.57 -22.03 -4.93
N GLU E 127 -4.97 -23.27 -4.75
CA GLU E 127 -4.45 -24.34 -5.60
C GLU E 127 -4.94 -24.18 -7.04
N GLU E 128 -6.19 -23.75 -7.24
CA GLU E 128 -6.64 -23.52 -8.62
C GLU E 128 -5.94 -22.31 -9.25
N GLU E 129 -5.60 -21.29 -8.48
CA GLU E 129 -4.76 -20.23 -9.02
C GLU E 129 -3.38 -20.77 -9.40
N HIS E 130 -2.86 -21.73 -8.64
CA HIS E 130 -1.58 -22.32 -9.00
C HIS E 130 -1.71 -23.14 -10.29
N ILE E 131 -2.81 -23.90 -10.43
CA ILE E 131 -3.06 -24.64 -11.66
C ILE E 131 -3.13 -23.68 -12.85
N ASP E 132 -3.83 -22.56 -12.68
CA ASP E 132 -3.87 -21.55 -13.73
C ASP E 132 -2.47 -21.12 -14.12
N TYR E 133 -1.65 -20.77 -13.12
CA TYR E 133 -0.27 -20.35 -13.42
C TYR E 133 0.47 -21.43 -14.20
N LEU E 134 0.36 -22.68 -13.76
CA LEU E 134 1.14 -23.74 -14.38
C LEU E 134 0.68 -24.02 -15.80
N GLU E 135 -0.64 -24.14 -15.99
CA GLU E 135 -1.18 -24.32 -17.33
C GLU E 135 -0.76 -23.17 -18.25
N THR E 136 -0.75 -21.96 -17.72
CA THR E 136 -0.33 -20.81 -18.50
C THR E 136 1.16 -20.89 -18.87
N GLN E 137 2.02 -21.32 -17.95
CA GLN E 137 3.44 -21.42 -18.27
C GLN E 137 3.67 -22.46 -19.37
N LEU E 138 2.99 -23.60 -19.26
CA LEU E 138 3.13 -24.61 -20.30
C LEU E 138 2.61 -24.10 -21.65
N GLY E 139 1.52 -23.33 -21.63
CA GLY E 139 1.02 -22.72 -22.86
C GLY E 139 2.00 -21.72 -23.43
N LEU E 140 2.66 -20.94 -22.57
CA LEU E 140 3.64 -19.96 -23.05
C LEU E 140 4.85 -20.64 -23.66
N ILE E 141 5.28 -21.78 -23.11
CA ILE E 141 6.36 -22.52 -23.75
C ILE E 141 6.00 -22.85 -25.19
N GLN E 142 4.74 -23.22 -25.43
CA GLN E 142 4.28 -23.46 -26.79
C GLN E 142 4.26 -22.18 -27.62
N LYS E 143 3.72 -21.08 -27.06
CA LYS E 143 3.42 -19.90 -27.86
C LYS E 143 4.67 -19.06 -28.16
N VAL E 144 5.61 -18.95 -27.21
CA VAL E 144 6.83 -18.18 -27.47
C VAL E 144 8.03 -19.06 -27.79
N GLY E 145 7.91 -20.37 -27.64
CA GLY E 145 8.98 -21.34 -27.86
C GLY E 145 9.85 -21.49 -26.63
N LEU E 146 10.49 -22.64 -26.52
CA LEU E 146 11.19 -22.93 -25.26
C LEU E 146 12.35 -21.98 -25.01
N GLU E 147 13.15 -21.72 -26.04
CA GLU E 147 14.32 -20.85 -25.87
C GLU E 147 13.91 -19.46 -25.38
N ASN E 148 12.89 -18.87 -26.01
CA ASN E 148 12.38 -17.58 -25.53
C ASN E 148 11.80 -17.69 -24.13
N TYR E 149 11.03 -18.75 -23.85
CA TYR E 149 10.44 -18.89 -22.52
C TYR E 149 11.55 -18.89 -21.46
N LEU E 150 12.60 -19.66 -21.69
CA LEU E 150 13.68 -19.73 -20.71
C LEU E 150 14.40 -18.39 -20.62
N GLN E 151 14.63 -17.76 -21.77
CA GLN E 151 15.28 -16.46 -21.79
C GLN E 151 14.53 -15.45 -20.92
N SER E 152 13.21 -15.43 -21.02
CA SER E 152 12.37 -14.51 -20.26
C SER E 152 12.43 -14.76 -18.77
N HIS E 153 12.97 -15.90 -18.33
CA HIS E 153 13.01 -16.23 -16.91
C HIS E 153 14.45 -16.22 -16.36
N MET E 154 15.38 -15.64 -17.11
CA MET E 154 16.75 -15.50 -16.63
C MET E 154 16.84 -14.40 -15.59
N HIS E 155 16.27 -13.25 -15.88
CA HIS E 155 16.44 -12.06 -15.02
C HIS E 155 15.23 -11.84 -14.12
N MET F 1 -8.02 -25.44 -17.15
CA MET F 1 -8.52 -26.61 -16.35
C MET F 1 -9.93 -26.91 -16.84
N LYS F 2 -10.19 -28.16 -17.23
CA LYS F 2 -11.46 -28.48 -17.88
C LYS F 2 -12.60 -28.37 -16.89
N GLY F 3 -13.51 -27.42 -17.12
CA GLY F 3 -14.67 -27.26 -16.26
C GLY F 3 -15.84 -28.12 -16.70
N ASP F 4 -16.82 -28.20 -15.80
CA ASP F 4 -18.08 -28.86 -16.07
C ASP F 4 -18.87 -28.04 -17.11
N LYS F 5 -19.37 -28.73 -18.14
CA LYS F 5 -20.07 -28.02 -19.21
C LYS F 5 -21.28 -27.24 -18.71
N LYS F 6 -22.06 -27.83 -17.80
CA LYS F 6 -23.24 -27.12 -17.29
C LYS F 6 -22.86 -25.98 -16.37
N VAL F 7 -21.77 -26.11 -15.59
CA VAL F 7 -21.29 -24.95 -14.83
C VAL F 7 -21.00 -23.80 -15.78
N ILE F 8 -20.28 -24.08 -16.87
CA ILE F 8 -19.91 -23.03 -17.81
C ILE F 8 -21.15 -22.41 -18.43
N GLN F 9 -22.17 -23.24 -18.75
CA GLN F 9 -23.44 -22.71 -19.24
C GLN F 9 -24.07 -21.75 -18.24
N HIS F 10 -24.09 -22.16 -16.96
CA HIS F 10 -24.61 -21.30 -15.89
C HIS F 10 -23.81 -20.00 -15.79
N LEU F 11 -22.47 -20.10 -15.81
CA LEU F 11 -21.65 -18.89 -15.73
C LEU F 11 -21.94 -17.95 -16.89
N ASN F 12 -22.12 -18.50 -18.10
CA ASN F 12 -22.47 -17.64 -19.23
C ASN F 12 -23.85 -17.03 -19.06
N LYS F 13 -24.78 -17.75 -18.41
CA LYS F 13 -26.10 -17.19 -18.17
C LYS F 13 -26.02 -16.01 -17.21
N ILE F 14 -25.23 -16.16 -16.14
CA ILE F 14 -25.07 -15.07 -15.20
CA ILE F 14 -25.03 -15.07 -15.17
C ILE F 14 -24.32 -13.91 -15.85
N LEU F 15 -23.30 -14.22 -16.65
CA LEU F 15 -22.61 -13.17 -17.42
C LEU F 15 -23.59 -12.41 -18.30
N GLY F 16 -24.50 -13.12 -18.96
CA GLY F 16 -25.50 -12.44 -19.78
C GLY F 16 -26.34 -11.48 -18.97
N ASN F 17 -26.75 -11.89 -17.76
CA ASN F 17 -27.49 -11.00 -16.89
C ASN F 17 -26.67 -9.77 -16.53
N GLU F 18 -25.39 -9.96 -16.21
CA GLU F 18 -24.52 -8.84 -15.87
C GLU F 18 -24.41 -7.87 -17.04
N LEU F 19 -24.28 -8.40 -18.26
CA LEU F 19 -24.16 -7.54 -19.44
C LEU F 19 -25.42 -6.69 -19.65
N ILE F 20 -26.60 -7.25 -19.44
CA ILE F 20 -27.84 -6.45 -19.49
C ILE F 20 -27.74 -5.31 -18.48
N ALA F 21 -27.38 -5.66 -17.25
CA ALA F 21 -27.37 -4.70 -16.16
C ALA F 21 -26.36 -3.58 -16.43
N ILE F 22 -25.18 -3.91 -16.95
CA ILE F 22 -24.19 -2.87 -17.25
C ILE F 22 -24.82 -1.80 -18.13
N ASN F 23 -25.51 -2.22 -19.18
CA ASN F 23 -26.07 -1.27 -20.14
C ASN F 23 -27.29 -0.55 -19.58
N GLN F 24 -28.16 -1.28 -18.88
CA GLN F 24 -29.35 -0.68 -18.30
C GLN F 24 -28.97 0.38 -17.28
N TYR F 25 -28.03 0.06 -16.40
CA TYR F 25 -27.61 1.00 -15.38
C TYR F 25 -26.86 2.18 -16.00
N PHE F 26 -26.02 1.92 -17.01
CA PHE F 26 -25.31 3.04 -17.61
C PHE F 26 -26.26 4.02 -18.27
N LEU F 27 -27.24 3.51 -19.02
CA LEU F 27 -28.21 4.39 -19.65
C LEU F 27 -29.05 5.13 -18.60
N HIS F 28 -29.53 4.42 -17.57
CA HIS F 28 -30.28 5.08 -16.51
C HIS F 28 -29.45 6.19 -15.89
N SER F 29 -28.16 5.91 -15.66
CA SER F 29 -27.26 6.92 -15.10
C SER F 29 -27.23 8.17 -15.95
N ARG F 30 -27.04 8.01 -17.26
CA ARG F 30 -26.92 9.16 -18.14
C ARG F 30 -28.25 9.87 -18.33
N MET F 31 -29.38 9.15 -18.25
CA MET F 31 -30.68 9.80 -18.26
C MET F 31 -30.84 10.69 -17.04
N TRP F 32 -30.51 10.16 -15.85
CA TRP F 32 -30.60 10.97 -14.64
C TRP F 32 -29.67 12.18 -14.71
N ASN F 33 -28.44 12.01 -15.22
CA ASN F 33 -27.55 13.17 -15.37
C ASN F 33 -28.14 14.21 -16.31
N ASP F 34 -28.73 13.77 -17.43
CA ASP F 34 -29.31 14.70 -18.39
C ASP F 34 -30.48 15.47 -17.79
N TRP F 35 -31.18 14.87 -16.83
CA TRP F 35 -32.29 15.51 -16.12
C TRP F 35 -31.83 16.39 -14.97
N GLY F 36 -30.54 16.45 -14.68
CA GLY F 36 -30.06 17.22 -13.55
C GLY F 36 -30.14 16.53 -12.22
N LEU F 37 -30.34 15.21 -12.22
CA LEU F 37 -30.45 14.43 -10.99
C LEU F 37 -29.12 13.72 -10.77
N LYS F 38 -28.12 14.54 -10.48
CA LYS F 38 -26.74 14.07 -10.59
C LYS F 38 -26.36 13.08 -9.50
N ARG F 39 -27.02 13.13 -8.34
CA ARG F 39 -26.70 12.16 -7.30
C ARG F 39 -27.18 10.76 -7.69
N LEU F 40 -28.39 10.67 -8.27
CA LEU F 40 -28.85 9.41 -8.85
C LEU F 40 -27.96 8.98 -10.01
N GLY F 41 -27.57 9.92 -10.86
CA GLY F 41 -26.72 9.55 -11.97
C GLY F 41 -25.41 8.96 -11.52
N ALA F 42 -24.77 9.61 -10.53
CA ALA F 42 -23.50 9.12 -10.02
C ALA F 42 -23.65 7.74 -9.38
N HIS F 43 -24.70 7.54 -8.58
CA HIS F 43 -24.83 6.27 -7.90
C HIS F 43 -25.09 5.15 -8.89
N GLU F 44 -25.94 5.42 -9.89
CA GLU F 44 -26.25 4.41 -10.90
C GLU F 44 -25.04 4.10 -11.78
N TYR F 45 -24.19 5.11 -12.05
CA TYR F 45 -22.93 4.85 -12.73
C TYR F 45 -22.08 3.87 -11.95
N HIS F 46 -21.96 4.07 -10.65
CA HIS F 46 -21.18 3.13 -9.84
C HIS F 46 -21.80 1.74 -9.82
N GLU F 47 -23.15 1.62 -9.90
CA GLU F 47 -23.77 0.31 -10.02
C GLU F 47 -23.35 -0.36 -11.33
N SER F 48 -23.31 0.40 -12.42
CA SER F 48 -22.87 -0.15 -13.71
C SER F 48 -21.43 -0.67 -13.62
N ILE F 49 -20.55 0.11 -13.02
CA ILE F 49 -19.15 -0.30 -12.87
C ILE F 49 -19.03 -1.55 -12.02
N ASP F 50 -19.82 -1.65 -10.96
CA ASP F 50 -19.79 -2.84 -10.13
CA ASP F 50 -19.81 -2.84 -10.11
C ASP F 50 -20.18 -4.08 -10.92
N GLU F 51 -21.19 -3.94 -11.79
CA GLU F 51 -21.57 -5.06 -12.66
C GLU F 51 -20.46 -5.39 -13.64
N MET F 52 -19.75 -4.38 -14.13
CA MET F 52 -18.60 -4.64 -14.98
C MET F 52 -17.54 -5.47 -14.26
N LYS F 53 -17.34 -5.23 -12.96
CA LYS F 53 -16.35 -6.00 -12.23
C LYS F 53 -16.78 -7.45 -12.09
N HIS F 54 -18.07 -7.68 -11.85
CA HIS F 54 -18.58 -9.05 -11.80
C HIS F 54 -18.43 -9.74 -13.15
N ALA F 55 -18.79 -9.03 -14.22
CA ALA F 55 -18.66 -9.63 -15.55
C ALA F 55 -17.22 -10.03 -15.85
N ASP F 56 -16.27 -9.17 -15.46
CA ASP F 56 -14.85 -9.48 -15.62
C ASP F 56 -14.45 -10.77 -14.89
N LYS F 57 -14.84 -10.90 -13.62
CA LYS F 57 -14.50 -12.12 -12.89
C LYS F 57 -15.13 -13.35 -13.54
N LEU F 58 -16.37 -13.23 -14.04
CA LEU F 58 -17.02 -14.35 -14.72
C LEU F 58 -16.29 -14.73 -16.01
N ILE F 59 -15.93 -13.73 -16.82
CA ILE F 59 -15.19 -13.99 -18.05
C ILE F 59 -13.88 -14.68 -17.74
N GLU F 60 -13.17 -14.20 -16.71
CA GLU F 60 -11.90 -14.79 -16.33
C GLU F 60 -12.08 -16.24 -15.89
N ARG F 61 -13.13 -16.53 -15.12
CA ARG F 61 -13.37 -17.89 -14.65
C ARG F 61 -13.76 -18.81 -15.81
N ILE F 62 -14.62 -18.35 -16.72
CA ILE F 62 -15.03 -19.17 -17.86
C ILE F 62 -13.82 -19.55 -18.70
N LEU F 63 -12.94 -18.59 -19.00
CA LEU F 63 -11.73 -18.88 -19.75
C LEU F 63 -10.82 -19.86 -19.03
N PHE F 64 -10.64 -19.68 -17.71
CA PHE F 64 -9.83 -20.64 -16.95
C PHE F 64 -10.38 -22.05 -17.09
N LEU F 65 -11.71 -22.19 -17.09
CA LEU F 65 -12.40 -23.46 -17.20
C LEU F 65 -12.50 -23.95 -18.64
N GLU F 66 -11.84 -23.25 -19.56
CA GLU F 66 -11.72 -23.65 -20.96
C GLU F 66 -13.07 -23.58 -21.69
N GLY F 67 -13.90 -22.63 -21.27
CA GLY F 67 -15.13 -22.31 -21.97
C GLY F 67 -14.99 -21.02 -22.79
N LEU F 68 -16.02 -20.73 -23.57
CA LEU F 68 -16.09 -19.53 -24.38
C LEU F 68 -17.04 -18.52 -23.73
N PRO F 69 -16.55 -17.41 -23.20
CA PRO F 69 -17.46 -16.40 -22.67
C PRO F 69 -18.31 -15.82 -23.79
N ASN F 70 -19.61 -15.71 -23.54
CA ASN F 70 -20.56 -15.20 -24.52
C ASN F 70 -20.86 -13.74 -24.18
N LEU F 71 -20.22 -12.84 -24.93
CA LEU F 71 -20.55 -11.42 -24.84
C LEU F 71 -21.39 -10.94 -26.01
N GLN F 72 -21.91 -11.88 -26.83
CA GLN F 72 -22.63 -11.54 -28.05
C GLN F 72 -24.13 -11.40 -27.84
N ASP F 73 -24.70 -12.28 -27.02
CA ASP F 73 -26.15 -12.38 -26.89
C ASP F 73 -26.58 -11.45 -25.74
N LEU F 74 -27.15 -10.32 -26.09
CA LEU F 74 -27.57 -9.33 -25.11
C LEU F 74 -29.09 -9.41 -24.99
N GLY F 75 -29.57 -9.72 -23.79
CA GLY F 75 -30.98 -9.83 -23.52
C GLY F 75 -31.65 -8.48 -23.40
N LYS F 76 -32.91 -8.50 -22.96
CA LYS F 76 -33.77 -7.31 -23.02
C LYS F 76 -33.41 -6.31 -21.92
N LEU F 77 -33.06 -5.09 -22.32
CA LEU F 77 -32.89 -4.00 -21.35
C LEU F 77 -34.24 -3.56 -20.83
N LEU F 78 -34.33 -3.30 -19.52
CA LEU F 78 -35.56 -2.80 -18.91
C LEU F 78 -35.33 -1.32 -18.58
N ILE F 79 -35.72 -0.44 -19.50
CA ILE F 79 -35.42 0.97 -19.41
C ILE F 79 -36.68 1.68 -18.96
N GLY F 80 -36.62 2.33 -17.79
CA GLY F 80 -37.72 3.14 -17.35
C GLY F 80 -37.69 4.51 -18.00
N GLU F 81 -38.80 5.23 -17.84
CA GLU F 81 -38.92 6.54 -18.46
C GLU F 81 -39.09 7.64 -17.43
N ASN F 82 -39.13 7.29 -16.15
CA ASN F 82 -39.09 8.24 -15.06
C ASN F 82 -38.43 7.54 -13.88
N THR F 83 -38.12 8.31 -12.83
CA THR F 83 -37.27 7.79 -11.76
C THR F 83 -37.84 6.55 -11.09
N GLN F 84 -39.12 6.59 -10.68
CA GLN F 84 -39.66 5.43 -9.98
C GLN F 84 -39.64 4.20 -10.87
N GLU F 85 -39.97 4.37 -12.16
CA GLU F 85 -39.97 3.25 -13.10
C GLU F 85 -38.56 2.70 -13.31
N MET F 86 -37.58 3.59 -13.42
CA MET F 86 -36.21 3.14 -13.62
C MET F 86 -35.72 2.34 -12.42
N LEU F 87 -36.03 2.80 -11.20
CA LEU F 87 -35.63 2.02 -10.03
C LEU F 87 -36.33 0.68 -10.02
N GLN F 88 -37.62 0.66 -10.33
CA GLN F 88 -38.36 -0.60 -10.38
C GLN F 88 -37.81 -1.53 -11.47
N CYS F 89 -37.42 -0.98 -12.62
CA CYS F 89 -36.81 -1.79 -13.66
C CYS F 89 -35.49 -2.40 -13.20
N ASP F 90 -34.66 -1.62 -12.51
CA ASP F 90 -33.44 -2.17 -11.93
C ASP F 90 -33.77 -3.29 -10.96
N LEU F 91 -34.79 -3.09 -10.12
CA LEU F 91 -35.15 -4.09 -9.12
C LEU F 91 -35.67 -5.36 -9.79
N ASN F 92 -36.55 -5.22 -10.79
CA ASN F 92 -37.04 -6.40 -11.53
C ASN F 92 -35.89 -7.21 -12.12
N LEU F 93 -34.90 -6.51 -12.69
CA LEU F 93 -33.74 -7.19 -13.28
C LEU F 93 -32.94 -7.92 -12.22
N GLU F 94 -32.70 -7.27 -11.07
CA GLU F 94 -31.92 -7.87 -10.00
C GLU F 94 -32.60 -9.11 -9.43
N LEU F 95 -33.93 -9.11 -9.35
CA LEU F 95 -34.60 -10.29 -8.81
C LEU F 95 -34.50 -11.47 -9.77
N LYS F 96 -34.53 -11.21 -11.07
CA LYS F 96 -34.24 -12.27 -12.04
C LYS F 96 -32.80 -12.74 -11.89
N ALA F 97 -31.88 -11.81 -11.66
CA ALA F 97 -30.48 -12.16 -11.54
C ALA F 97 -30.21 -13.04 -10.32
N THR F 98 -30.83 -12.73 -9.17
CA THR F 98 -30.53 -13.53 -8.00
C THR F 98 -31.15 -14.92 -8.11
N LYS F 99 -32.31 -15.04 -8.74
CA LYS F 99 -32.86 -16.37 -9.00
C LYS F 99 -31.87 -17.22 -9.81
N ASP F 100 -31.32 -16.65 -10.88
CA ASP F 100 -30.37 -17.38 -11.70
C ASP F 100 -29.10 -17.71 -10.92
N LEU F 101 -28.66 -16.79 -10.05
CA LEU F 101 -27.47 -17.07 -9.23
C LEU F 101 -27.69 -18.26 -8.31
N ARG F 102 -28.88 -18.36 -7.71
CA ARG F 102 -29.14 -19.46 -6.79
C ARG F 102 -29.13 -20.80 -7.51
N GLU F 103 -29.73 -20.85 -8.70
CA GLU F 103 -29.73 -22.09 -9.49
C GLU F 103 -28.31 -22.50 -9.89
N ALA F 104 -27.48 -21.53 -10.25
CA ALA F 104 -26.10 -21.81 -10.62
C ALA F 104 -25.31 -22.35 -9.43
N ILE F 105 -25.53 -21.78 -8.24
CA ILE F 105 -24.83 -22.26 -7.05
C ILE F 105 -25.22 -23.71 -6.72
N VAL F 106 -26.50 -24.03 -6.82
CA VAL F 106 -26.95 -25.42 -6.63
C VAL F 106 -26.15 -26.36 -7.50
N HIS F 107 -26.00 -26.02 -8.78
CA HIS F 107 -25.30 -26.94 -9.68
C HIS F 107 -23.81 -27.00 -9.36
N CYS F 108 -23.19 -25.85 -9.06
CA CYS F 108 -21.79 -25.87 -8.68
C CYS F 108 -21.57 -26.79 -7.49
N GLU F 109 -22.46 -26.72 -6.50
CA GLU F 109 -22.32 -27.57 -5.31
C GLU F 109 -22.42 -29.04 -5.70
N GLN F 110 -23.36 -29.36 -6.58
CA GLN F 110 -23.61 -30.75 -6.97
C GLN F 110 -22.40 -31.37 -7.66
N VAL F 111 -21.66 -30.60 -8.45
CA VAL F 111 -20.48 -31.13 -9.15
C VAL F 111 -19.16 -30.76 -8.47
N HIS F 112 -19.21 -30.21 -7.25
CA HIS F 112 -18.04 -29.95 -6.42
C HIS F 112 -17.17 -28.84 -6.97
N ASP F 113 -17.75 -27.90 -7.73
CA ASP F 113 -16.99 -26.75 -8.21
C ASP F 113 -17.15 -25.64 -7.17
N TYR F 114 -16.42 -25.82 -6.07
CA TYR F 114 -16.62 -24.98 -4.90
C TYR F 114 -16.05 -23.58 -5.10
N VAL F 115 -15.05 -23.43 -5.97
CA VAL F 115 -14.51 -22.10 -6.28
C VAL F 115 -15.48 -21.29 -7.13
N SER F 116 -16.08 -21.90 -8.17
CA SER F 116 -17.14 -21.20 -8.88
C SER F 116 -18.30 -20.86 -7.95
N ARG F 117 -18.66 -21.78 -7.03
CA ARG F 117 -19.71 -21.46 -6.06
C ARG F 117 -19.35 -20.20 -5.30
N ASP F 118 -18.10 -20.11 -4.82
CA ASP F 118 -17.69 -18.98 -3.98
C ASP F 118 -17.76 -17.68 -4.76
N LEU F 119 -17.33 -17.69 -6.02
CA LEU F 119 -17.44 -16.51 -6.88
C LEU F 119 -18.89 -16.09 -7.02
N LEU F 120 -19.78 -17.04 -7.29
CA LEU F 120 -21.18 -16.71 -7.45
C LEU F 120 -21.78 -16.20 -6.15
N LYS F 121 -21.36 -16.76 -5.01
CA LYS F 121 -21.87 -16.26 -3.72
C LYS F 121 -21.48 -14.82 -3.51
N ASP F 122 -20.23 -14.47 -3.82
CA ASP F 122 -19.79 -13.08 -3.69
C ASP F 122 -20.60 -12.17 -4.58
N ILE F 123 -20.88 -12.61 -5.81
CA ILE F 123 -21.69 -11.80 -6.72
C ILE F 123 -23.10 -11.67 -6.16
N LEU F 124 -23.66 -12.76 -5.63
CA LEU F 124 -25.01 -12.73 -5.07
C LEU F 124 -25.07 -11.77 -3.89
N GLU F 125 -24.02 -11.72 -3.07
CA GLU F 125 -23.98 -10.76 -1.96
C GLU F 125 -24.06 -9.33 -2.48
N SER F 126 -23.31 -9.03 -3.53
CA SER F 126 -23.37 -7.71 -4.16
CA SER F 126 -23.37 -7.71 -4.16
C SER F 126 -24.75 -7.42 -4.71
N GLU F 127 -25.38 -8.40 -5.36
CA GLU F 127 -26.69 -8.17 -5.93
C GLU F 127 -27.75 -7.95 -4.86
N GLU F 128 -27.68 -8.68 -3.73
CA GLU F 128 -28.62 -8.42 -2.64
C GLU F 128 -28.40 -7.03 -2.03
N GLU F 129 -27.15 -6.55 -1.95
CA GLU F 129 -26.91 -5.18 -1.51
C GLU F 129 -27.57 -4.19 -2.46
N HIS F 130 -27.52 -4.47 -3.76
CA HIS F 130 -28.20 -3.60 -4.72
C HIS F 130 -29.71 -3.67 -4.56
N ILE F 131 -30.26 -4.85 -4.29
CA ILE F 131 -31.68 -4.97 -4.02
C ILE F 131 -32.06 -4.15 -2.80
N ASP F 132 -31.24 -4.21 -1.76
CA ASP F 132 -31.48 -3.41 -0.55
C ASP F 132 -31.54 -1.93 -0.91
N TYR F 133 -30.54 -1.45 -1.66
CA TYR F 133 -30.54 -0.04 -2.06
C TYR F 133 -31.79 0.31 -2.85
N LEU F 134 -32.17 -0.52 -3.81
CA LEU F 134 -33.33 -0.21 -4.67
C LEU F 134 -34.64 -0.20 -3.90
N GLU F 135 -34.88 -1.23 -3.08
CA GLU F 135 -36.06 -1.26 -2.23
C GLU F 135 -36.10 -0.05 -1.30
N THR F 136 -34.93 0.37 -0.82
CA THR F 136 -34.87 1.54 0.05
C THR F 136 -35.23 2.82 -0.70
N GLN F 137 -34.74 2.97 -1.93
CA GLN F 137 -35.07 4.18 -2.68
C GLN F 137 -36.57 4.24 -2.97
N LEU F 138 -37.14 3.10 -3.37
CA LEU F 138 -38.57 3.05 -3.66
C LEU F 138 -39.38 3.38 -2.40
N GLY F 139 -38.91 2.88 -1.25
CA GLY F 139 -39.58 3.21 0.00
C GLY F 139 -39.44 4.68 0.36
N LEU F 140 -38.28 5.27 0.10
CA LEU F 140 -38.10 6.69 0.38
C LEU F 140 -39.04 7.54 -0.46
N ILE F 141 -39.25 7.16 -1.73
CA ILE F 141 -40.19 7.92 -2.56
C ILE F 141 -41.55 7.97 -1.90
N GLN F 142 -41.97 6.85 -1.30
CA GLN F 142 -43.26 6.81 -0.61
C GLN F 142 -43.24 7.64 0.68
N LYS F 143 -42.12 7.64 1.40
CA LYS F 143 -42.07 8.28 2.70
C LYS F 143 -41.88 9.78 2.59
N VAL F 144 -40.98 10.27 1.71
CA VAL F 144 -40.70 11.70 1.65
C VAL F 144 -41.43 12.39 0.51
N GLY F 145 -42.10 11.64 -0.36
CA GLY F 145 -42.77 12.16 -1.56
C GLY F 145 -41.80 12.26 -2.72
N LEU F 146 -42.35 12.12 -3.94
CA LEU F 146 -41.49 12.08 -5.12
C LEU F 146 -40.74 13.39 -5.32
N GLU F 147 -41.41 14.54 -5.16
CA GLU F 147 -40.75 15.82 -5.38
C GLU F 147 -39.56 16.00 -4.43
N ASN F 148 -39.74 15.69 -3.15
CA ASN F 148 -38.61 15.78 -2.22
C ASN F 148 -37.53 14.77 -2.58
N TYR F 149 -37.91 13.54 -2.92
CA TYR F 149 -36.91 12.53 -3.23
C TYR F 149 -36.03 13.00 -4.39
N LEU F 150 -36.67 13.53 -5.43
CA LEU F 150 -35.93 14.02 -6.58
C LEU F 150 -35.06 15.22 -6.19
N GLN F 151 -35.62 16.15 -5.41
CA GLN F 151 -34.86 17.30 -4.92
C GLN F 151 -33.57 16.87 -4.25
N SER F 152 -33.65 15.86 -3.38
CA SER F 152 -32.49 15.36 -2.63
C SER F 152 -31.46 14.71 -3.52
N HIS F 153 -31.78 14.46 -4.79
CA HIS F 153 -30.83 13.83 -5.69
C HIS F 153 -30.37 14.75 -6.81
N MET F 154 -30.66 16.05 -6.70
CA MET F 154 -30.16 17.00 -7.68
C MET F 154 -28.65 17.20 -7.55
N HIS F 155 -28.15 17.42 -6.34
CA HIS F 155 -26.71 17.62 -6.15
C HIS F 155 -26.05 16.36 -5.61
N MET G 1 -14.65 36.22 52.14
CA MET G 1 -16.11 36.06 52.34
C MET G 1 -16.33 35.27 53.64
N LYS G 2 -17.03 35.83 54.63
CA LYS G 2 -17.11 35.15 55.93
C LYS G 2 -17.87 33.85 55.80
N GLY G 3 -17.19 32.73 56.07
CA GLY G 3 -17.84 31.45 56.08
C GLY G 3 -18.48 31.11 57.42
N ASP G 4 -19.27 30.06 57.38
CA ASP G 4 -19.90 29.49 58.56
C ASP G 4 -18.84 28.83 59.45
N LYS G 5 -18.88 29.14 60.74
CA LYS G 5 -17.81 28.69 61.63
C LYS G 5 -17.74 27.17 61.69
N LYS G 6 -18.88 26.49 61.72
CA LYS G 6 -18.87 25.04 61.79
C LYS G 6 -18.40 24.43 60.46
N VAL G 7 -18.72 25.06 59.32
CA VAL G 7 -18.13 24.60 58.06
C VAL G 7 -16.62 24.64 58.14
N ILE G 8 -16.06 25.77 58.60
CA ILE G 8 -14.61 25.89 58.69
C ILE G 8 -14.04 24.84 59.63
N GLN G 9 -14.72 24.58 60.76
CA GLN G 9 -14.29 23.49 61.64
C GLN G 9 -14.27 22.17 60.88
N HIS G 10 -15.30 21.88 60.10
CA HIS G 10 -15.32 20.62 59.34
C HIS G 10 -14.21 20.59 58.31
N LEU G 11 -14.00 21.69 57.58
CA LEU G 11 -12.92 21.73 56.61
C LEU G 11 -11.58 21.49 57.27
N ASN G 12 -11.35 22.07 58.46
CA ASN G 12 -10.12 21.81 59.17
C ASN G 12 -10.00 20.35 59.62
N LYS G 13 -11.14 19.71 59.95
CA LYS G 13 -11.08 18.30 60.34
C LYS G 13 -10.70 17.45 59.13
N ILE G 14 -11.29 17.73 57.97
CA ILE G 14 -10.92 16.99 56.77
CA ILE G 14 -10.94 17.02 56.75
C ILE G 14 -9.47 17.27 56.40
N LEU G 15 -9.03 18.53 56.51
CA LEU G 15 -7.63 18.84 56.27
C LEU G 15 -6.72 18.02 57.19
N GLY G 16 -7.08 17.92 58.46
CA GLY G 16 -6.29 17.12 59.39
C GLY G 16 -6.18 15.67 58.96
N ASN G 17 -7.29 15.11 58.45
CA ASN G 17 -7.25 13.75 57.94
C ASN G 17 -6.32 13.65 56.73
N GLU G 18 -6.37 14.64 55.84
CA GLU G 18 -5.49 14.61 54.68
C GLU G 18 -4.02 14.72 55.07
N LEU G 19 -3.71 15.52 56.10
CA LEU G 19 -2.32 15.66 56.54
C LEU G 19 -1.78 14.36 57.11
N ILE G 20 -2.61 13.60 57.85
CA ILE G 20 -2.21 12.27 58.31
C ILE G 20 -1.89 11.38 57.10
N ALA G 21 -2.78 11.39 56.11
CA ALA G 21 -2.66 10.51 54.95
C ALA G 21 -1.43 10.85 54.12
N ILE G 22 -1.14 12.15 53.93
CA ILE G 22 0.07 12.55 53.20
C ILE G 22 1.30 11.87 53.80
N ASN G 23 1.45 11.96 55.13
CA ASN G 23 2.64 11.41 55.75
C ASN G 23 2.61 9.89 55.80
N GLN G 24 1.46 9.30 56.13
CA GLN G 24 1.35 7.84 56.16
C GLN G 24 1.66 7.25 54.80
N TYR G 25 1.04 7.80 53.75
CA TYR G 25 1.29 7.25 52.42
C TYR G 25 2.72 7.52 51.97
N PHE G 26 3.30 8.69 52.29
CA PHE G 26 4.68 8.94 51.90
C PHE G 26 5.64 7.95 52.55
N LEU G 27 5.48 7.72 53.86
CA LEU G 27 6.35 6.76 54.53
C LEU G 27 6.16 5.37 53.97
N HIS G 28 4.91 4.94 53.79
CA HIS G 28 4.66 3.62 53.21
C HIS G 28 5.33 3.49 51.84
N SER G 29 5.25 4.55 51.01
CA SER G 29 5.88 4.54 49.70
C SER G 29 7.37 4.27 49.81
N ARG G 30 8.04 5.00 50.70
CA ARG G 30 9.49 4.91 50.81
C ARG G 30 9.89 3.58 51.44
N MET G 31 9.06 3.03 52.34
CA MET G 31 9.30 1.68 52.84
C MET G 31 9.24 0.66 51.72
N TRP G 32 8.18 0.72 50.90
CA TRP G 32 8.08 -0.20 49.78
C TRP G 32 9.26 -0.03 48.81
N ASN G 33 9.68 1.21 48.57
CA ASN G 33 10.85 1.42 47.70
C ASN G 33 12.11 0.80 48.30
N ASP G 34 12.30 0.98 49.61
CA ASP G 34 13.47 0.43 50.29
C ASP G 34 13.49 -1.09 50.20
N TRP G 35 12.31 -1.73 50.14
CA TRP G 35 12.20 -3.18 50.04
C TRP G 35 12.30 -3.68 48.60
N GLY G 36 12.42 -2.80 47.63
CA GLY G 36 12.46 -3.17 46.22
C GLY G 36 11.10 -3.42 45.62
N LEU G 37 10.03 -3.01 46.28
CA LEU G 37 8.70 -3.18 45.73
C LEU G 37 8.29 -1.86 45.08
N LYS G 38 8.95 -1.58 43.95
CA LYS G 38 8.90 -0.23 43.38
C LYS G 38 7.53 0.11 42.80
N ARG G 39 6.76 -0.87 42.33
CA ARG G 39 5.44 -0.56 41.81
C ARG G 39 4.52 -0.09 42.93
N LEU G 40 4.55 -0.77 44.08
CA LEU G 40 3.81 -0.30 45.24
C LEU G 40 4.33 1.05 45.70
N GLY G 41 5.64 1.22 45.72
CA GLY G 41 6.20 2.50 46.15
C GLY G 41 5.72 3.64 45.28
N ALA G 42 5.74 3.45 43.95
CA ALA G 42 5.32 4.51 43.04
C ALA G 42 3.84 4.83 43.19
N HIS G 43 3.00 3.80 43.31
CA HIS G 43 1.57 4.05 43.40
C HIS G 43 1.24 4.78 44.69
N GLU G 44 1.89 4.38 45.78
CA GLU G 44 1.65 5.01 47.08
C GLU G 44 2.17 6.44 47.12
N TYR G 45 3.28 6.71 46.43
CA TYR G 45 3.74 8.08 46.24
C TYR G 45 2.66 8.94 45.58
N HIS G 46 2.07 8.43 44.49
CA HIS G 46 1.04 9.20 43.80
C HIS G 46 -0.20 9.36 44.67
N GLU G 47 -0.49 8.39 45.55
CA GLU G 47 -1.58 8.58 46.51
C GLU G 47 -1.25 9.71 47.48
N SER G 48 0.00 9.79 47.95
CA SER G 48 0.40 10.89 48.81
C SER G 48 0.25 12.23 48.10
N ILE G 49 0.71 12.32 46.84
CA ILE G 49 0.57 13.57 46.08
C ILE G 49 -0.89 13.95 45.91
N ASP G 50 -1.76 12.95 45.64
CA ASP G 50 -3.19 13.25 45.51
C ASP G 50 -3.74 13.86 46.79
N GLU G 51 -3.33 13.32 47.95
CA GLU G 51 -3.77 13.90 49.20
C GLU G 51 -3.24 15.32 49.38
N MET G 52 -2.03 15.59 48.89
CA MET G 52 -1.51 16.95 48.96
C MET G 52 -2.38 17.91 48.17
N LYS G 53 -2.84 17.49 46.98
CA LYS G 53 -3.71 18.33 46.16
C LYS G 53 -5.02 18.63 46.88
N HIS G 54 -5.61 17.62 47.55
CA HIS G 54 -6.83 17.86 48.29
C HIS G 54 -6.59 18.82 49.45
N ALA G 55 -5.50 18.63 50.17
CA ALA G 55 -5.15 19.52 51.27
C ALA G 55 -5.01 20.96 50.78
N ASP G 56 -4.37 21.15 49.63
CA ASP G 56 -4.20 22.48 49.07
C ASP G 56 -5.56 23.15 48.82
N LYS G 57 -6.49 22.42 48.18
CA LYS G 57 -7.80 22.98 47.91
C LYS G 57 -8.53 23.33 49.20
N LEU G 58 -8.38 22.49 50.23
CA LEU G 58 -9.05 22.78 51.50
C LEU G 58 -8.46 24.03 52.16
N ILE G 59 -7.14 24.15 52.15
CA ILE G 59 -6.49 25.34 52.72
C ILE G 59 -6.96 26.58 51.99
N GLU G 60 -6.98 26.52 50.66
CA GLU G 60 -7.43 27.66 49.87
C GLU G 60 -8.86 28.03 50.20
N ARG G 61 -9.73 27.03 50.35
CA ARG G 61 -11.14 27.31 50.68
C ARG G 61 -11.27 27.90 52.07
N ILE G 62 -10.53 27.37 53.05
CA ILE G 62 -10.62 27.89 54.41
C ILE G 62 -10.20 29.35 54.44
N LEU G 63 -9.11 29.68 53.74
CA LEU G 63 -8.64 31.06 53.72
C LEU G 63 -9.66 31.97 53.06
N PHE G 64 -10.24 31.53 51.94
CA PHE G 64 -11.27 32.34 51.28
C PHE G 64 -12.43 32.64 52.24
N LEU G 65 -12.82 31.65 53.05
CA LEU G 65 -13.91 31.80 54.03
C LEU G 65 -13.47 32.51 55.30
N GLU G 66 -12.22 33.00 55.32
CA GLU G 66 -11.69 33.83 56.41
C GLU G 66 -11.51 33.03 57.69
N GLY G 67 -11.22 31.73 57.53
CA GLY G 67 -10.80 30.89 58.63
C GLY G 67 -9.29 30.71 58.65
N LEU G 68 -8.80 30.03 59.69
CA LEU G 68 -7.38 29.75 59.88
C LEU G 68 -7.12 28.28 59.61
N PRO G 69 -6.44 27.93 58.53
CA PRO G 69 -6.12 26.52 58.28
C PRO G 69 -5.18 26.00 59.35
N ASN G 70 -5.52 24.83 59.89
CA ASN G 70 -4.74 24.19 60.95
C ASN G 70 -3.83 23.14 60.35
N LEU G 71 -2.55 23.49 60.15
CA LEU G 71 -1.54 22.52 59.75
C LEU G 71 -0.65 22.08 60.90
N GLN G 72 -1.01 22.45 62.13
CA GLN G 72 -0.20 22.19 63.31
C GLN G 72 -0.52 20.85 63.96
N ASP G 73 -1.78 20.52 64.06
CA ASP G 73 -2.22 19.34 64.80
C ASP G 73 -2.21 18.15 63.85
N LEU G 74 -1.33 17.20 64.12
CA LEU G 74 -1.18 16.02 63.28
C LEU G 74 -1.62 14.82 64.09
N GLY G 75 -2.67 14.15 63.65
CA GLY G 75 -3.13 12.95 64.31
C GLY G 75 -2.25 11.74 64.09
N LYS G 76 -2.77 10.59 64.49
CA LYS G 76 -1.98 9.35 64.58
C LYS G 76 -1.76 8.74 63.20
N LEU G 77 -0.50 8.59 62.82
CA LEU G 77 -0.17 7.82 61.62
C LEU G 77 -0.33 6.35 61.92
N LEU G 78 -0.97 5.64 60.99
CA LEU G 78 -1.15 4.19 61.07
C LEU G 78 -0.13 3.51 60.15
N ILE G 79 0.99 3.07 60.72
CA ILE G 79 2.12 2.58 59.94
C ILE G 79 2.17 1.07 60.07
N GLY G 80 2.12 0.37 58.92
CA GLY G 80 2.22 -1.07 58.96
C GLY G 80 3.66 -1.56 59.00
N GLU G 81 3.81 -2.84 59.35
CA GLU G 81 5.13 -3.47 59.40
C GLU G 81 5.41 -4.38 58.21
N ASN G 82 4.37 -4.73 57.45
CA ASN G 82 4.51 -5.52 56.25
C ASN G 82 3.45 -5.04 55.26
N THR G 83 3.52 -5.54 54.03
CA THR G 83 2.65 -5.04 52.96
C THR G 83 1.17 -5.17 53.31
N GLN G 84 0.72 -6.36 53.75
CA GLN G 84 -0.69 -6.53 54.06
C GLN G 84 -1.15 -5.55 55.14
N GLU G 85 -0.37 -5.38 56.20
CA GLU G 85 -0.74 -4.46 57.27
C GLU G 85 -0.75 -3.02 56.78
N MET G 86 0.22 -2.64 55.94
CA MET G 86 0.29 -1.26 55.43
C MET G 86 -0.94 -0.93 54.58
N LEU G 87 -1.32 -1.84 53.70
CA LEU G 87 -2.54 -1.67 52.92
C LEU G 87 -3.77 -1.56 53.83
N GLN G 88 -3.86 -2.41 54.87
CA GLN G 88 -5.02 -2.34 55.76
C GLN G 88 -5.02 -1.05 56.59
N CYS G 89 -3.83 -0.57 57.00
CA CYS G 89 -3.73 0.72 57.69
C CYS G 89 -4.22 1.85 56.79
N ASP G 90 -3.82 1.85 55.52
CA ASP G 90 -4.34 2.86 54.59
C ASP G 90 -5.85 2.77 54.47
N LEU G 91 -6.39 1.54 54.38
CA LEU G 91 -7.84 1.36 54.27
C LEU G 91 -8.53 1.84 55.53
N ASN G 92 -8.01 1.50 56.70
CA ASN G 92 -8.63 1.98 57.93
C ASN G 92 -8.66 3.50 57.99
N LEU G 93 -7.58 4.15 57.55
CA LEU G 93 -7.55 5.60 57.54
C LEU G 93 -8.59 6.15 56.57
N GLU G 94 -8.69 5.56 55.37
CA GLU G 94 -9.63 6.05 54.36
C GLU G 94 -11.08 5.93 54.81
N LEU G 95 -11.41 4.86 55.53
CA LEU G 95 -12.78 4.68 56.01
C LEU G 95 -13.14 5.74 57.05
N LYS G 96 -12.22 6.09 57.93
CA LYS G 96 -12.46 7.24 58.81
C LYS G 96 -12.60 8.52 57.99
N ALA G 97 -11.78 8.67 56.96
CA ALA G 97 -11.80 9.89 56.17
C ALA G 97 -13.14 10.08 55.48
N THR G 98 -13.67 9.01 54.90
CA THR G 98 -14.94 9.16 54.19
C THR G 98 -16.10 9.39 55.15
N LYS G 99 -16.05 8.82 56.36
CA LYS G 99 -17.08 9.12 57.34
C LYS G 99 -17.11 10.60 57.68
N ASP G 100 -15.92 11.18 57.90
CA ASP G 100 -15.84 12.61 58.19
C ASP G 100 -16.27 13.46 57.00
N LEU G 101 -15.95 13.04 55.78
CA LEU G 101 -16.37 13.80 54.60
C LEU G 101 -17.89 13.83 54.50
N ARG G 102 -18.55 12.70 54.76
CA ARG G 102 -20.01 12.68 54.65
C ARG G 102 -20.64 13.60 55.67
N GLU G 103 -20.13 13.59 56.90
CA GLU G 103 -20.68 14.48 57.93
C GLU G 103 -20.46 15.95 57.58
N ALA G 104 -19.31 16.26 56.97
CA ALA G 104 -19.05 17.64 56.56
C ALA G 104 -20.01 18.08 55.46
N ILE G 105 -20.29 17.19 54.50
CA ILE G 105 -21.20 17.54 53.42
C ILE G 105 -22.60 17.80 53.96
N VAL G 106 -23.05 16.98 54.92
CA VAL G 106 -24.35 17.21 55.55
C VAL G 106 -24.43 18.63 56.09
N HIS G 107 -23.41 19.05 56.81
CA HIS G 107 -23.46 20.38 57.41
C HIS G 107 -23.37 21.48 56.35
N CYS G 108 -22.53 21.29 55.33
CA CYS G 108 -22.49 22.27 54.25
C CYS G 108 -23.87 22.46 53.61
N GLU G 109 -24.57 21.36 53.37
CA GLU G 109 -25.89 21.44 52.76
C GLU G 109 -26.85 22.21 53.66
N GLN G 110 -26.78 21.97 54.97
CA GLN G 110 -27.69 22.59 55.92
C GLN G 110 -27.55 24.10 55.93
N VAL G 111 -26.32 24.62 55.79
CA VAL G 111 -26.09 26.06 55.83
C VAL G 111 -25.91 26.66 54.42
N HIS G 112 -26.22 25.88 53.38
CA HIS G 112 -26.27 26.33 51.99
C HIS G 112 -24.88 26.72 51.46
N ASP G 113 -23.81 26.11 52.00
CA ASP G 113 -22.48 26.30 51.44
C ASP G 113 -22.26 25.23 50.37
N TYR G 114 -22.91 25.48 49.22
CA TYR G 114 -22.92 24.47 48.15
C TYR G 114 -21.57 24.34 47.46
N VAL G 115 -20.76 25.40 47.45
CA VAL G 115 -19.42 25.31 46.85
C VAL G 115 -18.51 24.44 47.71
N SER G 116 -18.53 24.64 49.02
CA SER G 116 -17.77 23.76 49.91
C SER G 116 -18.25 22.33 49.79
N ARG G 117 -19.58 22.12 49.68
CA ARG G 117 -20.06 20.75 49.50
C ARG G 117 -19.48 20.15 48.22
N ASP G 118 -19.46 20.91 47.13
CA ASP G 118 -18.96 20.37 45.86
C ASP G 118 -17.50 19.99 45.96
N LEU G 119 -16.69 20.84 46.62
CA LEU G 119 -15.29 20.49 46.86
C LEU G 119 -15.17 19.18 47.62
N LEU G 120 -15.94 19.04 48.70
CA LEU G 120 -15.85 17.83 49.51
C LEU G 120 -16.34 16.60 48.77
N LYS G 121 -17.37 16.77 47.91
CA LYS G 121 -17.84 15.67 47.07
C LYS G 121 -16.71 15.19 46.15
N ASP G 122 -15.99 16.13 45.53
CA ASP G 122 -14.88 15.75 44.67
C ASP G 122 -13.81 14.99 45.43
N ILE G 123 -13.50 15.44 46.65
CA ILE G 123 -12.50 14.75 47.47
C ILE G 123 -13.00 13.37 47.81
N LEU G 124 -14.29 13.27 48.16
CA LEU G 124 -14.87 11.98 48.50
C LEU G 124 -14.78 11.01 47.32
N GLU G 125 -15.01 11.49 46.10
CA GLU G 125 -14.91 10.61 44.93
C GLU G 125 -13.49 10.06 44.82
N SER G 126 -12.50 10.91 45.08
CA SER G 126 -11.11 10.43 45.05
CA SER G 126 -11.11 10.44 45.06
C SER G 126 -10.85 9.42 46.16
N GLU G 127 -11.37 9.68 47.36
CA GLU G 127 -11.11 8.78 48.47
C GLU G 127 -11.79 7.42 48.22
N GLU G 128 -12.98 7.41 47.62
CA GLU G 128 -13.63 6.13 47.32
C GLU G 128 -12.88 5.39 46.22
N GLU G 129 -12.26 6.11 45.27
CA GLU G 129 -11.38 5.42 44.33
C GLU G 129 -10.20 4.79 45.05
N HIS G 130 -9.64 5.47 46.06
CA HIS G 130 -8.54 4.89 46.82
C HIS G 130 -8.99 3.66 47.60
N ILE G 131 -10.18 3.70 48.17
CA ILE G 131 -10.74 2.53 48.85
C ILE G 131 -10.89 1.37 47.88
N ASP G 132 -11.41 1.64 46.67
CA ASP G 132 -11.53 0.59 45.65
C ASP G 132 -10.17 -0.04 45.36
N TYR G 133 -9.14 0.80 45.13
CA TYR G 133 -7.80 0.28 44.94
C TYR G 133 -7.34 -0.58 46.11
N LEU G 134 -7.53 -0.10 47.35
CA LEU G 134 -7.00 -0.84 48.50
C LEU G 134 -7.71 -2.17 48.69
N GLU G 135 -9.04 -2.17 48.64
CA GLU G 135 -9.81 -3.41 48.72
C GLU G 135 -9.40 -4.39 47.64
N THR G 136 -9.12 -3.89 46.44
CA THR G 136 -8.70 -4.75 45.35
C THR G 136 -7.34 -5.38 45.62
N GLN G 137 -6.38 -4.59 46.14
CA GLN G 137 -5.07 -5.13 46.44
C GLN G 137 -5.17 -6.22 47.50
N LEU G 138 -5.91 -5.96 48.57
CA LEU G 138 -6.07 -6.96 49.60
C LEU G 138 -6.72 -8.23 49.04
N GLY G 139 -7.69 -8.06 48.15
CA GLY G 139 -8.32 -9.21 47.52
C GLY G 139 -7.36 -9.97 46.62
N LEU G 140 -6.49 -9.26 45.91
CA LEU G 140 -5.53 -9.93 45.03
C LEU G 140 -4.54 -10.74 45.83
N ILE G 141 -4.14 -10.25 47.01
CA ILE G 141 -3.26 -11.05 47.88
C ILE G 141 -3.90 -12.41 48.15
N GLN G 142 -5.22 -12.42 48.43
CA GLN G 142 -5.91 -13.67 48.69
C GLN G 142 -6.01 -14.53 47.43
N LYS G 143 -6.20 -13.92 46.26
CA LYS G 143 -6.44 -14.67 45.03
C LYS G 143 -5.15 -15.21 44.40
N VAL G 144 -4.08 -14.42 44.38
CA VAL G 144 -2.84 -14.88 43.74
C VAL G 144 -1.78 -15.33 44.73
N GLY G 145 -2.00 -15.13 46.04
CA GLY G 145 -0.97 -15.42 47.03
C GLY G 145 -0.06 -14.24 47.29
N LEU G 146 0.41 -14.13 48.53
CA LEU G 146 1.26 -13.00 48.88
C LEU G 146 2.54 -12.96 48.06
N GLU G 147 3.21 -14.11 47.89
CA GLU G 147 4.48 -14.11 47.17
C GLU G 147 4.31 -13.60 45.74
N ASN G 148 3.27 -14.10 45.04
CA ASN G 148 2.98 -13.62 43.67
C ASN G 148 2.58 -12.15 43.68
N TYR G 149 1.73 -11.75 44.64
CA TYR G 149 1.34 -10.34 44.73
C TYR G 149 2.58 -9.44 44.84
N LEU G 150 3.50 -9.77 45.75
CA LEU G 150 4.70 -8.98 45.92
C LEU G 150 5.58 -9.02 44.66
N GLN G 151 5.77 -10.20 44.08
CA GLN G 151 6.50 -10.33 42.82
C GLN G 151 5.99 -9.33 41.77
N SER G 152 4.67 -9.26 41.63
CA SER G 152 4.06 -8.40 40.61
C SER G 152 4.24 -6.93 40.91
N HIS G 153 4.76 -6.58 42.08
CA HIS G 153 4.97 -5.18 42.43
C HIS G 153 6.45 -4.84 42.60
N MET G 154 7.36 -5.70 42.12
CA MET G 154 8.77 -5.40 42.17
C MET G 154 9.16 -4.35 41.15
N HIS G 155 8.71 -4.50 39.91
CA HIS G 155 9.10 -3.63 38.81
C HIS G 155 7.94 -2.72 38.44
N GLU G 156 8.27 -1.46 38.14
CA GLU G 156 7.27 -0.46 37.79
C GLU G 156 6.62 -0.72 36.42
N MET H 1 -2.23 3.10 -42.91
CA MET H 1 -3.61 3.29 -43.46
C MET H 1 -3.48 4.06 -44.77
N LYS H 2 -3.92 3.50 -45.89
CA LYS H 2 -3.64 4.13 -47.18
C LYS H 2 -4.34 5.49 -47.28
N GLY H 3 -3.55 6.55 -47.39
CA GLY H 3 -4.12 7.86 -47.56
C GLY H 3 -4.43 8.21 -49.01
N ASP H 4 -5.17 9.29 -49.16
CA ASP H 4 -5.43 9.89 -50.47
C ASP H 4 -4.14 10.47 -51.04
N LYS H 5 -3.86 10.15 -52.31
CA LYS H 5 -2.60 10.56 -52.92
C LYS H 5 -2.45 12.08 -52.96
N LYS H 6 -3.51 12.82 -53.32
CA LYS H 6 -3.41 14.27 -53.35
C LYS H 6 -3.31 14.86 -51.94
N VAL H 7 -3.98 14.26 -50.95
CA VAL H 7 -3.74 14.73 -49.57
C VAL H 7 -2.26 14.65 -49.23
N ILE H 8 -1.63 13.51 -49.53
CA ILE H 8 -0.23 13.34 -49.18
C ILE H 8 0.64 14.36 -49.91
N GLN H 9 0.30 14.64 -51.19
CA GLN H 9 0.99 15.69 -51.93
C GLN H 9 0.86 17.06 -51.24
N HIS H 10 -0.35 17.40 -50.79
CA HIS H 10 -0.56 18.64 -50.05
C HIS H 10 0.23 18.66 -48.74
N LEU H 11 0.22 17.56 -48.00
CA LEU H 11 0.96 17.51 -46.73
C LEU H 11 2.46 17.69 -46.99
N ASN H 12 3.00 17.08 -48.06
CA ASN H 12 4.40 17.29 -48.40
C ASN H 12 4.68 18.72 -48.85
N LYS H 13 3.71 19.38 -49.50
CA LYS H 13 3.89 20.77 -49.84
C LYS H 13 3.96 21.65 -48.59
N ILE H 14 3.08 21.39 -47.60
CA ILE H 14 3.13 22.18 -46.38
CA ILE H 14 3.11 22.16 -46.36
C ILE H 14 4.40 21.87 -45.61
N LEU H 15 4.82 20.60 -45.59
CA LEU H 15 6.10 20.24 -44.96
C LEU H 15 7.24 21.02 -45.62
N GLY H 16 7.21 21.11 -46.95
CA GLY H 16 8.23 21.90 -47.63
C GLY H 16 8.27 23.33 -47.17
N ASN H 17 7.11 23.95 -46.97
CA ASN H 17 7.06 25.31 -46.46
C ASN H 17 7.63 25.39 -45.05
N GLU H 18 7.29 24.41 -44.20
CA GLU H 18 7.80 24.41 -42.83
C GLU H 18 9.32 24.26 -42.81
N LEU H 19 9.88 23.45 -43.71
CA LEU H 19 11.33 23.25 -43.75
C LEU H 19 12.05 24.55 -44.12
N ILE H 20 11.50 25.32 -45.05
CA ILE H 20 12.06 26.64 -45.36
C ILE H 20 12.04 27.50 -44.11
N ALA H 21 10.90 27.54 -43.44
CA ALA H 21 10.75 28.43 -42.30
C ALA H 21 11.68 28.04 -41.16
N ILE H 22 11.87 26.73 -40.93
CA ILE H 22 12.80 26.31 -39.88
C ILE H 22 14.15 26.98 -40.12
N ASN H 23 14.68 26.85 -41.33
CA ASN H 23 16.02 27.32 -41.60
C ASN H 23 16.09 28.84 -41.62
N GLN H 24 15.09 29.48 -42.25
CA GLN H 24 15.06 30.94 -42.31
C GLN H 24 15.00 31.55 -40.93
N TYR H 25 14.11 31.03 -40.07
CA TYR H 25 14.00 31.59 -38.73
C TYR H 25 15.25 31.28 -37.91
N PHE H 26 15.84 30.09 -38.10
CA PHE H 26 17.02 29.79 -37.30
C PHE H 26 18.16 30.72 -37.67
N LEU H 27 18.33 30.99 -38.95
CA LEU H 27 19.39 31.91 -39.36
C LEU H 27 19.10 33.32 -38.88
N HIS H 28 17.87 33.78 -39.05
CA HIS H 28 17.52 35.10 -38.56
C HIS H 28 17.78 35.22 -37.07
N SER H 29 17.44 34.17 -36.30
CA SER H 29 17.70 34.16 -34.85
C SER H 29 19.18 34.37 -34.56
N ARG H 30 20.04 33.61 -35.22
CA ARG H 30 21.46 33.70 -34.92
C ARG H 30 22.08 35.00 -35.43
N MET H 31 21.52 35.59 -36.50
CA MET H 31 21.97 36.91 -36.93
C MET H 31 21.64 37.95 -35.88
N TRP H 32 20.41 37.93 -35.36
CA TRP H 32 20.06 38.85 -34.29
C TRP H 32 20.93 38.63 -33.06
N ASN H 33 21.20 37.37 -32.69
CA ASN H 33 22.08 37.12 -31.55
C ASN H 33 23.47 37.70 -31.80
N ASP H 34 24.02 37.48 -32.99
CA ASP H 34 25.33 38.02 -33.34
C ASP H 34 25.37 39.54 -33.22
N TRP H 35 24.26 40.21 -33.53
CA TRP H 35 24.20 41.66 -33.44
C TRP H 35 23.91 42.17 -32.02
N GLY H 36 23.70 41.30 -31.04
CA GLY H 36 23.39 41.75 -29.71
C GLY H 36 21.92 42.01 -29.47
N LEU H 37 21.06 41.59 -30.39
CA LEU H 37 19.62 41.77 -30.25
C LEU H 37 19.03 40.45 -29.72
N LYS H 38 19.37 40.15 -28.47
CA LYS H 38 19.14 38.82 -27.92
C LYS H 38 17.66 38.51 -27.74
N ARG H 39 16.80 39.51 -27.50
CA ARG H 39 15.38 39.21 -27.33
C ARG H 39 14.75 38.81 -28.66
N LEU H 40 15.12 39.50 -29.74
CA LEU H 40 14.72 39.07 -31.07
C LEU H 40 15.29 37.69 -31.39
N GLY H 41 16.56 37.48 -31.07
CA GLY H 41 17.16 36.17 -31.32
C GLY H 41 16.41 35.04 -30.64
N ALA H 42 16.07 35.24 -29.37
CA ALA H 42 15.39 34.19 -28.62
C ALA H 42 13.99 33.94 -29.16
N HIS H 43 13.26 35.02 -29.43
CA HIS H 43 11.90 34.85 -29.96
C HIS H 43 11.93 34.13 -31.31
N GLU H 44 12.87 34.49 -32.18
CA GLU H 44 12.95 33.88 -33.51
C GLU H 44 13.39 32.42 -33.41
N TYR H 45 14.27 32.10 -32.45
CA TYR H 45 14.59 30.72 -32.16
C TYR H 45 13.35 29.93 -31.80
N HIS H 46 12.52 30.47 -30.91
CA HIS H 46 11.31 29.77 -30.54
C HIS H 46 10.35 29.61 -31.73
N GLU H 47 10.34 30.56 -32.67
CA GLU H 47 9.55 30.40 -33.89
C GLU H 47 10.07 29.22 -34.71
N SER H 48 11.40 29.09 -34.82
CA SER H 48 11.98 27.97 -35.56
C SER H 48 11.60 26.64 -34.91
N ILE H 49 11.69 26.55 -33.58
CA ILE H 49 11.32 25.33 -32.87
C ILE H 49 9.85 25.00 -33.11
N ASP H 50 8.97 26.00 -33.09
CA ASP H 50 7.56 25.75 -33.32
C ASP H 50 7.31 25.17 -34.70
N GLU H 51 8.06 25.66 -35.70
CA GLU H 51 7.95 25.11 -37.03
C GLU H 51 8.45 23.67 -37.07
N MET H 52 9.51 23.36 -36.30
CA MET H 52 9.99 21.99 -36.23
C MET H 52 8.92 21.07 -35.69
N LYS H 53 8.15 21.55 -34.70
CA LYS H 53 7.06 20.74 -34.14
C LYS H 53 5.98 20.48 -35.19
N HIS H 54 5.64 21.49 -36.00
CA HIS H 54 4.65 21.28 -37.06
C HIS H 54 5.20 20.29 -38.08
N ALA H 55 6.46 20.46 -38.46
CA ALA H 55 7.05 19.56 -39.45
C ALA H 55 7.03 18.11 -38.94
N ASP H 56 7.29 17.92 -37.65
CA ASP H 56 7.25 16.60 -37.05
C ASP H 56 5.87 15.97 -37.21
N LYS H 57 4.83 16.74 -36.90
CA LYS H 57 3.48 16.20 -37.01
C LYS H 57 3.13 15.86 -38.45
N LEU H 58 3.54 16.69 -39.40
CA LEU H 58 3.29 16.38 -40.82
C LEU H 58 4.00 15.10 -41.23
N ILE H 59 5.27 14.96 -40.82
CA ILE H 59 6.03 13.76 -41.19
C ILE H 59 5.36 12.52 -40.63
N GLU H 60 4.94 12.58 -39.37
CA GLU H 60 4.27 11.47 -38.71
C GLU H 60 2.98 11.12 -39.44
N ARG H 61 2.21 12.14 -39.84
CA ARG H 61 0.95 11.89 -40.55
C ARG H 61 1.21 11.30 -41.93
N ILE H 62 2.19 11.82 -42.66
CA ILE H 62 2.47 11.27 -43.99
C ILE H 62 2.83 9.79 -43.88
N LEU H 63 3.68 9.44 -42.91
CA LEU H 63 4.08 8.05 -42.74
C LEU H 63 2.90 7.17 -42.37
N PHE H 64 2.01 7.66 -41.49
CA PHE H 64 0.82 6.88 -41.13
C PHE H 64 -0.02 6.59 -42.37
N LEU H 65 -0.16 7.57 -43.25
CA LEU H 65 -0.92 7.45 -44.49
C LEU H 65 -0.16 6.72 -45.59
N GLU H 66 1.01 6.16 -45.26
CA GLU H 66 1.80 5.33 -46.16
C GLU H 66 2.35 6.12 -47.35
N GLY H 67 2.64 7.39 -47.12
CA GLY H 67 3.37 8.21 -48.05
C GLY H 67 4.83 8.37 -47.66
N LEU H 68 5.59 9.03 -48.54
CA LEU H 68 7.01 9.27 -48.33
C LEU H 68 7.23 10.74 -47.98
N PRO H 69 7.62 11.08 -46.76
CA PRO H 69 7.86 12.49 -46.45
C PRO H 69 9.08 12.98 -47.22
N ASN H 70 8.95 14.18 -47.78
CA ASN H 70 10.00 14.78 -48.60
C ASN H 70 10.73 15.81 -47.76
N LEU H 71 11.89 15.43 -47.24
CA LEU H 71 12.78 16.36 -46.55
C LEU H 71 13.96 16.76 -47.43
N GLN H 72 13.91 16.40 -48.69
CA GLN H 72 15.05 16.60 -49.59
C GLN H 72 14.99 17.92 -50.35
N ASP H 73 13.80 18.36 -50.74
CA ASP H 73 13.64 19.52 -51.60
C ASP H 73 13.43 20.73 -50.70
N LEU H 74 14.43 21.59 -50.65
CA LEU H 74 14.37 22.80 -49.85
C LEU H 74 14.21 23.99 -50.78
N GLY H 75 13.12 24.73 -50.61
CA GLY H 75 12.84 25.89 -51.41
C GLY H 75 13.63 27.09 -50.93
N LYS H 76 13.27 28.26 -51.48
CA LYS H 76 14.08 29.46 -51.35
C LYS H 76 13.94 30.09 -49.95
N LEU H 77 15.05 30.22 -49.25
CA LEU H 77 15.07 31.00 -48.01
C LEU H 77 15.01 32.49 -48.33
N LEU H 78 14.24 33.23 -47.54
CA LEU H 78 14.11 34.68 -47.68
C LEU H 78 14.84 35.30 -46.50
N ILE H 79 16.08 35.72 -46.73
CA ILE H 79 16.97 36.17 -45.67
C ILE H 79 17.14 37.68 -45.80
N GLY H 80 16.77 38.40 -44.77
CA GLY H 80 16.94 39.83 -44.79
C GLY H 80 18.36 40.26 -44.41
N GLU H 81 18.66 41.53 -44.68
CA GLU H 81 19.96 42.10 -44.32
C GLU H 81 19.89 43.02 -43.11
N ASN H 82 18.70 43.41 -42.69
CA ASN H 82 18.55 44.17 -41.45
C ASN H 82 17.23 43.76 -40.83
N THR H 83 16.98 44.26 -39.63
CA THR H 83 15.84 43.79 -38.83
C THR H 83 14.52 43.99 -39.56
N GLN H 84 14.31 45.17 -40.14
CA GLN H 84 13.06 45.44 -40.82
C GLN H 84 12.86 44.45 -41.97
N GLU H 85 13.91 44.24 -42.79
CA GLU H 85 13.80 43.30 -43.91
C GLU H 85 13.58 41.87 -43.44
N MET H 86 14.24 41.47 -42.35
CA MET H 86 14.13 40.10 -41.86
C MET H 86 12.69 39.83 -41.41
N LEU H 87 12.10 40.78 -40.68
CA LEU H 87 10.71 40.62 -40.28
C LEU H 87 9.79 40.56 -41.49
N GLN H 88 10.03 41.41 -42.49
CA GLN H 88 9.19 41.37 -43.68
C GLN H 88 9.36 40.06 -44.45
N CYS H 89 10.59 39.54 -44.51
CA CYS H 89 10.83 38.26 -45.17
C CYS H 89 10.06 37.13 -44.47
N ASP H 90 10.07 37.13 -43.12
CA ASP H 90 9.28 36.14 -42.39
C ASP H 90 7.81 36.28 -42.74
N LEU H 91 7.31 37.52 -42.76
CA LEU H 91 5.90 37.74 -43.06
C LEU H 91 5.55 37.29 -44.48
N ASN H 92 6.41 37.59 -45.45
CA ASN H 92 6.12 37.15 -46.81
C ASN H 92 6.04 35.63 -46.87
N LEU H 93 6.92 34.95 -46.15
CA LEU H 93 6.92 33.48 -46.14
C LEU H 93 5.65 32.96 -45.51
N GLU H 94 5.24 33.57 -44.38
CA GLU H 94 4.06 33.11 -43.65
C GLU H 94 2.80 33.27 -44.50
N LEU H 95 2.72 34.36 -45.27
CA LEU H 95 1.53 34.58 -46.09
C LEU H 95 1.42 33.56 -47.21
N LYS H 96 2.55 33.12 -47.77
CA LYS H 96 2.50 32.02 -48.72
C LYS H 96 2.11 30.72 -48.01
N ALA H 97 2.61 30.51 -46.79
CA ALA H 97 2.30 29.29 -46.07
C ALA H 97 0.82 29.18 -45.78
N THR H 98 0.17 30.28 -45.40
CA THR H 98 -1.25 30.17 -45.06
C THR H 98 -2.10 29.99 -46.30
N LYS H 99 -1.70 30.54 -47.45
CA LYS H 99 -2.43 30.25 -48.68
C LYS H 99 -2.42 28.77 -48.99
N ASP H 100 -1.24 28.13 -48.91
CA ASP H 100 -1.13 26.70 -49.16
C ASP H 100 -1.92 25.88 -48.13
N LEU H 101 -1.93 26.32 -46.87
CA LEU H 101 -2.69 25.60 -45.84
C LEU H 101 -4.17 25.58 -46.17
N ARG H 102 -4.71 26.72 -46.63
CA ARG H 102 -6.14 26.79 -46.94
C ARG H 102 -6.47 25.87 -48.10
N GLU H 103 -5.61 25.84 -49.13
CA GLU H 103 -5.84 24.94 -50.27
C GLU H 103 -5.79 23.48 -49.84
N ALA H 104 -4.90 23.15 -48.92
CA ALA H 104 -4.80 21.77 -48.45
C ALA H 104 -6.03 21.37 -47.65
N ILE H 105 -6.53 22.28 -46.81
CA ILE H 105 -7.73 22.00 -46.02
C ILE H 105 -8.94 21.78 -46.95
N VAL H 106 -9.08 22.60 -47.99
CA VAL H 106 -10.18 22.39 -48.95
C VAL H 106 -10.16 20.96 -49.45
N HIS H 107 -8.99 20.49 -49.87
CA HIS H 107 -8.93 19.15 -50.44
C HIS H 107 -9.17 18.08 -49.38
N CYS H 108 -8.61 18.24 -48.19
CA CYS H 108 -8.90 17.28 -47.12
C CYS H 108 -10.40 17.16 -46.88
N GLU H 109 -11.10 18.28 -46.87
CA GLU H 109 -12.55 18.26 -46.65
C GLU H 109 -13.24 17.50 -47.76
N GLN H 110 -12.81 17.74 -48.99
CA GLN H 110 -13.46 17.12 -50.16
C GLN H 110 -13.37 15.59 -50.13
N VAL H 111 -12.25 15.04 -49.67
CA VAL H 111 -12.07 13.59 -49.66
C VAL H 111 -12.28 12.99 -48.27
N HIS H 112 -12.80 13.78 -47.32
CA HIS H 112 -13.26 13.32 -46.01
C HIS H 112 -12.10 12.90 -45.10
N ASP H 113 -10.92 13.48 -45.32
CA ASP H 113 -9.78 13.24 -44.43
C ASP H 113 -9.84 14.30 -43.34
N TYR H 114 -10.76 14.08 -42.41
CA TYR H 114 -11.04 15.10 -41.41
C TYR H 114 -9.94 15.22 -40.36
N VAL H 115 -9.20 14.15 -40.11
CA VAL H 115 -8.07 14.23 -39.16
C VAL H 115 -6.93 15.04 -39.76
N SER H 116 -6.61 14.83 -41.04
CA SER H 116 -5.59 15.67 -41.68
C SER H 116 -6.05 17.12 -41.71
N ARG H 117 -7.34 17.36 -41.97
CA ARG H 117 -7.83 18.73 -41.92
C ARG H 117 -7.58 19.36 -40.55
N ASP H 118 -7.89 18.62 -39.48
CA ASP H 118 -7.73 19.17 -38.14
C ASP H 118 -6.27 19.51 -37.85
N LEU H 119 -5.34 18.66 -38.29
CA LEU H 119 -3.93 18.94 -38.10
C LEU H 119 -3.53 20.22 -38.81
N LEU H 120 -3.97 20.36 -40.05
CA LEU H 120 -3.65 21.56 -40.82
C LEU H 120 -4.28 22.80 -40.23
N LYS H 121 -5.50 22.69 -39.71
CA LYS H 121 -6.13 23.83 -39.06
C LYS H 121 -5.33 24.27 -37.84
N ASP H 122 -4.86 23.32 -37.02
CA ASP H 122 -4.01 23.67 -35.88
C ASP H 122 -2.75 24.39 -36.33
N ILE H 123 -2.10 23.89 -37.40
CA ILE H 123 -0.91 24.56 -37.92
C ILE H 123 -1.27 25.96 -38.40
N LEU H 124 -2.39 26.10 -39.11
CA LEU H 124 -2.84 27.40 -39.60
C LEU H 124 -3.08 28.39 -38.46
N GLU H 125 -3.67 27.94 -37.34
CA GLU H 125 -3.83 28.81 -36.18
C GLU H 125 -2.48 29.32 -35.69
N SER H 126 -1.48 28.43 -35.65
CA SER H 126 -0.14 28.84 -35.24
CA SER H 126 -0.14 28.83 -35.25
C SER H 126 0.45 29.83 -36.23
N GLU H 127 0.27 29.60 -37.52
CA GLU H 127 0.85 30.53 -38.50
C GLU H 127 0.16 31.89 -38.45
N GLU H 128 -1.17 31.95 -38.23
CA GLU H 128 -1.82 33.24 -38.08
C GLU H 128 -1.36 33.96 -36.83
N GLU H 129 -1.10 33.25 -35.72
CA GLU H 129 -0.50 33.90 -34.56
C GLU H 129 0.87 34.46 -34.89
N HIS H 130 1.66 33.74 -35.68
CA HIS H 130 2.95 34.28 -36.10
C HIS H 130 2.79 35.52 -36.99
N ILE H 131 1.81 35.51 -37.89
CA ILE H 131 1.52 36.69 -38.70
C ILE H 131 1.14 37.87 -37.80
N ASP H 132 0.30 37.62 -36.79
CA ASP H 132 -0.03 38.65 -35.81
C ASP H 132 1.22 39.23 -35.17
N TYR H 133 2.10 38.36 -34.68
CA TYR H 133 3.36 38.82 -34.10
C TYR H 133 4.15 39.69 -35.08
N LEU H 134 4.33 39.22 -36.31
CA LEU H 134 5.17 39.95 -37.27
C LEU H 134 4.58 41.30 -37.67
N GLU H 135 3.29 41.33 -37.98
CA GLU H 135 2.60 42.60 -38.26
C GLU H 135 2.75 43.57 -37.10
N THR H 136 2.63 43.06 -35.87
CA THR H 136 2.75 43.90 -34.68
C THR H 136 4.17 44.47 -34.55
N GLN H 137 5.19 43.65 -34.77
CA GLN H 137 6.57 44.13 -34.69
C GLN H 137 6.83 45.23 -35.72
N LEU H 138 6.36 45.02 -36.95
CA LEU H 138 6.54 46.04 -37.97
C LEU H 138 5.81 47.32 -37.62
N GLY H 139 4.62 47.20 -37.02
CA GLY H 139 3.90 48.38 -36.58
C GLY H 139 4.62 49.09 -35.44
N LEU H 140 5.21 48.32 -34.53
CA LEU H 140 5.94 48.93 -33.43
C LEU H 140 7.15 49.71 -33.93
N ILE H 141 7.82 49.23 -34.97
CA ILE H 141 8.94 49.98 -35.52
C ILE H 141 8.47 51.36 -35.94
N GLN H 142 7.27 51.45 -36.52
CA GLN H 142 6.75 52.74 -36.93
C GLN H 142 6.35 53.60 -35.74
N LYS H 143 5.78 52.98 -34.70
CA LYS H 143 5.25 53.73 -33.55
C LYS H 143 6.36 54.23 -32.63
N VAL H 144 7.37 53.40 -32.35
CA VAL H 144 8.39 53.78 -31.39
C VAL H 144 9.69 54.20 -32.04
N GLY H 145 9.81 54.03 -33.35
CA GLY H 145 11.05 54.29 -34.06
C GLY H 145 11.98 53.09 -34.03
N LEU H 146 12.80 52.97 -35.07
CA LEU H 146 13.66 51.81 -35.22
C LEU H 146 14.70 51.72 -34.10
N GLU H 147 15.32 52.85 -33.73
CA GLU H 147 16.34 52.83 -32.69
C GLU H 147 15.77 52.32 -31.37
N ASN H 148 14.61 52.84 -30.97
CA ASN H 148 13.97 52.34 -29.75
C ASN H 148 13.55 50.89 -29.90
N TYR H 149 12.99 50.52 -31.06
CA TYR H 149 12.56 49.14 -31.25
C TYR H 149 13.73 48.19 -31.05
N LEU H 150 14.88 48.51 -31.67
CA LEU H 150 16.05 47.66 -31.51
C LEU H 150 16.54 47.69 -30.06
N GLN H 151 16.57 48.87 -29.44
CA GLN H 151 17.01 48.96 -28.06
C GLN H 151 16.21 48.01 -27.18
N SER H 152 14.88 47.97 -27.38
CA SER H 152 13.99 47.14 -26.58
C SER H 152 14.23 45.65 -26.79
N HIS H 153 14.99 45.27 -27.81
CA HIS H 153 15.25 43.87 -28.06
C HIS H 153 16.72 43.50 -27.80
N MET H 154 17.47 44.37 -27.12
CA MET H 154 18.85 44.04 -26.78
C MET H 154 18.92 42.98 -25.69
N HIS H 155 18.18 43.18 -24.61
CA HIS H 155 18.23 42.31 -23.43
C HIS H 155 17.05 41.34 -23.42
N GLU H 156 17.34 40.08 -23.12
CA GLU H 156 16.29 39.06 -23.06
C GLU H 156 15.58 39.03 -21.71
N MET I 1 -16.55 -2.02 48.93
CA MET I 1 -17.06 -1.19 50.05
C MET I 1 -18.55 -1.47 50.19
N LYS I 2 -19.02 -1.84 51.37
CA LYS I 2 -20.40 -2.32 51.48
C LYS I 2 -21.37 -1.16 51.29
N GLY I 3 -22.15 -1.18 50.21
CA GLY I 3 -23.12 -0.13 49.98
C GLY I 3 -24.46 -0.40 50.63
N ASP I 4 -25.30 0.63 50.60
CA ASP I 4 -26.66 0.53 51.09
C ASP I 4 -27.46 -0.39 50.18
N LYS I 5 -28.21 -1.32 50.78
CA LYS I 5 -28.96 -2.29 49.98
C LYS I 5 -29.99 -1.61 49.08
N LYS I 6 -30.67 -0.60 49.59
CA LYS I 6 -31.66 0.10 48.79
C LYS I 6 -31.03 0.97 47.71
N VAL I 7 -29.84 1.54 47.97
CA VAL I 7 -29.11 2.20 46.87
C VAL I 7 -28.87 1.20 45.76
N ILE I 8 -28.36 0.02 46.11
CA ILE I 8 -28.06 -0.96 45.08
C ILE I 8 -29.33 -1.35 44.32
N GLN I 9 -30.45 -1.49 45.04
CA GLN I 9 -31.73 -1.75 44.36
C GLN I 9 -32.07 -0.65 43.37
N HIS I 10 -31.90 0.62 43.78
CA HIS I 10 -32.17 1.73 42.88
C HIS I 10 -31.23 1.70 41.69
N LEU I 11 -29.93 1.48 41.94
CA LEU I 11 -28.98 1.43 40.82
C LEU I 11 -29.33 0.33 39.84
N ASN I 12 -29.77 -0.82 40.37
CA ASN I 12 -30.22 -1.90 39.48
C ASN I 12 -31.50 -1.54 38.73
N LYS I 13 -32.39 -0.74 39.32
CA LYS I 13 -33.58 -0.30 38.58
C LYS I 13 -33.17 0.62 37.43
N ILE I 14 -32.29 1.57 37.71
CA ILE I 14 -31.84 2.46 36.64
CA ILE I 14 -31.81 2.47 36.65
C ILE I 14 -31.10 1.68 35.56
N LEU I 15 -30.25 0.74 35.97
CA LEU I 15 -29.57 -0.12 35.02
C LEU I 15 -30.59 -0.85 34.14
N GLY I 16 -31.65 -1.38 34.73
CA GLY I 16 -32.68 -2.04 33.93
C GLY I 16 -33.31 -1.10 32.91
N ASN I 17 -33.52 0.16 33.30
CA ASN I 17 -34.07 1.12 32.35
C ASN I 17 -33.09 1.38 31.21
N GLU I 18 -31.81 1.46 31.54
CA GLU I 18 -30.80 1.68 30.51
C GLU I 18 -30.73 0.50 29.56
N LEU I 19 -30.86 -0.73 30.08
CA LEU I 19 -30.77 -1.92 29.23
C LEU I 19 -31.93 -1.97 28.24
N ILE I 20 -33.14 -1.58 28.68
CA ILE I 20 -34.25 -1.40 27.73
C ILE I 20 -33.87 -0.40 26.64
N ALA I 21 -33.41 0.76 27.06
CA ALA I 21 -33.10 1.85 26.14
C ALA I 21 -32.02 1.45 25.13
N ILE I 22 -30.98 0.74 25.58
CA ILE I 22 -29.92 0.31 24.66
C ILE I 22 -30.53 -0.46 23.51
N ASN I 23 -31.41 -1.41 23.83
CA ASN I 23 -31.98 -2.27 22.80
C ASN I 23 -33.02 -1.55 21.96
N GLN I 24 -33.89 -0.76 22.59
CA GLN I 24 -34.88 0.00 21.85
C GLN I 24 -34.23 0.98 20.89
N TYR I 25 -33.23 1.73 21.38
CA TYR I 25 -32.56 2.68 20.48
C TYR I 25 -31.79 1.96 19.39
N PHE I 26 -31.16 0.83 19.69
CA PHE I 26 -30.40 0.14 18.67
C PHE I 26 -31.33 -0.36 17.56
N LEU I 27 -32.47 -0.95 17.93
CA LEU I 27 -33.42 -1.44 16.94
C LEU I 27 -33.99 -0.29 16.13
N HIS I 28 -34.41 0.80 16.80
CA HIS I 28 -34.88 1.96 16.05
C HIS I 28 -33.83 2.48 15.09
N SER I 29 -32.56 2.52 15.52
CA SER I 29 -31.47 2.96 14.66
C SER I 29 -31.41 2.11 13.39
N ARG I 30 -31.47 0.78 13.56
CA ARG I 30 -31.33 -0.10 12.41
C ARG I 30 -32.57 -0.10 11.54
N MET I 31 -33.75 0.16 12.12
CA MET I 31 -34.95 0.37 11.30
C MET I 31 -34.81 1.61 10.43
N TRP I 32 -34.37 2.72 11.02
CA TRP I 32 -34.20 3.93 10.23
C TRP I 32 -33.15 3.71 9.15
N ASN I 33 -32.06 3.01 9.45
CA ASN I 33 -31.06 2.74 8.43
C ASN I 33 -31.64 1.91 7.31
N ASP I 34 -32.41 0.88 7.65
CA ASP I 34 -33.04 0.02 6.65
C ASP I 34 -33.96 0.82 5.74
N TRP I 35 -34.59 1.87 6.26
CA TRP I 35 -35.49 2.73 5.49
C TRP I 35 -34.77 3.84 4.72
N GLY I 36 -33.46 3.96 4.86
CA GLY I 36 -32.73 5.00 4.16
C GLY I 36 -32.68 6.33 4.87
N LEU I 37 -33.12 6.36 6.12
CA LEU I 37 -33.12 7.58 6.92
C LEU I 37 -31.86 7.56 7.79
N LYS I 38 -30.71 7.71 7.10
CA LYS I 38 -29.43 7.42 7.72
C LYS I 38 -29.07 8.44 8.80
N ARG I 39 -29.52 9.68 8.69
CA ARG I 39 -29.19 10.64 9.75
C ARG I 39 -29.88 10.28 11.04
N LEU I 40 -31.16 9.87 10.98
CA LEU I 40 -31.84 9.37 12.16
C LEU I 40 -31.17 8.10 12.66
N GLY I 41 -30.82 7.19 11.75
CA GLY I 41 -30.19 5.96 12.20
C GLY I 41 -28.90 6.22 12.95
N ALA I 42 -28.10 7.15 12.45
CA ALA I 42 -26.80 7.41 13.07
C ALA I 42 -26.99 8.06 14.43
N HIS I 43 -27.93 9.02 14.53
CA HIS I 43 -28.16 9.70 15.79
C HIS I 43 -28.67 8.74 16.84
N GLU I 44 -29.60 7.88 16.46
CA GLU I 44 -30.18 6.92 17.37
C GLU I 44 -29.15 5.87 17.81
N TYR I 45 -28.24 5.51 16.90
CA TYR I 45 -27.12 4.64 17.27
C TYR I 45 -26.27 5.28 18.35
N HIS I 46 -25.93 6.57 18.16
CA HIS I 46 -25.16 7.25 19.19
C HIS I 46 -25.95 7.34 20.50
N GLU I 47 -27.27 7.46 20.44
CA GLU I 47 -28.05 7.40 21.68
C GLU I 47 -27.91 6.04 22.36
N SER I 48 -27.93 4.95 21.57
CA SER I 48 -27.77 3.63 22.14
C SER I 48 -26.41 3.50 22.81
N ILE I 49 -25.36 3.98 22.14
CA ILE I 49 -24.02 3.91 22.71
C ILE I 49 -23.94 4.72 24.01
N ASP I 50 -24.54 5.92 24.06
CA ASP I 50 -24.51 6.72 25.27
C ASP I 50 -25.15 5.97 26.44
N GLU I 51 -26.25 5.27 26.17
CA GLU I 51 -26.89 4.47 27.20
C GLU I 51 -25.99 3.32 27.64
N MET I 52 -25.26 2.71 26.70
CA MET I 52 -24.29 1.69 27.06
C MET I 52 -23.25 2.23 28.04
N LYS I 53 -22.79 3.45 27.81
CA LYS I 53 -21.80 4.05 28.71
C LYS I 53 -22.38 4.26 30.10
N HIS I 54 -23.62 4.70 30.20
CA HIS I 54 -24.27 4.85 31.50
C HIS I 54 -24.40 3.49 32.19
N ALA I 55 -24.85 2.48 31.46
CA ALA I 55 -24.99 1.14 32.03
C ALA I 55 -23.65 0.64 32.58
N ASP I 56 -22.57 0.86 31.83
CA ASP I 56 -21.23 0.46 32.29
C ASP I 56 -20.91 1.10 33.63
N LYS I 57 -21.13 2.40 33.75
CA LYS I 57 -20.80 3.07 35.01
C LYS I 57 -21.67 2.55 36.16
N LEU I 58 -22.94 2.26 35.90
CA LEU I 58 -23.82 1.70 36.93
C LEU I 58 -23.34 0.32 37.35
N ILE I 59 -22.96 -0.53 36.39
CA ILE I 59 -22.48 -1.87 36.72
C ILE I 59 -21.20 -1.79 37.55
N GLU I 60 -20.29 -0.90 37.17
CA GLU I 60 -19.05 -0.72 37.93
C GLU I 60 -19.34 -0.25 39.34
N ARG I 61 -20.28 0.69 39.50
CA ARG I 61 -20.60 1.22 40.82
C ARG I 61 -21.25 0.15 41.70
N ILE I 62 -22.16 -0.64 41.13
CA ILE I 62 -22.83 -1.69 41.88
C ILE I 62 -21.80 -2.71 42.38
N LEU I 63 -20.88 -3.13 41.51
CA LEU I 63 -19.85 -4.06 41.96
C LEU I 63 -18.96 -3.47 43.05
N PHE I 64 -18.56 -2.20 42.92
CA PHE I 64 -17.77 -1.56 43.98
C PHE I 64 -18.51 -1.61 45.30
N LEU I 65 -19.81 -1.39 45.28
CA LEU I 65 -20.65 -1.41 46.47
C LEU I 65 -21.02 -2.82 46.91
N GLU I 66 -20.41 -3.84 46.29
CA GLU I 66 -20.57 -5.24 46.66
C GLU I 66 -22.00 -5.73 46.46
N GLY I 67 -22.67 -5.21 45.42
CA GLY I 67 -23.94 -5.73 44.97
C GLY I 67 -23.78 -6.56 43.70
N LEU I 68 -24.89 -7.15 43.28
CA LEU I 68 -24.93 -7.97 42.07
C LEU I 68 -25.64 -7.20 40.97
N PRO I 69 -24.96 -6.77 39.92
CA PRO I 69 -25.65 -6.12 38.82
C PRO I 69 -26.58 -7.09 38.11
N ASN I 70 -27.79 -6.62 37.84
CA ASN I 70 -28.83 -7.45 37.22
C ASN I 70 -28.91 -7.09 35.74
N LEU I 71 -28.34 -7.94 34.90
CA LEU I 71 -28.46 -7.79 33.45
C LEU I 71 -29.39 -8.83 32.86
N GLN I 72 -30.15 -9.52 33.71
CA GLN I 72 -30.98 -10.65 33.31
C GLN I 72 -32.41 -10.22 33.00
N ASP I 73 -32.95 -9.31 33.81
CA ASP I 73 -34.34 -8.92 33.70
C ASP I 73 -34.41 -7.77 32.72
N LEU I 74 -35.03 -8.01 31.58
CA LEU I 74 -35.19 -6.99 30.55
C LEU I 74 -36.66 -6.62 30.45
N GLY I 75 -36.98 -5.38 30.77
CA GLY I 75 -38.33 -4.89 30.68
C GLY I 75 -38.80 -4.66 29.25
N LYS I 76 -39.98 -4.04 29.16
CA LYS I 76 -40.71 -3.94 27.89
C LYS I 76 -40.08 -2.90 26.96
N LEU I 77 -39.64 -3.35 25.78
CA LEU I 77 -39.21 -2.42 24.73
C LEU I 77 -40.42 -1.76 24.08
N LEU I 78 -40.32 -0.44 23.85
CA LEU I 78 -41.39 0.33 23.19
C LEU I 78 -40.94 0.59 21.76
N ILE I 79 -41.39 -0.25 20.81
CA ILE I 79 -40.92 -0.18 19.42
C ILE I 79 -42.01 0.45 18.59
N GLY I 80 -41.68 1.53 17.91
CA GLY I 80 -42.65 2.15 17.03
C GLY I 80 -42.68 1.50 15.66
N GLU I 81 -43.72 1.84 14.89
CA GLU I 81 -43.86 1.31 13.54
C GLU I 81 -43.55 2.34 12.46
N ASN I 82 -43.46 3.61 12.82
CA ASN I 82 -43.08 4.67 11.90
C ASN I 82 -42.32 5.71 12.70
N THR I 83 -41.74 6.67 12.00
CA THR I 83 -40.81 7.60 12.63
C THR I 83 -41.45 8.35 13.81
N GLN I 84 -42.64 8.92 13.60
CA GLN I 84 -43.30 9.66 14.68
C GLN I 84 -43.52 8.78 15.92
N GLU I 85 -43.97 7.55 15.70
CA GLU I 85 -44.22 6.65 16.85
C GLU I 85 -42.92 6.26 17.53
N MET I 86 -41.87 6.00 16.76
CA MET I 86 -40.59 5.62 17.34
C MET I 86 -40.04 6.73 18.22
N LEU I 87 -40.10 7.97 17.74
CA LEU I 87 -39.68 9.11 18.57
C LEU I 87 -40.52 9.19 19.83
N GLN I 88 -41.84 9.03 19.71
CA GLN I 88 -42.69 9.13 20.89
C GLN I 88 -42.40 7.99 21.86
N CYS I 89 -42.13 6.79 21.35
CA CYS I 89 -41.76 5.66 22.21
C CYS I 89 -40.48 5.96 22.97
N ASP I 90 -39.47 6.51 22.28
CA ASP I 90 -38.25 6.91 22.99
C ASP I 90 -38.56 7.93 24.07
N LEU I 91 -39.40 8.91 23.76
CA LEU I 91 -39.73 9.93 24.75
C LEU I 91 -40.48 9.34 25.93
N ASN I 92 -41.43 8.44 25.67
CA ASN I 92 -42.13 7.78 26.78
C ASN I 92 -41.16 7.02 27.67
N LEU I 93 -40.20 6.31 27.10
CA LEU I 93 -39.20 5.61 27.89
C LEU I 93 -38.35 6.57 28.70
N GLU I 94 -37.93 7.68 28.09
CA GLU I 94 -37.06 8.63 28.79
C GLU I 94 -37.77 9.25 29.98
N LEU I 95 -39.08 9.53 29.86
CA LEU I 95 -39.81 10.15 30.98
C LEU I 95 -39.95 9.20 32.16
N LYS I 96 -40.13 7.91 31.91
CA LYS I 96 -40.09 6.96 33.00
C LYS I 96 -38.69 6.88 33.62
N ALA I 97 -37.68 6.96 32.77
CA ALA I 97 -36.30 6.86 33.25
C ALA I 97 -35.96 8.01 34.17
N THR I 98 -36.41 9.23 33.84
CA THR I 98 -36.04 10.38 34.66
C THR I 98 -36.78 10.37 35.98
N LYS I 99 -38.01 9.84 36.00
CA LYS I 99 -38.72 9.69 37.26
C LYS I 99 -37.95 8.78 38.20
N ASP I 100 -37.48 7.64 37.66
CA ASP I 100 -36.74 6.71 38.49
C ASP I 100 -35.40 7.29 38.94
N LEU I 101 -34.73 8.06 38.07
CA LEU I 101 -33.48 8.69 38.47
C LEU I 101 -33.69 9.66 39.63
N ARG I 102 -34.75 10.47 39.59
CA ARG I 102 -35.00 11.41 40.67
C ARG I 102 -35.24 10.68 41.99
N GLU I 103 -35.99 9.59 41.95
CA GLU I 103 -36.25 8.83 43.18
C GLU I 103 -34.97 8.18 43.70
N ALA I 104 -34.10 7.73 42.80
CA ALA I 104 -32.84 7.16 43.24
C ALA I 104 -31.94 8.20 43.88
N ILE I 105 -31.89 9.40 43.29
CA ILE I 105 -31.10 10.50 43.84
C ILE I 105 -31.57 10.84 45.24
N VAL I 106 -32.90 10.92 45.45
CA VAL I 106 -33.43 11.18 46.79
C VAL I 106 -32.85 10.20 47.79
N HIS I 107 -32.87 8.91 47.46
CA HIS I 107 -32.43 7.93 48.43
C HIS I 107 -30.92 7.98 48.62
N CYS I 108 -30.14 8.18 47.55
CA CYS I 108 -28.70 8.34 47.72
C CYS I 108 -28.39 9.48 48.68
N GLU I 109 -29.09 10.61 48.54
CA GLU I 109 -28.84 11.76 49.40
C GLU I 109 -29.11 11.40 50.85
N GLN I 110 -30.20 10.66 51.08
CA GLN I 110 -30.61 10.35 52.45
C GLN I 110 -29.64 9.42 53.14
N VAL I 111 -28.98 8.50 52.43
CA VAL I 111 -27.99 7.63 53.08
C VAL I 111 -26.57 8.13 52.89
N HIS I 112 -26.42 9.35 52.39
CA HIS I 112 -25.13 10.04 52.26
C HIS I 112 -24.21 9.38 51.25
N ASP I 113 -24.80 8.71 50.24
CA ASP I 113 -24.01 8.13 49.15
C ASP I 113 -23.88 9.17 48.05
N TYR I 114 -23.02 10.15 48.32
CA TYR I 114 -22.94 11.33 47.47
C TYR I 114 -22.27 11.03 46.13
N VAL I 115 -21.39 10.03 46.08
CA VAL I 115 -20.75 9.63 44.83
C VAL I 115 -21.78 8.96 43.92
N SER I 116 -22.58 8.03 44.45
CA SER I 116 -23.67 7.47 43.64
C SER I 116 -24.64 8.56 43.18
N ARG I 117 -24.95 9.52 44.06
CA ARG I 117 -25.80 10.63 43.65
C ARG I 117 -25.22 11.36 42.45
N ASP I 118 -23.92 11.65 42.49
CA ASP I 118 -23.27 12.41 41.44
C ASP I 118 -23.33 11.67 40.11
N LEU I 119 -23.09 10.35 40.14
CA LEU I 119 -23.23 9.52 38.94
C LEU I 119 -24.63 9.62 38.36
N LEU I 120 -25.64 9.48 39.22
CA LEU I 120 -27.02 9.53 38.77
C LEU I 120 -27.38 10.91 38.23
N LYS I 121 -26.84 11.96 38.84
CA LYS I 121 -27.08 13.32 38.35
C LYS I 121 -26.52 13.49 36.94
N ASP I 122 -25.31 12.97 36.72
CA ASP I 122 -24.71 13.02 35.39
C ASP I 122 -25.56 12.25 34.36
N ILE I 123 -26.04 11.07 34.73
CA ILE I 123 -26.93 10.33 33.85
C ILE I 123 -28.21 11.11 33.58
N LEU I 124 -28.80 11.69 34.64
CA LEU I 124 -30.02 12.48 34.49
C LEU I 124 -29.80 13.65 33.53
N GLU I 125 -28.64 14.32 33.62
CA GLU I 125 -28.35 15.40 32.68
C GLU I 125 -28.36 14.91 31.25
N SER I 126 -27.76 13.73 31.02
CA SER I 126 -27.77 13.14 29.67
CA SER I 126 -27.77 13.13 29.68
C SER I 126 -29.19 12.79 29.23
N GLU I 127 -30.00 12.23 30.13
CA GLU I 127 -31.37 11.87 29.77
C GLU I 127 -32.21 13.11 29.46
N GLU I 128 -32.03 14.22 30.20
CA GLU I 128 -32.77 15.43 29.89
C GLU I 128 -32.34 16.02 28.54
N GLU I 129 -31.05 15.92 28.18
CA GLU I 129 -30.62 16.31 26.84
C GLU I 129 -31.30 15.44 25.79
N HIS I 130 -31.45 14.15 26.08
CA HIS I 130 -32.16 13.30 25.13
C HIS I 130 -33.62 13.71 24.98
N ILE I 131 -34.28 14.05 26.11
CA ILE I 131 -35.66 14.53 26.06
C ILE I 131 -35.76 15.80 25.21
N ASP I 132 -34.82 16.74 25.41
CA ASP I 132 -34.80 17.95 24.60
C ASP I 132 -34.75 17.58 23.12
N TYR I 133 -33.83 16.71 22.74
CA TYR I 133 -33.70 16.29 21.33
C TYR I 133 -35.01 15.70 20.82
N LEU I 134 -35.61 14.81 21.59
CA LEU I 134 -36.82 14.12 21.15
C LEU I 134 -37.99 15.09 20.99
N GLU I 135 -38.23 15.94 22.01
CA GLU I 135 -39.28 16.94 21.90
C GLU I 135 -39.06 17.86 20.71
N THR I 136 -37.81 18.24 20.48
CA THR I 136 -37.47 19.07 19.33
C THR I 136 -37.81 18.37 18.01
N GLN I 137 -37.50 17.08 17.89
CA GLN I 137 -37.78 16.36 16.64
C GLN I 137 -39.27 16.29 16.40
N LEU I 138 -40.05 16.01 17.45
CA LEU I 138 -41.49 15.94 17.29
C LEU I 138 -42.04 17.30 16.91
N GLY I 139 -41.48 18.37 17.49
CA GLY I 139 -41.87 19.71 17.12
C GLY I 139 -41.53 20.04 15.68
N LEU I 140 -40.37 19.58 15.22
CA LEU I 140 -39.96 19.88 13.86
C LEU I 140 -40.89 19.20 12.85
N ILE I 141 -41.35 17.99 13.17
CA ILE I 141 -42.30 17.31 12.28
C ILE I 141 -43.54 18.19 12.08
N GLN I 142 -44.02 18.82 13.16
CA GLN I 142 -45.16 19.73 13.04
C GLN I 142 -44.81 20.99 12.27
N LYS I 143 -43.62 21.55 12.49
CA LYS I 143 -43.27 22.82 11.85
C LYS I 143 -42.93 22.68 10.36
N VAL I 144 -42.17 21.65 9.97
CA VAL I 144 -41.73 21.54 8.57
C VAL I 144 -42.52 20.52 7.77
N GLY I 145 -43.40 19.76 8.41
CA GLY I 145 -44.14 18.66 7.80
C GLY I 145 -43.34 17.37 7.84
N LEU I 146 -44.08 16.25 7.87
CA LEU I 146 -43.40 14.97 8.00
C LEU I 146 -42.53 14.66 6.80
N GLU I 147 -43.02 14.92 5.59
CA GLU I 147 -42.24 14.61 4.39
C GLU I 147 -40.91 15.35 4.39
N ASN I 148 -40.93 16.66 4.72
CA ASN I 148 -39.68 17.41 4.78
C ASN I 148 -38.79 16.93 5.92
N TYR I 149 -39.38 16.62 7.08
CA TYR I 149 -38.60 16.14 8.22
C TYR I 149 -37.84 14.87 7.83
N LEU I 150 -38.53 13.92 7.20
CA LEU I 150 -37.87 12.69 6.79
C LEU I 150 -36.82 12.96 5.72
N GLN I 151 -37.14 13.80 4.74
CA GLN I 151 -36.17 14.21 3.72
C GLN I 151 -34.86 14.69 4.34
N SER I 152 -34.96 15.57 5.34
CA SER I 152 -33.80 16.11 6.01
C SER I 152 -33.00 15.08 6.77
N HIS I 153 -33.53 13.87 6.96
CA HIS I 153 -32.79 12.84 7.69
C HIS I 153 -32.38 11.69 6.79
N MET I 154 -32.44 11.87 5.47
CA MET I 154 -31.96 10.86 4.55
C MET I 154 -30.45 10.75 4.57
N HIS I 155 -29.75 11.87 4.46
CA HIS I 155 -28.29 11.83 4.33
C HIS I 155 -27.57 12.23 5.63
N MET J 1 34.70 39.62 -36.22
CA MET J 1 36.17 39.47 -36.41
C MET J 1 36.39 38.87 -37.80
N LYS J 2 37.24 39.49 -38.61
CA LYS J 2 37.40 39.06 -40.01
C LYS J 2 38.07 37.68 -40.04
N GLY J 3 37.32 36.64 -40.42
CA GLY J 3 37.88 35.32 -40.48
C GLY J 3 38.52 35.00 -41.82
N ASP J 4 39.26 33.90 -41.85
CA ASP J 4 39.87 33.39 -43.06
C ASP J 4 38.78 32.89 -44.02
N LYS J 5 38.79 33.37 -45.26
CA LYS J 5 37.74 32.99 -46.20
C LYS J 5 37.66 31.49 -46.39
N LYS J 6 38.82 30.82 -46.47
CA LYS J 6 38.79 29.38 -46.68
C LYS J 6 38.35 28.64 -45.42
N VAL J 7 38.70 29.13 -44.22
CA VAL J 7 38.07 28.58 -43.01
C VAL J 7 36.56 28.62 -43.15
N ILE J 8 36.01 29.79 -43.51
CA ILE J 8 34.55 29.92 -43.58
C ILE J 8 33.98 28.94 -44.60
N GLN J 9 34.65 28.77 -45.75
CA GLN J 9 34.24 27.74 -46.70
C GLN J 9 34.19 26.36 -46.07
N HIS J 10 35.22 26.00 -45.30
CA HIS J 10 35.22 24.69 -44.63
C HIS J 10 34.09 24.60 -43.62
N LEU J 11 33.88 25.66 -42.82
CA LEU J 11 32.80 25.62 -41.84
C LEU J 11 31.45 25.45 -42.52
N ASN J 12 31.24 26.14 -43.65
CA ASN J 12 30.00 25.96 -44.40
C ASN J 12 29.86 24.55 -44.97
N LYS J 13 30.96 23.93 -45.39
CA LYS J 13 30.88 22.56 -45.85
C LYS J 13 30.48 21.62 -44.71
N ILE J 14 31.10 21.77 -43.54
CA ILE J 14 30.72 20.92 -42.42
CA ILE J 14 30.73 20.95 -42.39
C ILE J 14 29.27 21.19 -42.03
N LEU J 15 28.85 22.45 -42.05
CA LEU J 15 27.45 22.78 -41.77
C LEU J 15 26.53 22.09 -42.75
N GLY J 16 26.91 22.06 -44.03
CA GLY J 16 26.09 21.36 -45.01
C GLY J 16 25.94 19.89 -44.68
N ASN J 17 27.01 19.24 -44.26
CA ASN J 17 26.93 17.84 -43.86
C ASN J 17 26.01 17.68 -42.66
N GLU J 18 26.09 18.59 -41.69
CA GLU J 18 25.24 18.50 -40.51
C GLU J 18 23.77 18.67 -40.90
N LEU J 19 23.48 19.56 -41.86
CA LEU J 19 22.10 19.77 -42.28
C LEU J 19 21.54 18.52 -42.97
N ILE J 20 22.33 17.82 -43.78
CA ILE J 20 21.88 16.55 -44.34
C ILE J 20 21.54 15.60 -43.20
N ALA J 21 22.47 15.47 -42.26
CA ALA J 21 22.32 14.51 -41.18
C ALA J 21 21.09 14.81 -40.33
N ILE J 22 20.83 16.09 -40.01
CA ILE J 22 19.63 16.44 -39.25
C ILE J 22 18.40 15.81 -39.89
N ASN J 23 18.24 16.01 -41.20
CA ASN J 23 17.03 15.57 -41.89
C ASN J 23 17.01 14.06 -42.07
N GLN J 24 18.15 13.49 -42.41
CA GLN J 24 18.22 12.04 -42.58
C GLN J 24 17.90 11.32 -41.28
N TYR J 25 18.53 11.76 -40.18
CA TYR J 25 18.26 11.13 -38.88
C TYR J 25 16.84 11.38 -38.41
N PHE J 26 16.29 12.58 -38.65
CA PHE J 26 14.92 12.83 -38.22
C PHE J 26 13.94 11.92 -38.98
N LEU J 27 14.10 11.79 -40.29
CA LEU J 27 13.20 10.91 -41.03
C LEU J 27 13.36 9.45 -40.61
N HIS J 28 14.61 8.97 -40.46
CA HIS J 28 14.83 7.61 -39.99
C HIS J 28 14.16 7.39 -38.64
N SER J 29 14.28 8.37 -37.73
CA SER J 29 13.66 8.27 -36.42
C SER J 29 12.15 8.06 -36.54
N ARG J 30 11.50 8.88 -37.35
CA ARG J 30 10.05 8.80 -37.48
C ARG J 30 9.60 7.55 -38.23
N MET J 31 10.42 7.04 -39.15
CA MET J 31 10.16 5.74 -39.79
C MET J 31 10.19 4.63 -38.74
N TRP J 32 11.24 4.60 -37.92
CA TRP J 32 11.31 3.61 -36.85
C TRP J 32 10.13 3.74 -35.89
N ASN J 33 9.75 4.97 -35.54
CA ASN J 33 8.60 5.13 -34.65
C ASN J 33 7.31 4.60 -35.29
N ASP J 34 7.09 4.89 -36.58
CA ASP J 34 5.92 4.43 -37.30
C ASP J 34 5.87 2.91 -37.36
N TRP J 35 7.03 2.25 -37.35
CA TRP J 35 7.12 0.80 -37.36
C TRP J 35 7.01 0.19 -35.96
N GLY J 36 6.93 1.00 -34.92
CA GLY J 36 6.85 0.47 -33.57
C GLY J 36 8.18 0.13 -32.95
N LEU J 37 9.28 0.58 -33.56
CA LEU J 37 10.62 0.33 -33.05
C LEU J 37 11.08 1.60 -32.31
N LYS J 38 10.42 1.83 -31.17
CA LYS J 38 10.49 3.11 -30.50
C LYS J 38 11.85 3.39 -29.89
N ARG J 39 12.60 2.36 -29.50
CA ARG J 39 13.93 2.61 -28.93
C ARG J 39 14.89 3.11 -29.99
N LEU J 40 14.80 2.53 -31.20
CA LEU J 40 15.57 3.07 -32.32
C LEU J 40 15.10 4.47 -32.69
N GLY J 41 13.78 4.68 -32.72
CA GLY J 41 13.27 6.00 -33.04
C GLY J 41 13.76 7.06 -32.07
N ALA J 42 13.75 6.74 -30.78
CA ALA J 42 14.19 7.74 -29.79
C ALA J 42 15.68 8.01 -29.91
N HIS J 43 16.48 6.96 -30.07
CA HIS J 43 17.91 7.16 -30.16
C HIS J 43 18.25 7.98 -31.40
N GLU J 44 17.59 7.68 -32.52
CA GLU J 44 17.86 8.40 -33.76
C GLU J 44 17.40 9.85 -33.67
N TYR J 45 16.30 10.10 -32.96
CA TYR J 45 15.86 11.48 -32.72
C TYR J 45 16.94 12.25 -31.99
N HIS J 46 17.50 11.63 -30.94
CA HIS J 46 18.57 12.31 -30.20
C HIS J 46 19.82 12.51 -31.06
N GLU J 47 20.10 11.60 -32.00
CA GLU J 47 21.19 11.86 -32.95
C GLU J 47 20.89 13.09 -33.81
N SER J 48 19.63 13.25 -34.24
CA SER J 48 19.27 14.42 -35.04
C SER J 48 19.46 15.70 -34.22
N ILE J 49 19.00 15.69 -32.97
CA ILE J 49 19.17 16.85 -32.08
C ILE J 49 20.65 17.17 -31.88
N ASP J 50 21.50 16.15 -31.71
CA ASP J 50 22.91 16.41 -31.52
C ASP J 50 23.50 17.10 -32.75
N GLU J 51 23.07 16.70 -33.95
CA GLU J 51 23.56 17.36 -35.16
C GLU J 51 23.05 18.80 -35.22
N MET J 52 21.81 19.05 -34.77
CA MET J 52 21.29 20.42 -34.69
C MET J 52 22.18 21.27 -33.80
N LYS J 53 22.66 20.70 -32.69
CA LYS J 53 23.52 21.47 -31.78
C LYS J 53 24.83 21.83 -32.47
N HIS J 54 25.41 20.88 -33.21
CA HIS J 54 26.63 21.17 -33.95
C HIS J 54 26.39 22.24 -35.01
N ALA J 55 25.30 22.12 -35.76
CA ALA J 55 24.96 23.12 -36.78
C ALA J 55 24.86 24.51 -36.18
N ASP J 56 24.20 24.60 -35.01
CA ASP J 56 24.08 25.88 -34.31
C ASP J 56 25.46 26.48 -34.02
N LYS J 57 26.36 25.69 -33.44
CA LYS J 57 27.68 26.22 -33.13
C LYS J 57 28.42 26.67 -34.39
N LEU J 58 28.26 25.93 -35.48
CA LEU J 58 28.93 26.32 -36.73
C LEU J 58 28.36 27.63 -37.28
N ILE J 59 27.03 27.77 -37.27
CA ILE J 59 26.39 28.99 -37.73
C ILE J 59 26.87 30.18 -36.91
N GLU J 60 26.94 30.01 -35.58
CA GLU J 60 27.40 31.06 -34.69
C GLU J 60 28.84 31.46 -34.98
N ARG J 61 29.70 30.47 -35.18
CA ARG J 61 31.11 30.73 -35.50
C ARG J 61 31.25 31.46 -36.83
N ILE J 62 30.54 31.00 -37.86
CA ILE J 62 30.59 31.64 -39.17
C ILE J 62 30.18 33.10 -39.07
N LEU J 63 29.09 33.38 -38.37
CA LEU J 63 28.65 34.76 -38.22
C LEU J 63 29.69 35.60 -37.46
N PHE J 64 30.30 35.03 -36.43
CA PHE J 64 31.32 35.77 -35.69
C PHE J 64 32.49 36.13 -36.60
N LEU J 65 32.84 35.21 -37.49
CA LEU J 65 33.93 35.42 -38.44
C LEU J 65 33.51 36.24 -39.65
N GLU J 66 32.30 36.79 -39.64
CA GLU J 66 31.80 37.71 -40.65
C GLU J 66 31.58 37.01 -42.00
N GLY J 67 31.22 35.74 -41.96
CA GLY J 67 30.79 35.03 -43.13
C GLY J 67 29.27 34.82 -43.15
N LEU J 68 28.81 34.26 -44.26
CA LEU J 68 27.39 33.99 -44.48
C LEU J 68 27.13 32.51 -44.30
N PRO J 69 26.42 32.09 -43.27
CA PRO J 69 26.11 30.67 -43.13
C PRO J 69 25.16 30.24 -44.23
N ASN J 70 25.46 29.08 -44.83
CA ASN J 70 24.70 28.57 -45.96
C ASN J 70 23.76 27.48 -45.45
N LEU J 71 22.48 27.84 -45.27
CA LEU J 71 21.44 26.89 -44.91
C LEU J 71 20.53 26.58 -46.10
N GLN J 72 20.90 27.04 -47.29
CA GLN J 72 20.07 26.91 -48.49
C GLN J 72 20.36 25.64 -49.25
N ASP J 73 21.62 25.29 -49.36
CA ASP J 73 22.01 24.15 -50.17
C ASP J 73 21.88 22.93 -49.27
N LEU J 74 21.07 21.98 -49.69
CA LEU J 74 20.92 20.72 -48.97
C LEU J 74 21.32 19.59 -49.89
N GLY J 75 22.35 18.85 -49.49
CA GLY J 75 22.82 17.71 -50.25
C GLY J 75 21.93 16.48 -50.09
N LYS J 76 22.43 15.38 -50.65
CA LYS J 76 21.60 14.19 -50.85
C LYS J 76 21.35 13.46 -49.53
N LEU J 77 20.09 13.27 -49.18
CA LEU J 77 19.77 12.41 -48.05
C LEU J 77 19.91 10.95 -48.47
N LEU J 78 20.49 10.14 -47.57
CA LEU J 78 20.64 8.70 -47.77
C LEU J 78 19.60 7.99 -46.88
N ILE J 79 18.47 7.59 -47.47
CA ILE J 79 17.34 7.08 -46.70
C ILE J 79 17.27 5.59 -46.96
N GLY J 80 17.32 4.79 -45.91
CA GLY J 80 17.18 3.36 -46.10
C GLY J 80 15.74 2.93 -46.20
N GLU J 81 15.53 1.68 -46.63
CA GLU J 81 14.20 1.11 -46.69
C GLU J 81 13.92 0.09 -45.58
N ASN J 82 14.95 -0.35 -44.85
CA ASN J 82 14.77 -1.22 -43.70
C ASN J 82 15.88 -0.88 -42.71
N THR J 83 15.81 -1.51 -41.53
CA THR J 83 16.65 -1.09 -40.41
C THR J 83 18.13 -1.20 -40.77
N GLN J 84 18.56 -2.34 -41.31
CA GLN J 84 19.97 -2.50 -41.64
C GLN J 84 20.45 -1.43 -42.63
N GLU J 85 19.65 -1.17 -43.67
CA GLU J 85 20.02 -0.17 -44.66
C GLU J 85 20.06 1.21 -44.06
N MET J 86 19.12 1.51 -43.16
CA MET J 86 19.07 2.84 -42.54
C MET J 86 20.33 3.08 -41.71
N LEU J 87 20.71 2.09 -40.91
CA LEU J 87 21.94 2.24 -40.14
C LEU J 87 23.14 2.38 -41.06
N GLN J 88 23.20 1.57 -42.12
CA GLN J 88 24.34 1.67 -43.04
C GLN J 88 24.38 3.02 -43.74
N CYS J 89 23.21 3.55 -44.12
CA CYS J 89 23.15 4.90 -44.69
C CYS J 89 23.68 5.95 -43.71
N ASP J 90 23.26 5.86 -42.44
CA ASP J 90 23.81 6.79 -41.44
C ASP J 90 25.33 6.64 -41.35
N LEU J 91 25.83 5.41 -41.37
CA LEU J 91 27.27 5.20 -41.27
C LEU J 91 27.99 5.77 -42.49
N ASN J 92 27.44 5.56 -43.68
CA ASN J 92 28.08 6.10 -44.88
C ASN J 92 28.16 7.63 -44.81
N LEU J 93 27.07 8.28 -44.39
CA LEU J 93 27.10 9.73 -44.22
C LEU J 93 28.15 10.15 -43.19
N GLU J 94 28.25 9.41 -42.08
CA GLU J 94 29.17 9.80 -41.02
C GLU J 94 30.62 9.68 -41.46
N LEU J 95 30.94 8.69 -42.28
CA LEU J 95 32.31 8.52 -42.75
C LEU J 95 32.71 9.65 -43.69
N LYS J 96 31.78 10.10 -44.54
CA LYS J 96 32.04 11.30 -45.33
C LYS J 96 32.22 12.51 -44.42
N ALA J 97 31.38 12.64 -43.41
CA ALA J 97 31.44 13.77 -42.50
C ALA J 97 32.80 13.86 -41.78
N THR J 98 33.33 12.72 -41.32
CA THR J 98 34.59 12.78 -40.58
C THR J 98 35.77 13.07 -41.52
N LYS J 99 35.70 12.61 -42.77
CA LYS J 99 36.73 12.96 -43.73
C LYS J 99 36.78 14.46 -43.94
N ASP J 100 35.61 15.09 -44.12
CA ASP J 100 35.56 16.54 -44.29
C ASP J 100 36.00 17.26 -43.02
N LEU J 101 35.65 16.74 -41.84
CA LEU J 101 36.10 17.38 -40.61
C LEU J 101 37.63 17.38 -40.51
N ARG J 102 38.26 16.25 -40.84
CA ARG J 102 39.72 16.20 -40.78
C ARG J 102 40.36 17.22 -41.73
N GLU J 103 39.84 17.34 -42.95
CA GLU J 103 40.38 18.31 -43.91
C GLU J 103 40.20 19.74 -43.39
N ALA J 104 39.05 20.02 -42.75
CA ALA J 104 38.81 21.33 -42.20
C ALA J 104 39.77 21.64 -41.06
N ILE J 105 40.05 20.65 -40.20
CA ILE J 105 40.96 20.87 -39.08
C ILE J 105 42.38 21.15 -39.60
N VAL J 106 42.80 20.45 -40.64
CA VAL J 106 44.13 20.71 -41.20
C VAL J 106 44.24 22.17 -41.61
N HIS J 107 43.23 22.66 -42.32
CA HIS J 107 43.31 24.03 -42.80
C HIS J 107 43.29 25.02 -41.65
N CYS J 108 42.42 24.80 -40.67
CA CYS J 108 42.36 25.72 -39.54
C CYS J 108 43.71 25.81 -38.83
N GLU J 109 44.36 24.66 -38.65
CA GLU J 109 45.69 24.64 -38.02
C GLU J 109 46.67 25.46 -38.83
N GLN J 110 46.66 25.27 -40.16
CA GLN J 110 47.61 25.96 -41.03
C GLN J 110 47.46 27.47 -41.01
N VAL J 111 46.25 28.00 -40.82
CA VAL J 111 46.06 29.44 -40.78
C VAL J 111 45.87 29.96 -39.35
N HIS J 112 46.18 29.13 -38.36
CA HIS J 112 46.22 29.50 -36.94
C HIS J 112 44.86 29.88 -36.38
N ASP J 113 43.77 29.35 -36.96
CA ASP J 113 42.43 29.53 -36.37
C ASP J 113 42.20 28.40 -35.37
N TYR J 114 42.82 28.53 -34.21
CA TYR J 114 42.83 27.44 -33.25
C TYR J 114 41.49 27.27 -32.55
N VAL J 115 40.69 28.33 -32.45
CA VAL J 115 39.36 28.19 -31.86
C VAL J 115 38.43 27.42 -32.81
N SER J 116 38.45 27.74 -34.10
CA SER J 116 37.67 26.96 -35.05
C SER J 116 38.12 25.51 -35.07
N ARG J 117 39.44 25.27 -35.02
CA ARG J 117 39.92 23.89 -34.89
C ARG J 117 39.31 23.20 -33.70
N ASP J 118 39.25 23.87 -32.55
CA ASP J 118 38.77 23.22 -31.35
C ASP J 118 37.30 22.85 -31.48
N LEU J 119 36.51 23.74 -32.09
CA LEU J 119 35.08 23.46 -32.35
C LEU J 119 34.94 22.23 -33.22
N LEU J 120 35.72 22.17 -34.30
CA LEU J 120 35.65 21.06 -35.21
C LEU J 120 36.12 19.76 -34.56
N LYS J 121 37.15 19.82 -33.72
CA LYS J 121 37.58 18.62 -32.99
C LYS J 121 36.47 18.10 -32.09
N ASP J 122 35.77 19.00 -31.40
CA ASP J 122 34.65 18.57 -30.54
C ASP J 122 33.56 17.90 -31.38
N ILE J 123 33.25 18.46 -32.54
CA ILE J 123 32.28 17.85 -33.44
C ILE J 123 32.77 16.48 -33.90
N LEU J 124 34.07 16.38 -34.23
CA LEU J 124 34.61 15.11 -34.70
C LEU J 124 34.51 14.05 -33.61
N GLU J 125 34.75 14.42 -32.36
CA GLU J 125 34.61 13.48 -31.26
C GLU J 125 33.19 12.95 -31.19
N SER J 126 32.20 13.84 -31.35
CA SER J 126 30.80 13.40 -31.37
CA SER J 126 30.80 13.40 -31.36
C SER J 126 30.52 12.49 -32.55
N GLU J 127 31.07 12.81 -33.72
CA GLU J 127 30.78 12.00 -34.89
C GLU J 127 31.43 10.61 -34.79
N GLU J 128 32.64 10.53 -34.23
CA GLU J 128 33.24 9.21 -34.01
C GLU J 128 32.47 8.40 -32.96
N GLU J 129 31.90 9.06 -31.95
CA GLU J 129 31.01 8.33 -31.03
C GLU J 129 29.80 7.80 -31.79
N HIS J 130 29.29 8.54 -32.75
CA HIS J 130 28.16 8.06 -33.52
C HIS J 130 28.56 6.87 -34.41
N ILE J 131 29.75 6.94 -35.02
CA ILE J 131 30.26 5.83 -35.82
C ILE J 131 30.37 4.58 -34.95
N ASP J 132 30.88 4.73 -33.71
CA ASP J 132 30.98 3.61 -32.78
C ASP J 132 29.60 2.99 -32.55
N TYR J 133 28.60 3.85 -32.27
CA TYR J 133 27.24 3.36 -32.08
C TYR J 133 26.77 2.57 -33.30
N LEU J 134 26.94 3.15 -34.50
CA LEU J 134 26.40 2.56 -35.72
C LEU J 134 27.08 1.24 -36.04
N GLU J 135 28.40 1.22 -35.99
CA GLU J 135 29.15 -0.01 -36.18
C GLU J 135 28.72 -1.07 -35.18
N THR J 136 28.46 -0.66 -33.93
CA THR J 136 28.05 -1.61 -32.91
C THR J 136 26.65 -2.15 -33.20
N GLN J 137 25.74 -1.30 -33.65
CA GLN J 137 24.38 -1.78 -33.97
C GLN J 137 24.43 -2.78 -35.12
N LEU J 138 25.23 -2.49 -36.15
CA LEU J 138 25.34 -3.42 -37.28
C LEU J 138 25.95 -4.73 -36.83
N GLY J 139 26.93 -4.67 -35.91
CA GLY J 139 27.51 -5.88 -35.37
C GLY J 139 26.52 -6.68 -34.55
N LEU J 140 25.68 -5.99 -33.76
CA LEU J 140 24.70 -6.70 -32.94
C LEU J 140 23.68 -7.42 -33.81
N ILE J 141 23.31 -6.84 -34.96
CA ILE J 141 22.39 -7.53 -35.86
C ILE J 141 22.97 -8.87 -36.27
N GLN J 142 24.28 -8.90 -36.54
CA GLN J 142 24.92 -10.17 -36.90
C GLN J 142 25.03 -11.12 -35.72
N LYS J 143 25.24 -10.60 -34.51
CA LYS J 143 25.49 -11.46 -33.36
C LYS J 143 24.20 -12.01 -32.75
N VAL J 144 23.15 -11.18 -32.62
CA VAL J 144 21.91 -11.64 -32.00
C VAL J 144 20.82 -11.99 -33.02
N GLY J 145 21.04 -11.70 -34.31
CA GLY J 145 20.03 -11.92 -35.35
C GLY J 145 19.11 -10.74 -35.49
N LEU J 146 18.61 -10.53 -36.72
CA LEU J 146 17.79 -9.34 -36.97
C LEU J 146 16.52 -9.34 -36.14
N GLU J 147 15.81 -10.48 -36.08
CA GLU J 147 14.55 -10.50 -35.34
C GLU J 147 14.75 -10.13 -33.88
N ASN J 148 15.81 -10.65 -33.25
CA ASN J 148 16.08 -10.29 -31.85
C ASN J 148 16.50 -8.83 -31.75
N TYR J 149 17.35 -8.36 -32.66
CA TYR J 149 17.79 -6.97 -32.60
C TYR J 149 16.59 -6.03 -32.67
N LEU J 150 15.66 -6.28 -33.59
CA LEU J 150 14.47 -5.45 -33.69
C LEU J 150 13.59 -5.59 -32.46
N GLN J 151 13.41 -6.81 -31.95
CA GLN J 151 12.63 -6.99 -30.73
C GLN J 151 13.15 -6.12 -29.60
N SER J 152 14.46 -6.10 -29.44
CA SER J 152 15.12 -5.34 -28.38
C SER J 152 14.97 -3.84 -28.54
N HIS J 153 14.48 -3.37 -29.68
CA HIS J 153 14.30 -1.95 -29.92
C HIS J 153 12.84 -1.56 -30.03
N MET J 154 11.92 -2.44 -29.61
CA MET J 154 10.50 -2.10 -29.63
C MET J 154 10.16 -1.13 -28.51
N HIS J 155 10.61 -1.41 -27.30
CA HIS J 155 10.18 -0.62 -26.12
C HIS J 155 11.32 0.26 -25.60
N MET K 1 -32.46 19.94 -26.37
CA MET K 1 -32.49 20.75 -27.62
C MET K 1 -32.71 19.77 -28.77
N LYS K 2 -33.85 19.82 -29.47
CA LYS K 2 -34.14 18.77 -30.44
C LYS K 2 -33.13 18.75 -31.57
N GLY K 3 -32.53 17.60 -31.77
CA GLY K 3 -31.57 17.41 -32.84
C GLY K 3 -32.22 16.97 -34.13
N ASP K 4 -31.41 16.94 -35.16
CA ASP K 4 -31.79 16.42 -36.47
C ASP K 4 -31.96 14.90 -36.38
N LYS K 5 -33.05 14.38 -36.92
CA LYS K 5 -33.35 12.96 -36.80
C LYS K 5 -32.25 12.10 -37.41
N LYS K 6 -31.76 12.48 -38.59
CA LYS K 6 -30.70 11.71 -39.23
C LYS K 6 -29.37 11.85 -38.49
N VAL K 7 -29.07 13.02 -37.92
CA VAL K 7 -27.89 13.11 -37.05
C VAL K 7 -28.00 12.08 -35.93
N ILE K 8 -29.15 12.03 -35.25
CA ILE K 8 -29.30 11.09 -34.14
C ILE K 8 -29.16 9.65 -34.63
N GLN K 9 -29.69 9.35 -35.82
CA GLN K 9 -29.51 8.01 -36.38
C GLN K 9 -28.03 7.68 -36.59
N HIS K 10 -27.29 8.64 -37.14
CA HIS K 10 -25.86 8.45 -37.34
C HIS K 10 -25.14 8.26 -36.00
N LEU K 11 -25.48 9.08 -35.00
CA LEU K 11 -24.85 8.94 -33.68
C LEU K 11 -25.13 7.56 -33.07
N ASN K 12 -26.37 7.07 -33.22
CA ASN K 12 -26.67 5.73 -32.76
C ASN K 12 -25.91 4.67 -33.53
N LYS K 13 -25.68 4.88 -34.83
CA LYS K 13 -24.89 3.91 -35.59
C LYS K 13 -23.46 3.86 -35.08
N ILE K 14 -22.88 5.03 -34.82
CA ILE K 14 -21.53 5.07 -34.27
CA ILE K 14 -21.54 5.10 -34.25
C ILE K 14 -21.51 4.46 -32.87
N LEU K 15 -22.52 4.78 -32.05
CA LEU K 15 -22.63 4.16 -30.74
C LEU K 15 -22.66 2.63 -30.87
N GLY K 16 -23.44 2.11 -31.83
CA GLY K 16 -23.49 0.67 -32.02
C GLY K 16 -22.12 0.09 -32.32
N ASN K 17 -21.34 0.78 -33.14
CA ASN K 17 -19.98 0.31 -33.44
C ASN K 17 -19.12 0.32 -32.19
N GLU K 18 -19.23 1.36 -31.36
CA GLU K 18 -18.44 1.42 -30.14
C GLU K 18 -18.82 0.29 -29.18
N LEU K 19 -20.12 -0.04 -29.12
CA LEU K 19 -20.58 -1.10 -28.21
C LEU K 19 -20.01 -2.46 -28.63
N ILE K 20 -19.95 -2.75 -29.93
CA ILE K 20 -19.27 -3.96 -30.40
C ILE K 20 -17.82 -3.95 -29.96
N ALA K 21 -17.12 -2.83 -30.22
CA ALA K 21 -15.71 -2.74 -29.90
C ALA K 21 -15.44 -2.93 -28.40
N ILE K 22 -16.26 -2.31 -27.54
CA ILE K 22 -16.07 -2.48 -26.10
C ILE K 22 -16.00 -3.97 -25.75
N ASN K 23 -16.98 -4.75 -26.21
CA ASN K 23 -17.05 -6.16 -25.86
C ASN K 23 -15.95 -6.94 -26.54
N GLN K 24 -15.67 -6.64 -27.81
CA GLN K 24 -14.65 -7.37 -28.55
C GLN K 24 -13.28 -7.15 -27.93
N TYR K 25 -12.94 -5.90 -27.63
CA TYR K 25 -11.64 -5.62 -27.01
C TYR K 25 -11.57 -6.18 -25.60
N PHE K 26 -12.66 -6.11 -24.84
CA PHE K 26 -12.61 -6.64 -23.48
C PHE K 26 -12.35 -8.15 -23.50
N LEU K 27 -13.06 -8.89 -24.36
CA LEU K 27 -12.84 -10.33 -24.44
C LEU K 27 -11.42 -10.66 -24.92
N HIS K 28 -10.97 -9.96 -25.96
CA HIS K 28 -9.61 -10.19 -26.43
C HIS K 28 -8.60 -9.93 -25.31
N SER K 29 -8.81 -8.87 -24.54
CA SER K 29 -7.93 -8.56 -23.42
C SER K 29 -7.87 -9.73 -22.45
N ARG K 30 -9.03 -10.26 -22.07
CA ARG K 30 -9.07 -11.33 -21.10
C ARG K 30 -8.56 -12.65 -21.69
N MET K 31 -8.72 -12.87 -22.99
CA MET K 31 -8.06 -14.01 -23.61
C MET K 31 -6.54 -13.88 -23.50
N TRP K 32 -5.99 -12.71 -23.83
CA TRP K 32 -4.54 -12.55 -23.73
C TRP K 32 -4.08 -12.69 -22.29
N ASN K 33 -4.84 -12.16 -21.33
CA ASN K 33 -4.45 -12.36 -19.93
C ASN K 33 -4.44 -13.84 -19.56
N ASP K 34 -5.46 -14.58 -20.00
CA ASP K 34 -5.55 -16.00 -19.65
C ASP K 34 -4.36 -16.77 -20.22
N TRP K 35 -3.85 -16.34 -21.35
CA TRP K 35 -2.69 -16.96 -21.98
C TRP K 35 -1.36 -16.49 -21.42
N GLY K 36 -1.37 -15.58 -20.44
CA GLY K 36 -0.15 -15.06 -19.86
C GLY K 36 0.52 -13.96 -20.66
N LEU K 37 -0.20 -13.36 -21.61
CA LEU K 37 0.31 -12.25 -22.42
C LEU K 37 -0.25 -10.95 -21.85
N LYS K 38 0.22 -10.65 -20.65
CA LYS K 38 -0.42 -9.63 -19.83
C LYS K 38 -0.22 -8.23 -20.40
N ARG K 39 0.87 -7.98 -21.14
CA ARG K 39 1.04 -6.64 -21.70
C ARG K 39 0.06 -6.40 -22.82
N LEU K 40 -0.22 -7.44 -23.62
CA LEU K 40 -1.27 -7.33 -24.62
C LEU K 40 -2.63 -7.19 -23.96
N GLY K 41 -2.86 -7.96 -22.88
CA GLY K 41 -4.11 -7.86 -22.17
C GLY K 41 -4.33 -6.47 -21.64
N ALA K 42 -3.30 -5.87 -21.05
CA ALA K 42 -3.46 -4.54 -20.48
C ALA K 42 -3.72 -3.50 -21.56
N HIS K 43 -2.99 -3.57 -22.67
CA HIS K 43 -3.21 -2.57 -23.71
C HIS K 43 -4.61 -2.71 -24.30
N GLU K 44 -5.05 -3.93 -24.54
CA GLU K 44 -6.37 -4.14 -25.10
C GLU K 44 -7.47 -3.71 -24.14
N TYR K 45 -7.25 -3.92 -22.84
CA TYR K 45 -8.19 -3.41 -21.84
C TYR K 45 -8.29 -1.90 -21.95
N HIS K 46 -7.15 -1.22 -22.09
CA HIS K 46 -7.21 0.24 -22.21
C HIS K 46 -7.93 0.67 -23.49
N GLU K 47 -7.82 -0.11 -24.57
CA GLU K 47 -8.60 0.17 -25.78
C GLU K 47 -10.10 0.03 -25.52
N SER K 48 -10.50 -0.99 -24.76
CA SER K 48 -11.90 -1.14 -24.40
C SER K 48 -12.39 0.05 -23.60
N ILE K 49 -11.60 0.49 -22.62
CA ILE K 49 -11.97 1.65 -21.81
C ILE K 49 -12.12 2.90 -22.68
N ASP K 50 -11.20 3.10 -23.63
CA ASP K 50 -11.30 4.26 -24.52
C ASP K 50 -12.60 4.24 -25.33
N GLU K 51 -13.01 3.06 -25.82
CA GLU K 51 -14.28 2.96 -26.53
C GLU K 51 -15.46 3.24 -25.59
N MET K 52 -15.36 2.84 -24.31
CA MET K 52 -16.39 3.18 -23.34
C MET K 52 -16.54 4.68 -23.18
N LYS K 53 -15.40 5.41 -23.18
CA LYS K 53 -15.44 6.86 -23.05
C LYS K 53 -16.12 7.49 -24.26
N HIS K 54 -15.83 6.99 -25.47
CA HIS K 54 -16.49 7.49 -26.66
C HIS K 54 -17.99 7.20 -26.60
N ALA K 55 -18.36 5.98 -26.21
CA ALA K 55 -19.78 5.62 -26.09
C ALA K 55 -20.50 6.52 -25.10
N ASP K 56 -19.85 6.82 -23.97
CA ASP K 56 -20.42 7.74 -22.98
C ASP K 56 -20.72 9.10 -23.61
N LYS K 57 -19.76 9.65 -24.34
CA LYS K 57 -19.97 10.98 -24.95
C LYS K 57 -21.08 10.94 -26.00
N LEU K 58 -21.18 9.83 -26.75
CA LEU K 58 -22.27 9.70 -27.72
C LEU K 58 -23.62 9.62 -27.04
N ILE K 59 -23.71 8.82 -25.97
CA ILE K 59 -24.95 8.70 -25.22
C ILE K 59 -25.37 10.06 -24.67
N GLU K 60 -24.41 10.79 -24.09
CA GLU K 60 -24.72 12.11 -23.54
C GLU K 60 -25.22 13.05 -24.64
N ARG K 61 -24.61 13.01 -25.81
CA ARG K 61 -24.98 13.90 -26.92
C ARG K 61 -26.37 13.56 -27.44
N ILE K 62 -26.65 12.26 -27.62
CA ILE K 62 -27.97 11.83 -28.09
C ILE K 62 -29.06 12.28 -27.12
N LEU K 63 -28.82 12.09 -25.81
CA LEU K 63 -29.82 12.53 -24.83
C LEU K 63 -30.02 14.04 -24.87
N PHE K 64 -28.94 14.83 -25.00
CA PHE K 64 -29.11 16.28 -25.09
C PHE K 64 -29.94 16.68 -26.29
N LEU K 65 -29.76 15.97 -27.40
CA LEU K 65 -30.50 16.18 -28.63
C LEU K 65 -31.89 15.54 -28.59
N GLU K 66 -32.28 14.96 -27.46
CA GLU K 66 -33.64 14.45 -27.21
C GLU K 66 -33.94 13.22 -28.06
N GLY K 67 -32.90 12.45 -28.40
CA GLY K 67 -33.04 11.13 -28.95
C GLY K 67 -32.89 10.04 -27.89
N LEU K 68 -33.11 8.79 -28.34
CA LEU K 68 -33.00 7.62 -27.50
C LEU K 68 -31.71 6.88 -27.83
N PRO K 69 -30.73 6.84 -26.93
CA PRO K 69 -29.51 6.06 -27.21
C PRO K 69 -29.84 4.57 -27.25
N ASN K 70 -29.36 3.88 -28.29
CA ASN K 70 -29.65 2.46 -28.50
C ASN K 70 -28.49 1.64 -27.96
N LEU K 71 -28.66 1.09 -26.76
CA LEU K 71 -27.71 0.13 -26.21
C LEU K 71 -28.25 -1.30 -26.27
N GLN K 72 -29.36 -1.52 -26.97
CA GLN K 72 -30.02 -2.82 -27.00
C GLN K 72 -29.53 -3.69 -28.15
N ASP K 73 -29.26 -3.08 -29.29
CA ASP K 73 -28.89 -3.83 -30.47
C ASP K 73 -27.37 -3.94 -30.46
N LEU K 74 -26.88 -5.15 -30.37
CA LEU K 74 -25.45 -5.42 -30.38
C LEU K 74 -25.14 -6.17 -31.67
N GLY K 75 -24.33 -5.57 -32.52
CA GLY K 75 -23.88 -6.19 -33.74
C GLY K 75 -22.86 -7.30 -33.49
N LYS K 76 -22.27 -7.77 -34.59
CA LYS K 76 -21.48 -8.98 -34.58
C LYS K 76 -20.08 -8.73 -34.02
N LEU K 77 -19.74 -9.43 -32.94
CA LEU K 77 -18.37 -9.41 -32.43
C LEU K 77 -17.47 -10.22 -33.34
N LEU K 78 -16.30 -9.67 -33.66
CA LEU K 78 -15.29 -10.37 -34.46
C LEU K 78 -14.22 -10.87 -33.51
N ILE K 79 -14.32 -12.13 -33.06
CA ILE K 79 -13.42 -12.67 -32.05
C ILE K 79 -12.42 -13.57 -32.73
N GLY K 80 -11.14 -13.25 -32.59
CA GLY K 80 -10.13 -14.12 -33.16
C GLY K 80 -9.79 -15.29 -32.26
N GLU K 81 -9.07 -16.26 -32.82
CA GLU K 81 -8.64 -17.44 -32.07
C GLU K 81 -7.16 -17.44 -31.73
N ASN K 82 -6.39 -16.52 -32.28
CA ASN K 82 -4.98 -16.37 -31.97
C ASN K 82 -4.63 -14.91 -32.13
N THR K 83 -3.40 -14.56 -31.73
CA THR K 83 -3.05 -13.15 -31.57
C THR K 83 -3.17 -12.38 -32.89
N GLN K 84 -2.59 -12.89 -33.97
CA GLN K 84 -2.67 -12.18 -35.25
C GLN K 84 -4.11 -12.03 -35.71
N GLU K 85 -4.93 -13.08 -35.57
CA GLU K 85 -6.34 -12.98 -35.95
C GLU K 85 -7.08 -11.98 -35.07
N MET K 86 -6.77 -11.93 -33.77
CA MET K 86 -7.48 -11.01 -32.88
C MET K 86 -7.17 -9.57 -33.26
N LEU K 87 -5.90 -9.30 -33.52
CA LEU K 87 -5.51 -7.95 -33.94
C LEU K 87 -6.15 -7.59 -35.27
N GLN K 88 -6.21 -8.55 -36.20
CA GLN K 88 -6.82 -8.24 -37.50
C GLN K 88 -8.33 -8.03 -37.37
N CYS K 89 -9.01 -8.79 -36.49
CA CYS K 89 -10.42 -8.56 -36.23
C CYS K 89 -10.65 -7.16 -35.67
N ASP K 90 -9.81 -6.74 -34.71
CA ASP K 90 -9.90 -5.37 -34.21
C ASP K 90 -9.74 -4.37 -35.35
N LEU K 91 -8.79 -4.62 -36.25
CA LEU K 91 -8.53 -3.67 -37.33
C LEU K 91 -9.69 -3.63 -38.32
N ASN K 92 -10.25 -4.79 -38.66
CA ASN K 92 -11.41 -4.82 -39.55
C ASN K 92 -12.56 -4.02 -38.94
N LEU K 93 -12.79 -4.18 -37.64
CA LEU K 93 -13.83 -3.42 -36.96
C LEU K 93 -13.57 -1.93 -37.03
N GLU K 94 -12.31 -1.52 -36.77
CA GLU K 94 -11.98 -0.09 -36.76
C GLU K 94 -12.17 0.54 -38.13
N LEU K 95 -11.86 -0.20 -39.19
CA LEU K 95 -12.00 0.35 -40.54
C LEU K 95 -13.46 0.56 -40.91
N LYS K 96 -14.35 -0.33 -40.48
CA LYS K 96 -15.78 -0.10 -40.63
C LYS K 96 -16.22 1.12 -39.81
N ALA K 97 -15.66 1.24 -38.60
CA ALA K 97 -16.02 2.35 -37.73
C ALA K 97 -15.64 3.70 -38.35
N THR K 98 -14.44 3.82 -38.94
CA THR K 98 -14.03 5.10 -39.50
C THR K 98 -14.83 5.44 -40.75
N LYS K 99 -15.22 4.44 -41.56
CA LYS K 99 -16.12 4.70 -42.67
C LYS K 99 -17.44 5.30 -42.19
N ASP K 100 -18.04 4.72 -41.15
CA ASP K 100 -19.28 5.25 -40.60
C ASP K 100 -19.09 6.65 -40.00
N LEU K 101 -17.95 6.88 -39.34
CA LEU K 101 -17.68 8.21 -38.77
C LEU K 101 -17.63 9.28 -39.86
N ARG K 102 -16.96 8.97 -40.97
CA ARG K 102 -16.87 9.93 -42.07
C ARG K 102 -18.24 10.27 -42.65
N GLU K 103 -19.10 9.26 -42.85
CA GLU K 103 -20.44 9.53 -43.38
C GLU K 103 -21.26 10.37 -42.41
N ALA K 104 -21.10 10.12 -41.11
CA ALA K 104 -21.81 10.90 -40.09
C ALA K 104 -21.36 12.35 -40.10
N ILE K 105 -20.04 12.58 -40.23
CA ILE K 105 -19.54 13.96 -40.24
C ILE K 105 -20.09 14.72 -41.44
N VAL K 106 -20.12 14.09 -42.61
CA VAL K 106 -20.71 14.72 -43.80
C VAL K 106 -22.12 15.22 -43.49
N HIS K 107 -22.95 14.36 -42.89
CA HIS K 107 -24.33 14.78 -42.64
C HIS K 107 -24.39 15.87 -41.58
N CYS K 108 -23.60 15.76 -40.51
CA CYS K 108 -23.58 16.81 -39.51
C CYS K 108 -23.24 18.15 -40.14
N GLU K 109 -22.26 18.17 -41.03
CA GLU K 109 -21.88 19.41 -41.72
C GLU K 109 -23.05 19.95 -42.52
N GLN K 110 -23.74 19.08 -43.24
CA GLN K 110 -24.83 19.52 -44.11
C GLN K 110 -25.98 20.17 -43.36
N VAL K 111 -26.29 19.71 -42.14
CA VAL K 111 -27.38 20.30 -41.36
C VAL K 111 -26.85 21.26 -40.28
N HIS K 112 -25.57 21.61 -40.34
CA HIS K 112 -24.95 22.64 -39.49
C HIS K 112 -24.90 22.23 -38.03
N ASP K 113 -24.86 20.91 -37.73
CA ASP K 113 -24.65 20.45 -36.35
C ASP K 113 -23.15 20.36 -36.13
N TYR K 114 -22.54 21.52 -35.90
CA TYR K 114 -21.08 21.62 -35.84
C TYR K 114 -20.52 21.03 -34.55
N VAL K 115 -21.31 21.02 -33.47
CA VAL K 115 -20.86 20.42 -32.22
C VAL K 115 -20.83 18.91 -32.32
N SER K 116 -21.88 18.31 -32.92
CA SER K 116 -21.83 16.87 -33.16
C SER K 116 -20.67 16.52 -34.10
N ARG K 117 -20.42 17.33 -35.15
CA ARG K 117 -19.28 17.08 -36.02
C ARG K 117 -17.99 17.03 -35.23
N ASP K 118 -17.77 18.02 -34.35
CA ASP K 118 -16.53 18.08 -33.59
C ASP K 118 -16.36 16.86 -32.68
N LEU K 119 -17.44 16.43 -32.01
CA LEU K 119 -17.39 15.20 -31.22
C LEU K 119 -16.96 14.03 -32.06
N LEU K 120 -17.56 13.89 -33.25
CA LEU K 120 -17.23 12.76 -34.09
C LEU K 120 -15.82 12.85 -34.65
N LYS K 121 -15.35 14.08 -34.95
CA LYS K 121 -13.97 14.24 -35.37
C LYS K 121 -13.00 13.79 -34.29
N ASP K 122 -13.27 14.15 -33.03
CA ASP K 122 -12.44 13.68 -31.92
C ASP K 122 -12.44 12.17 -31.83
N ILE K 123 -13.61 11.55 -31.96
CA ILE K 123 -13.67 10.09 -31.93
C ILE K 123 -12.89 9.52 -33.10
N LEU K 124 -13.02 10.11 -34.29
CA LEU K 124 -12.30 9.62 -35.46
C LEU K 124 -10.79 9.70 -35.23
N GLU K 125 -10.32 10.79 -34.61
CA GLU K 125 -8.90 10.89 -34.31
C GLU K 125 -8.42 9.73 -33.43
N SER K 126 -9.21 9.40 -32.41
CA SER K 126 -8.89 8.27 -31.55
CA SER K 126 -8.89 8.26 -31.56
C SER K 126 -8.90 6.95 -32.33
N GLU K 127 -9.90 6.77 -33.19
CA GLU K 127 -9.97 5.52 -33.94
C GLU K 127 -8.81 5.39 -34.93
N GLU K 128 -8.37 6.51 -35.54
CA GLU K 128 -7.20 6.44 -36.41
C GLU K 128 -5.93 6.17 -35.61
N GLU K 129 -5.82 6.69 -34.39
CA GLU K 129 -4.69 6.28 -33.54
C GLU K 129 -4.77 4.79 -33.23
N HIS K 130 -5.98 4.24 -33.06
CA HIS K 130 -6.10 2.81 -32.80
C HIS K 130 -5.69 2.00 -34.02
N ILE K 131 -6.10 2.44 -35.22
CA ILE K 131 -5.67 1.80 -36.46
C ILE K 131 -4.15 1.82 -36.58
N ASP K 132 -3.54 2.96 -36.26
CA ASP K 132 -2.08 3.05 -36.27
C ASP K 132 -1.47 1.99 -35.35
N TYR K 133 -1.96 1.90 -34.12
CA TYR K 133 -1.46 0.89 -33.19
C TYR K 133 -1.60 -0.52 -33.77
N LEU K 134 -2.77 -0.83 -34.33
CA LEU K 134 -3.03 -2.20 -34.80
C LEU K 134 -2.17 -2.55 -36.01
N GLU K 135 -2.13 -1.66 -36.99
CA GLU K 135 -1.23 -1.86 -38.14
C GLU K 135 0.19 -2.05 -37.69
N THR K 136 0.61 -1.29 -36.66
CA THR K 136 1.97 -1.39 -36.19
C THR K 136 2.23 -2.75 -35.52
N GLN K 137 1.27 -3.24 -34.74
CA GLN K 137 1.49 -4.53 -34.08
C GLN K 137 1.56 -5.64 -35.11
N LEU K 138 0.69 -5.58 -36.12
CA LEU K 138 0.72 -6.61 -37.15
C LEU K 138 2.05 -6.55 -37.91
N GLY K 139 2.55 -5.34 -38.16
CA GLY K 139 3.84 -5.20 -38.80
C GLY K 139 4.98 -5.69 -37.93
N LEU K 140 4.92 -5.43 -36.62
CA LEU K 140 5.94 -5.94 -35.71
C LEU K 140 5.96 -7.47 -35.68
N ILE K 141 4.79 -8.10 -35.70
CA ILE K 141 4.77 -9.57 -35.75
C ILE K 141 5.56 -10.06 -36.96
N GLN K 142 5.40 -9.39 -38.10
CA GLN K 142 6.16 -9.77 -39.29
C GLN K 142 7.65 -9.49 -39.13
N LYS K 143 8.02 -8.35 -38.54
CA LYS K 143 9.43 -7.95 -38.48
C LYS K 143 10.25 -8.70 -37.43
N VAL K 144 9.67 -8.94 -36.25
CA VAL K 144 10.40 -9.58 -35.15
C VAL K 144 10.03 -11.05 -34.99
N GLY K 145 8.99 -11.50 -35.68
CA GLY K 145 8.45 -12.85 -35.55
C GLY K 145 7.43 -12.94 -34.44
N LEU K 146 6.47 -13.84 -34.62
CA LEU K 146 5.40 -13.99 -33.63
C LEU K 146 5.95 -14.41 -32.27
N GLU K 147 6.91 -15.33 -32.25
CA GLU K 147 7.40 -15.81 -30.96
C GLU K 147 8.04 -14.68 -30.15
N ASN K 148 8.90 -13.89 -30.80
CA ASN K 148 9.47 -12.73 -30.11
C ASN K 148 8.40 -11.71 -29.74
N TYR K 149 7.46 -11.46 -30.65
CA TYR K 149 6.42 -10.47 -30.37
C TYR K 149 5.63 -10.87 -29.13
N LEU K 150 5.21 -12.14 -29.06
CA LEU K 150 4.50 -12.60 -27.89
C LEU K 150 5.40 -12.55 -26.64
N GLN K 151 6.67 -12.94 -26.78
CA GLN K 151 7.59 -12.90 -25.66
C GLN K 151 7.63 -11.51 -25.03
N SER K 152 7.67 -10.48 -25.88
CA SER K 152 7.72 -9.10 -25.43
C SER K 152 6.43 -8.64 -24.78
N HIS K 153 5.35 -9.40 -24.89
CA HIS K 153 4.08 -9.01 -24.29
C HIS K 153 3.68 -9.91 -23.13
N MET K 154 4.64 -10.71 -22.62
CA MET K 154 4.37 -11.52 -21.45
C MET K 154 4.24 -10.67 -20.19
N HIS K 155 5.22 -9.82 -19.93
CA HIS K 155 5.29 -9.04 -18.69
C HIS K 155 4.89 -7.59 -18.93
N MET L 1 52.14 16.23 40.58
CA MET L 1 52.24 16.92 41.90
C MET L 1 52.40 15.85 42.98
N LYS L 2 53.54 15.81 43.68
CA LYS L 2 53.84 14.65 44.51
C LYS L 2 52.85 14.53 45.65
N GLY L 3 52.19 13.38 45.73
CA GLY L 3 51.24 13.15 46.78
C GLY L 3 51.88 12.58 48.04
N ASP L 4 51.06 12.55 49.09
CA ASP L 4 51.41 11.85 50.33
C ASP L 4 51.55 10.35 50.08
N LYS L 5 52.64 9.76 50.58
CA LYS L 5 52.90 8.35 50.32
C LYS L 5 51.78 7.46 50.84
N LYS L 6 51.32 7.72 52.07
CA LYS L 6 50.24 6.90 52.63
C LYS L 6 48.92 7.15 51.91
N VAL L 7 48.66 8.37 51.43
CA VAL L 7 47.46 8.54 50.60
C VAL L 7 47.54 7.62 49.39
N ILE L 8 48.69 7.60 48.73
CA ILE L 8 48.83 6.77 47.52
C ILE L 8 48.66 5.29 47.86
N GLN L 9 49.20 4.86 49.01
CA GLN L 9 48.99 3.47 49.45
C GLN L 9 47.51 3.18 49.64
N HIS L 10 46.78 4.10 50.30
CA HIS L 10 45.34 3.93 50.48
C HIS L 10 44.62 3.86 49.14
N LEU L 11 44.95 4.79 48.23
CA LEU L 11 44.33 4.79 46.91
C LEU L 11 44.59 3.49 46.19
N ASN L 12 45.81 2.95 46.30
CA ASN L 12 46.09 1.66 45.68
C ASN L 12 45.33 0.52 46.36
N LYS L 13 45.07 0.62 47.66
CA LYS L 13 44.27 -0.39 48.33
C LYS L 13 42.83 -0.36 47.82
N ILE L 14 42.25 0.84 47.70
CA ILE L 14 40.90 0.93 47.14
CA ILE L 14 40.91 0.96 47.13
C ILE L 14 40.88 0.45 45.70
N LEU L 15 41.88 0.82 44.90
CA LEU L 15 41.99 0.33 43.54
C LEU L 15 41.99 -1.18 43.53
N GLY L 16 42.76 -1.79 44.43
CA GLY L 16 42.79 -3.23 44.54
C GLY L 16 41.41 -3.82 44.77
N ASN L 17 40.62 -3.19 45.66
CA ASN L 17 39.27 -3.66 45.89
C ASN L 17 38.41 -3.53 44.63
N GLU L 18 38.53 -2.41 43.93
CA GLU L 18 37.74 -2.23 42.72
C GLU L 18 38.12 -3.28 41.68
N LEU L 19 39.41 -3.64 41.59
CA LEU L 19 39.82 -4.62 40.58
C LEU L 19 39.24 -6.00 40.87
N ILE L 20 39.16 -6.40 42.15
CA ILE L 20 38.46 -7.62 42.53
C ILE L 20 37.01 -7.53 42.09
N ALA L 21 36.35 -6.41 42.42
CA ALA L 21 34.93 -6.28 42.13
C ALA L 21 34.65 -6.33 40.63
N ILE L 22 35.52 -5.73 39.82
CA ILE L 22 35.31 -5.77 38.37
C ILE L 22 35.20 -7.21 37.89
N ASN L 23 36.15 -8.05 38.29
CA ASN L 23 36.15 -9.42 37.79
C ASN L 23 35.04 -10.23 38.42
N GLN L 24 34.84 -10.07 39.72
CA GLN L 24 33.78 -10.83 40.39
C GLN L 24 32.43 -10.50 39.77
N TYR L 25 32.15 -9.21 39.55
CA TYR L 25 30.86 -8.85 39.00
C TYR L 25 30.75 -9.29 37.55
N PHE L 26 31.86 -9.21 36.80
CA PHE L 26 31.77 -9.61 35.40
C PHE L 26 31.51 -11.10 35.28
N LEU L 27 32.19 -11.91 36.09
CA LEU L 27 31.95 -13.34 36.05
C LEU L 27 30.55 -13.69 36.52
N HIS L 28 30.08 -13.08 37.63
CA HIS L 28 28.72 -13.32 38.06
C HIS L 28 27.71 -12.98 36.97
N SER L 29 27.97 -11.90 36.24
CA SER L 29 27.08 -11.46 35.18
C SER L 29 26.94 -12.52 34.10
N ARG L 30 28.08 -13.05 33.67
CA ARG L 30 28.10 -14.04 32.61
C ARG L 30 27.57 -15.38 33.09
N MET L 31 27.75 -15.71 34.38
CA MET L 31 27.09 -16.88 34.94
C MET L 31 25.58 -16.75 34.86
N TRP L 32 25.05 -15.59 35.28
CA TRP L 32 23.62 -15.38 35.23
C TRP L 32 23.12 -15.42 33.79
N ASN L 33 23.86 -14.81 32.85
CA ASN L 33 23.44 -14.89 31.45
C ASN L 33 23.40 -16.33 30.96
N ASP L 34 24.39 -17.13 31.33
CA ASP L 34 24.46 -18.52 30.88
C ASP L 34 23.29 -19.32 31.43
N TRP L 35 22.78 -18.97 32.61
CA TRP L 35 21.61 -19.63 33.19
C TRP L 35 20.30 -19.09 32.67
N GLY L 36 20.30 -18.08 31.81
CA GLY L 36 19.06 -17.53 31.30
C GLY L 36 18.45 -16.49 32.21
N LEU L 37 19.20 -16.02 33.19
CA LEU L 37 18.71 -14.96 34.08
C LEU L 37 19.28 -13.64 33.61
N LYS L 38 18.77 -13.22 32.44
CA LYS L 38 19.37 -12.12 31.71
C LYS L 38 19.20 -10.79 32.41
N ARG L 39 18.15 -10.59 33.20
CA ARG L 39 18.02 -9.31 33.87
C ARG L 39 19.08 -9.16 34.95
N LEU L 40 19.35 -10.22 35.70
CA LEU L 40 20.44 -10.18 36.68
C LEU L 40 21.78 -10.02 35.98
N GLY L 41 21.96 -10.72 34.86
CA GLY L 41 23.21 -10.61 34.14
C GLY L 41 23.47 -9.20 33.63
N ALA L 42 22.45 -8.53 33.10
CA ALA L 42 22.63 -7.16 32.64
C ALA L 42 22.92 -6.22 33.80
N HIS L 43 22.19 -6.34 34.91
CA HIS L 43 22.42 -5.43 36.02
C HIS L 43 23.82 -5.61 36.59
N GLU L 44 24.27 -6.85 36.70
CA GLU L 44 25.60 -7.13 37.26
C GLU L 44 26.70 -6.69 36.30
N TYR L 45 26.46 -6.80 35.00
CA TYR L 45 27.37 -6.21 34.03
C TYR L 45 27.53 -4.72 34.27
N HIS L 46 26.42 -4.02 34.49
CA HIS L 46 26.54 -2.58 34.71
C HIS L 46 27.25 -2.27 36.03
N GLU L 47 27.12 -3.15 37.03
CA GLU L 47 27.90 -2.97 38.26
C GLU L 47 29.39 -3.12 37.99
N SER L 48 29.77 -4.09 37.14
CA SER L 48 31.17 -4.24 36.77
C SER L 48 31.69 -2.99 36.07
N ILE L 49 30.90 -2.44 35.13
CA ILE L 49 31.30 -1.23 34.42
C ILE L 49 31.45 -0.04 35.38
N ASP L 50 30.55 0.06 36.36
CA ASP L 50 30.65 1.15 37.34
C ASP L 50 31.95 1.07 38.13
N GLU L 51 32.34 -0.14 38.54
CA GLU L 51 33.61 -0.32 39.22
C GLU L 51 34.77 0.03 38.32
N MET L 52 34.67 -0.29 37.01
CA MET L 52 35.71 0.12 36.08
C MET L 52 35.89 1.63 36.06
N LYS L 53 34.77 2.36 36.09
CA LYS L 53 34.85 3.81 36.12
C LYS L 53 35.56 4.30 37.38
N HIS L 54 35.25 3.72 38.54
CA HIS L 54 35.93 4.14 39.77
C HIS L 54 37.42 3.82 39.69
N ALA L 55 37.75 2.61 39.22
CA ALA L 55 39.14 2.23 39.03
C ALA L 55 39.88 3.22 38.14
N ASP L 56 39.25 3.61 37.04
CA ASP L 56 39.84 4.60 36.15
C ASP L 56 40.18 5.88 36.90
N LYS L 57 39.23 6.40 37.68
CA LYS L 57 39.51 7.66 38.36
C LYS L 57 40.63 7.51 39.39
N LEU L 58 40.69 6.37 40.07
CA LEU L 58 41.76 6.14 41.04
C LEU L 58 43.11 6.06 40.35
N ILE L 59 43.17 5.34 39.22
CA ILE L 59 44.40 5.26 38.45
C ILE L 59 44.86 6.65 38.03
N GLU L 60 43.94 7.46 37.52
CA GLU L 60 44.28 8.82 37.08
C GLU L 60 44.80 9.65 38.26
N ARG L 61 44.15 9.52 39.41
CA ARG L 61 44.56 10.30 40.58
C ARG L 61 45.95 9.89 41.05
N ILE L 62 46.19 8.57 41.15
CA ILE L 62 47.49 8.06 41.59
C ILE L 62 48.59 8.57 40.67
N LEU L 63 48.36 8.52 39.35
CA LEU L 63 49.37 9.02 38.43
C LEU L 63 49.60 10.51 38.59
N PHE L 64 48.51 11.29 38.79
CA PHE L 64 48.68 12.72 39.01
C PHE L 64 49.55 12.98 40.23
N LEU L 65 49.37 12.18 41.26
CA LEU L 65 50.13 12.29 42.51
C LEU L 65 51.51 11.63 42.43
N GLU L 66 51.91 11.19 41.23
CA GLU L 66 53.24 10.66 40.93
C GLU L 66 53.49 9.34 41.67
N GLY L 67 52.42 8.56 41.89
CA GLY L 67 52.56 7.20 42.37
C GLY L 67 52.37 6.21 41.23
N LEU L 68 52.54 4.93 41.59
CA LEU L 68 52.45 3.83 40.64
C LEU L 68 51.16 3.07 40.87
N PRO L 69 50.19 3.13 39.97
CA PRO L 69 48.96 2.35 40.14
C PRO L 69 49.27 0.87 40.09
N ASN L 70 48.77 0.14 41.08
CA ASN L 70 49.01 -1.30 41.16
C ASN L 70 47.84 -2.06 40.53
N LEU L 71 48.05 -2.53 39.29
CA LEU L 71 47.08 -3.39 38.63
C LEU L 71 47.52 -4.85 38.59
N GLN L 72 48.62 -5.18 39.28
CA GLN L 72 49.24 -6.51 39.24
C GLN L 72 48.70 -7.42 40.33
N ASP L 73 48.48 -6.88 41.52
CA ASP L 73 48.12 -7.69 42.66
C ASP L 73 46.59 -7.78 42.71
N LEU L 74 46.07 -8.95 42.42
CA LEU L 74 44.63 -9.20 42.42
C LEU L 74 44.29 -10.07 43.62
N GLY L 75 43.46 -9.55 44.52
CA GLY L 75 43.05 -10.29 45.68
C GLY L 75 41.99 -11.33 45.37
N LYS L 76 41.41 -11.87 46.43
CA LYS L 76 40.55 -13.05 46.32
C LYS L 76 39.18 -12.68 45.76
N LEU L 77 38.80 -13.30 44.65
CA LEU L 77 37.45 -13.16 44.14
C LEU L 77 36.51 -14.02 44.96
N LEU L 78 35.36 -13.46 45.32
CA LEU L 78 34.34 -14.18 46.06
C LEU L 78 33.26 -14.60 45.06
N ILE L 79 33.40 -15.80 44.49
CA ILE L 79 32.50 -16.28 43.45
C ILE L 79 31.48 -17.19 44.09
N GLY L 80 30.21 -16.85 43.96
CA GLY L 80 29.16 -17.74 44.43
C GLY L 80 28.79 -18.73 43.35
N GLU L 81 28.03 -19.75 43.76
CA GLU L 81 27.64 -20.81 42.85
C GLU L 81 26.13 -20.89 42.63
N ASN L 82 25.37 -20.01 43.26
CA ASN L 82 23.93 -19.87 43.02
C ASN L 82 23.58 -18.42 43.31
N THR L 83 22.37 -18.01 42.88
CA THR L 83 22.00 -16.59 42.91
C THR L 83 22.14 -15.97 44.30
N GLN L 84 21.55 -16.60 45.34
CA GLN L 84 21.63 -16.00 46.67
C GLN L 84 23.08 -15.86 47.13
N GLU L 85 23.89 -16.90 46.93
CA GLU L 85 25.31 -16.86 47.30
C GLU L 85 26.07 -15.78 46.54
N MET L 86 25.79 -15.62 45.24
CA MET L 86 26.49 -14.63 44.46
C MET L 86 26.19 -13.22 44.96
N LEU L 87 24.92 -12.93 45.24
CA LEU L 87 24.56 -11.64 45.80
C LEU L 87 25.23 -11.43 47.16
N GLN L 88 25.23 -12.47 48.00
CA GLN L 88 25.87 -12.35 49.31
C GLN L 88 27.38 -12.14 49.18
N CYS L 89 28.03 -12.82 48.22
CA CYS L 89 29.45 -12.58 47.98
C CYS L 89 29.71 -11.14 47.56
N ASP L 90 28.88 -10.61 46.67
CA ASP L 90 28.99 -9.20 46.29
C ASP L 90 28.85 -8.30 47.51
N LEU L 91 27.85 -8.58 48.35
CA LEU L 91 27.63 -7.78 49.55
C LEU L 91 28.84 -7.84 50.48
N ASN L 92 29.34 -9.05 50.74
CA ASN L 92 30.51 -9.21 51.59
C ASN L 92 31.70 -8.41 51.06
N LEU L 93 31.90 -8.42 49.74
CA LEU L 93 32.98 -7.64 49.15
C LEU L 93 32.78 -6.15 49.37
N GLU L 94 31.54 -5.68 49.17
CA GLU L 94 31.25 -4.25 49.28
C GLU L 94 31.45 -3.75 50.70
N LEU L 95 31.10 -4.58 51.68
CA LEU L 95 31.27 -4.19 53.08
C LEU L 95 32.74 -4.02 53.42
N LYS L 96 33.59 -4.91 52.91
CA LYS L 96 35.03 -4.70 53.06
C LYS L 96 35.47 -3.43 52.34
N ALA L 97 34.96 -3.20 51.13
CA ALA L 97 35.34 -2.03 50.35
C ALA L 97 35.01 -0.73 51.09
N THR L 98 33.82 -0.65 51.70
CA THR L 98 33.44 0.60 52.37
C THR L 98 34.26 0.82 53.65
N LYS L 99 34.60 -0.25 54.38
CA LYS L 99 35.50 -0.06 55.51
C LYS L 99 36.82 0.56 55.06
N ASP L 100 37.39 0.07 53.96
CA ASP L 100 38.66 0.61 53.49
C ASP L 100 38.51 2.05 53.01
N LEU L 101 37.40 2.37 52.33
CA LEU L 101 37.15 3.74 51.90
C LEU L 101 37.13 4.69 53.09
N ARG L 102 36.47 4.30 54.18
CA ARG L 102 36.38 5.17 55.35
C ARG L 102 37.76 5.43 55.95
N GLU L 103 38.59 4.39 56.06
CA GLU L 103 39.93 4.58 56.62
C GLU L 103 40.77 5.46 55.71
N ALA L 104 40.61 5.33 54.39
CA ALA L 104 41.36 6.20 53.49
C ALA L 104 40.91 7.65 53.60
N ILE L 105 39.61 7.88 53.76
CA ILE L 105 39.12 9.25 53.89
C ILE L 105 39.68 9.90 55.16
N VAL L 106 39.70 9.16 56.26
CA VAL L 106 40.31 9.64 57.50
C VAL L 106 41.71 10.16 57.22
N HIS L 107 42.52 9.34 56.55
CA HIS L 107 43.90 9.77 56.33
C HIS L 107 43.99 10.94 55.37
N CYS L 108 43.18 10.96 54.31
CA CYS L 108 43.20 12.13 53.41
C CYS L 108 42.88 13.42 54.16
N GLU L 109 41.89 13.38 55.06
CA GLU L 109 41.55 14.55 55.85
C GLU L 109 42.73 14.99 56.70
N GLN L 110 43.41 14.03 57.33
CA GLN L 110 44.52 14.37 58.23
C GLN L 110 45.66 15.07 57.50
N VAL L 111 45.96 14.70 56.26
CA VAL L 111 47.05 15.32 55.53
C VAL L 111 46.56 16.39 54.55
N HIS L 112 45.28 16.77 54.65
CA HIS L 112 44.71 17.90 53.90
C HIS L 112 44.62 17.61 52.40
N ASP L 113 44.54 16.34 52.00
CA ASP L 113 44.32 16.00 50.58
C ASP L 113 42.82 15.94 50.34
N TYR L 114 42.24 17.12 50.21
CA TYR L 114 40.80 17.25 50.18
C TYR L 114 40.23 16.81 48.84
N VAL L 115 41.01 16.91 47.76
CA VAL L 115 40.53 16.42 46.48
C VAL L 115 40.48 14.89 46.45
N SER L 116 41.53 14.22 46.95
CA SER L 116 41.44 12.77 47.08
C SER L 116 40.30 12.37 47.98
N ARG L 117 40.07 13.10 49.08
CA ARG L 117 38.93 12.80 49.94
C ARG L 117 37.63 12.84 49.15
N ASP L 118 37.44 13.88 48.34
CA ASP L 118 36.19 14.04 47.60
C ASP L 118 35.98 12.89 46.61
N LEU L 119 37.05 12.48 45.92
CA LEU L 119 36.97 11.33 45.02
C LEU L 119 36.54 10.07 45.76
N LEU L 120 37.14 9.82 46.92
CA LEU L 120 36.81 8.64 47.70
C LEU L 120 35.39 8.72 48.24
N LYS L 121 34.94 9.92 48.61
CA LYS L 121 33.57 10.08 49.06
C LYS L 121 32.58 9.75 47.94
N ASP L 122 32.88 10.20 46.72
CA ASP L 122 32.03 9.87 45.58
C ASP L 122 31.96 8.37 45.36
N ILE L 123 33.11 7.69 45.44
CA ILE L 123 33.13 6.24 45.29
C ILE L 123 32.34 5.59 46.43
N LEU L 124 32.51 6.10 47.65
CA LEU L 124 31.77 5.53 48.79
C LEU L 124 30.27 5.67 48.59
N GLU L 125 29.81 6.78 48.01
CA GLU L 125 28.38 6.94 47.76
C GLU L 125 27.89 5.88 46.78
N SER L 126 28.68 5.63 45.72
CA SER L 126 28.32 4.59 44.76
CA SER L 126 28.32 4.59 44.77
C SER L 126 28.31 3.21 45.43
N GLU L 127 29.29 2.93 46.30
CA GLU L 127 29.33 1.62 46.91
C GLU L 127 28.19 1.43 47.90
N GLU L 128 27.81 2.48 48.64
CA GLU L 128 26.65 2.33 49.51
C GLU L 128 25.37 2.13 48.72
N GLU L 129 25.25 2.75 47.55
CA GLU L 129 24.12 2.48 46.68
C GLU L 129 24.11 1.03 46.23
N HIS L 130 25.29 0.48 45.95
CA HIS L 130 25.36 -0.94 45.59
C HIS L 130 24.95 -1.83 46.76
N ILE L 131 25.40 -1.51 47.97
CA ILE L 131 24.95 -2.26 49.15
C ILE L 131 23.44 -2.19 49.29
N ASP L 132 22.84 -1.01 49.06
CA ASP L 132 21.38 -0.89 49.10
C ASP L 132 20.75 -1.88 48.11
N TYR L 133 21.23 -1.87 46.86
CA TYR L 133 20.69 -2.78 45.86
C TYR L 133 20.80 -4.23 46.33
N LEU L 134 21.97 -4.61 46.82
CA LEU L 134 22.21 -6.01 47.18
C LEU L 134 21.36 -6.43 48.38
N GLU L 135 21.34 -5.62 49.44
CA GLU L 135 20.47 -5.91 50.57
C GLU L 135 19.01 -6.03 50.12
N THR L 136 18.59 -5.18 49.19
CA THR L 136 17.21 -5.24 48.71
C THR L 136 16.95 -6.53 47.96
N GLN L 137 17.90 -6.97 47.13
CA GLN L 137 17.69 -8.21 46.37
C GLN L 137 17.59 -9.39 47.32
N LEU L 138 18.49 -9.47 48.31
CA LEU L 138 18.42 -10.54 49.30
C LEU L 138 17.10 -10.50 50.05
N GLY L 139 16.64 -9.30 50.41
CA GLY L 139 15.33 -9.18 51.04
C GLY L 139 14.20 -9.66 50.13
N LEU L 140 14.26 -9.33 48.84
CA LEU L 140 13.19 -9.74 47.93
C LEU L 140 13.14 -11.26 47.78
N ILE L 141 14.30 -11.93 47.76
CA ILE L 141 14.28 -13.39 47.72
C ILE L 141 13.48 -13.93 48.89
N GLN L 142 13.65 -13.33 50.06
CA GLN L 142 12.88 -13.79 51.23
C GLN L 142 11.40 -13.48 51.10
N LYS L 143 11.04 -12.32 50.53
CA LYS L 143 9.65 -11.87 50.48
C LYS L 143 8.84 -12.54 49.38
N VAL L 144 9.42 -12.68 48.18
CA VAL L 144 8.67 -13.24 47.05
C VAL L 144 9.00 -14.69 46.80
N GLY L 145 9.99 -15.27 47.49
CA GLY L 145 10.42 -16.63 47.26
C GLY L 145 11.47 -16.71 46.17
N LEU L 146 12.36 -17.70 46.30
CA LEU L 146 13.48 -17.77 45.37
C LEU L 146 13.00 -18.02 43.94
N GLU L 147 12.04 -18.93 43.75
CA GLU L 147 11.59 -19.25 42.40
C GLU L 147 11.00 -18.03 41.69
N ASN L 148 10.13 -17.28 42.37
CA ASN L 148 9.59 -16.05 41.80
C ASN L 148 10.68 -15.04 41.56
N TYR L 149 11.60 -14.89 42.52
CA TYR L 149 12.68 -13.92 42.32
C TYR L 149 13.45 -14.23 41.05
N LEU L 150 13.83 -15.49 40.85
CA LEU L 150 14.55 -15.87 39.63
C LEU L 150 13.67 -15.67 38.40
N GLN L 151 12.40 -16.06 38.48
CA GLN L 151 11.49 -15.86 37.36
C GLN L 151 11.48 -14.41 36.89
N SER L 152 11.40 -13.48 37.84
CA SER L 152 11.35 -12.06 37.53
C SER L 152 12.65 -11.56 36.92
N HIS L 153 13.69 -12.38 36.90
CA HIS L 153 14.95 -11.94 36.34
C HIS L 153 15.33 -12.73 35.11
N MET L 154 14.39 -13.50 34.54
CA MET L 154 14.66 -14.20 33.29
C MET L 154 14.75 -13.23 32.13
N HIS L 155 13.82 -12.29 32.03
CA HIS L 155 13.71 -11.45 30.85
C HIS L 155 14.09 -10.01 31.17
N GLU L 156 14.69 -9.35 30.18
CA GLU L 156 15.04 -7.94 30.31
C GLU L 156 13.85 -7.06 29.94
K K M . 14.17 -13.47 -28.14
K K N . 4.85 -16.53 39.76
C02 KTV O . -14.94 51.01 -32.37
C04 KTV O . -16.94 50.84 -31.15
C05 KTV O . -16.69 52.35 -31.43
C06 KTV O . -15.50 52.43 -32.15
C07 KTV O . -15.01 53.69 -32.54
C09 KTV O . -13.06 54.90 -33.66
C10 KTV O . -11.92 54.48 -34.58
C11 KTV O . -10.82 53.78 -34.08
C12 KTV O . -9.80 53.41 -34.96
C14 KTV O . -9.88 53.74 -36.30
C15 KTV O . -10.97 54.44 -36.78
C16 KTV O . -11.99 54.80 -35.92
C17 KTV O . -15.72 54.85 -32.20
C18 KTV O . -16.90 54.76 -31.47
C19 KTV O . -17.41 53.51 -31.08
N03 KTV O . -15.85 50.10 -31.74
N08 KTV O . -13.77 53.70 -33.30
O01 KTV O . -13.95 50.62 -32.93
O13 KTV O . -8.68 52.70 -34.51
O20 KTV O . -17.83 50.37 -30.56
K K P . -38.37 20.18 0.53
C02 KTV Q . 2.46 -35.88 15.85
C02 KTV Q . 2.46 -35.88 15.85
C04 KTV Q . 3.73 -36.32 13.90
C04 KTV Q . 3.72 -36.33 13.91
C05 KTV Q . 4.32 -37.16 15.02
C05 KTV Q . 4.32 -37.16 15.03
C06 KTV Q . 3.58 -36.90 16.18
C06 KTV Q . 3.58 -36.90 16.18
C07 KTV Q . 3.92 -37.55 17.37
C07 KTV Q . 3.92 -37.54 17.38
C09 KTV Q . 3.44 -37.54 19.87
C09 KTV Q . 3.38 -37.61 19.88
C10 KTV Q . 2.26 -37.09 20.73
C10 KTV Q . 2.25 -37.06 20.74
C11 KTV Q . 2.11 -35.78 21.11
C11 KTV Q . 1.22 -37.85 21.20
C12 KTV Q . 1.02 -35.44 21.90
C12 KTV Q . 0.23 -37.26 21.97
C14 KTV Q . 0.11 -36.40 22.26
C14 KTV Q . 0.26 -35.93 22.26
C15 KTV Q . 0.27 -37.68 21.87
C15 KTV Q . 1.27 -35.15 21.81
C16 KTV Q . 1.34 -38.03 21.10
C16 KTV Q . 2.25 -35.72 21.04
C17 KTV Q . 4.99 -38.42 17.37
C17 KTV Q . 4.99 -38.42 17.38
C18 KTV Q . 5.71 -38.67 16.21
C18 KTV Q . 5.71 -38.66 16.22
C19 KTV Q . 5.37 -38.04 15.03
C19 KTV Q . 5.36 -38.04 15.04
N03 KTV Q . 2.61 -35.61 14.46
N03 KTV Q . 2.61 -35.61 14.46
N08 KTV Q . 3.11 -37.24 18.50
N08 KTV Q . 3.12 -37.23 18.52
O01 KTV Q . 1.63 -35.38 16.49
O01 KTV Q . 1.63 -35.38 16.49
O13 KTV Q . 0.79 -34.18 22.34
O13 KTV Q . -0.83 -38.00 22.45
O20 KTV Q . 4.07 -36.24 12.84
O20 KTV Q . 4.07 -36.26 12.85
C02 KTV R . -33.38 3.50 -25.00
C04 KTV R . -32.19 1.52 -25.40
C05 KTV R . -33.62 1.12 -25.02
C06 KTV R . -34.32 2.30 -24.76
C07 KTV R . -35.67 2.23 -24.39
C09 KTV R . -37.53 3.66 -23.38
C10 KTV R . -37.86 5.15 -23.45
C11 KTV R . -37.15 6.07 -22.66
C12 KTV R . -37.47 7.42 -22.74
C14 KTV R . -38.43 7.87 -23.62
C15 KTV R . -39.12 6.96 -24.42
C16 KTV R . -38.82 5.61 -24.34
C17 KTV R . -36.32 0.99 -24.26
C18 KTV R . -35.60 -0.19 -24.50
C19 KTV R . -34.25 -0.14 -24.88
N03 KTV R . -32.10 2.96 -25.38
N08 KTV R . -36.32 3.50 -24.16
O01 KTV R . -33.59 4.68 -24.87
O13 KTV R . -36.79 8.36 -21.95
O20 KTV R . -31.30 0.81 -25.66
#